data_3E50
#
_entry.id   3E50
#
_cell.length_a   262.172
_cell.length_b   262.172
_cell.length_c   90.522
_cell.angle_alpha   90.00
_cell.angle_beta   90.00
_cell.angle_gamma   120.00
#
_symmetry.space_group_name_H-M   'P 65'
#
loop_
_entity.id
_entity.type
_entity.pdbx_description
1 polymer 'Insulin-degrading enzyme'
2 polymer 'Protransforming growth factor alpha'
3 non-polymer 'ZINC ION'
4 water water
#
loop_
_entity_poly.entity_id
_entity_poly.type
_entity_poly.pdbx_seq_one_letter_code
_entity_poly.pdbx_strand_id
1 'polypeptide(L)'
;MHHHHHHAAGIPMNNPAIKRIGNHITKSPEDKREYRGLELANGIKVLLISDPTTDKSSAALDVHIGSLSDPPNIAGLSHF
CQHMLFLGTKKYPKENEYSQFLSEHAGSSNAFTSGEHTNYYFDVSHEHLEGALDRFAQFFLCPLFDESCKDREVNAVDSE
HEKNVMNDAWRLFQLEKATGNPKHPFSKFGTGNKYTLETRPNQEGIDVRQELLKFHSAYYSSNLMAVCVLGRESLDDLTN
LVVKLFSEVENKNVPLPEFPEHPFQEEHLKQLYKIVPIKDIRNLYVTFPIPDLQKYYKSNPGHYLGHLIGHEGPGSLLSE
LKSKGWVNTLVGGQKEGARGFMFFIINVDLTEEGLLHVEDIILHMFQYIQKLRAEGPQEWVFQECKDLNAVAFRFKDKER
PRGYTSKIAGILHYYPLEEVLTAEYLLEEFRPDLIEMVLDKLRPENVRVAIVSKSFEGKTDRTEEWYGTQYKQEAIPDEV
IKKWQNADLNGKFKLPTKNEFIPTNFEILPLEKEATPYPALIKDTAMSKLWFKQDDKFFLPKACLNFEFFSPFAYVDPLH
CNMAYLYLELLKDSLNEYAYAAELAGLSYDLQNTIYGMYLSVKGYNDKQPILLKKIIEKMATFEIDEKRFEIIKEAYMRS
LNNFRAEQPHQHAMYYLRLLMTEVAWTKDELKEALDDVTLPRLKAFIPQLLSRLHIEALLHGNITKQAALGIMQMVEDTL
IEHAHTKPLLPSQLVRYREVQLPDRGWFVYQQRNEVHNNCGIEIYYQTDMQSTSENMFLELFCQIISEPCFNTLRTKEQL
GYIVFSGPRRANGIQGLRFIIQSEKPPHYLESRVEAFLITMEKSIEDMTEEAFQKHIQALAIRRLDKPKKLSAECAKYWG
EIISQQYNFDRDNTEVAYLKTLTKEDIIKFYKEMLAVDAPRRHKVSVHVLAREMDSCPVVGEFPCQNDINLSQAPALPQP
EVIQNMTEFKRGLPLFPLVKPHINFMAAKL
;
A,B
2 'polypeptide(L)' VVSHFNDCPDSHTQFCFHGTCRFLVQEDKPACVCHSGYVGARCEHADLLA C,D
#
# COMPACT_ATOMS: atom_id res chain seq x y z
N ASN A 14 -39.44 -4.73 8.18
CA ASN A 14 -38.57 -5.26 9.27
C ASN A 14 -37.09 -4.91 9.05
N ASN A 15 -36.59 -5.14 7.83
CA ASN A 15 -35.29 -4.58 7.39
C ASN A 15 -35.59 -3.71 6.21
N PRO A 16 -35.49 -2.39 6.40
CA PRO A 16 -35.75 -1.43 5.31
C PRO A 16 -34.86 -1.61 4.07
N ALA A 17 -33.65 -2.12 4.27
CA ALA A 17 -32.67 -2.26 3.18
C ALA A 17 -32.92 -3.47 2.28
N ILE A 18 -33.76 -4.40 2.73
CA ILE A 18 -34.10 -5.60 1.99
C ILE A 18 -35.55 -5.55 1.51
N LYS A 19 -35.77 -5.53 0.21
CA LYS A 19 -37.11 -5.70 -0.32
C LYS A 19 -37.70 -7.12 -0.05
N ARG A 20 -36.95 -8.20 -0.25
CA ARG A 20 -37.48 -9.54 0.04
C ARG A 20 -36.37 -10.57 0.06
N ILE A 21 -36.63 -11.65 0.80
CA ILE A 21 -35.77 -12.81 0.88
C ILE A 21 -36.50 -13.86 0.07
N GLY A 22 -35.81 -14.55 -0.83
CA GLY A 22 -36.51 -15.52 -1.67
C GLY A 22 -36.90 -16.75 -0.84
N ASN A 23 -37.76 -17.62 -1.37
CA ASN A 23 -37.89 -18.94 -0.76
C ASN A 23 -36.62 -19.83 -0.99
N HIS A 24 -36.64 -21.06 -0.49
CA HIS A 24 -35.55 -22.02 -0.60
C HIS A 24 -34.97 -22.01 -2.04
N ILE A 25 -33.66 -21.91 -2.17
CA ILE A 25 -33.06 -21.97 -3.49
C ILE A 25 -32.87 -23.43 -3.86
N THR A 26 -33.55 -23.90 -4.91
CA THR A 26 -33.40 -25.30 -5.31
C THR A 26 -31.95 -25.66 -5.77
N LYS A 27 -31.35 -26.65 -5.12
CA LYS A 27 -29.96 -27.12 -5.39
C LYS A 27 -29.91 -28.65 -5.53
N SER A 28 -28.77 -29.16 -5.98
CA SER A 28 -28.60 -30.61 -6.09
C SER A 28 -28.52 -31.12 -4.66
N PRO A 29 -29.13 -32.29 -4.38
CA PRO A 29 -28.97 -32.90 -3.03
C PRO A 29 -27.52 -33.25 -2.69
N GLU A 30 -26.62 -33.20 -3.67
CA GLU A 30 -25.19 -33.48 -3.51
C GLU A 30 -24.43 -32.20 -3.16
N ASP A 31 -25.12 -31.07 -3.19
CA ASP A 31 -24.52 -29.75 -2.99
C ASP A 31 -24.66 -29.37 -1.51
N LYS A 32 -23.52 -29.34 -0.84
CA LYS A 32 -23.41 -29.00 0.55
C LYS A 32 -23.34 -27.50 0.81
N ARG A 33 -23.09 -26.70 -0.23
CA ARG A 33 -23.13 -25.24 -0.02
C ARG A 33 -24.57 -24.85 0.39
N GLU A 34 -24.71 -23.76 1.15
CA GLU A 34 -26.00 -23.18 1.46
C GLU A 34 -26.20 -21.86 0.76
N TYR A 35 -27.45 -21.57 0.43
CA TYR A 35 -27.82 -20.49 -0.48
C TYR A 35 -29.00 -19.68 0.09
N ARG A 36 -28.93 -18.39 -0.11
CA ARG A 36 -30.01 -17.47 0.18
C ARG A 36 -30.15 -16.45 -0.97
N GLY A 37 -31.36 -16.27 -1.53
CA GLY A 37 -31.56 -15.31 -2.59
C GLY A 37 -32.21 -14.10 -1.92
N LEU A 38 -31.96 -12.91 -2.44
CA LEU A 38 -32.73 -11.75 -1.95
C LEU A 38 -32.72 -10.63 -2.94
N GLU A 39 -33.60 -9.66 -2.73
CA GLU A 39 -33.55 -8.47 -3.52
C GLU A 39 -33.40 -7.34 -2.53
N LEU A 40 -32.46 -6.44 -2.78
CA LEU A 40 -32.28 -5.26 -1.91
C LEU A 40 -33.37 -4.19 -2.21
N ALA A 41 -33.52 -3.24 -1.30
CA ALA A 41 -34.52 -2.18 -1.46
C ALA A 41 -34.30 -1.41 -2.77
N ASN A 42 -33.04 -1.17 -3.13
CA ASN A 42 -32.66 -0.49 -4.38
C ASN A 42 -32.74 -1.37 -5.64
N GLY A 43 -33.19 -2.60 -5.49
CA GLY A 43 -33.43 -3.42 -6.71
C GLY A 43 -32.34 -4.44 -7.08
N ILE A 44 -31.23 -4.46 -6.33
CA ILE A 44 -30.13 -5.37 -6.68
C ILE A 44 -30.60 -6.77 -6.29
N LYS A 45 -30.48 -7.70 -7.24
CA LYS A 45 -30.75 -9.13 -7.01
C LYS A 45 -29.48 -9.75 -6.49
N VAL A 46 -29.61 -10.57 -5.45
CA VAL A 46 -28.47 -11.04 -4.71
C VAL A 46 -28.54 -12.58 -4.50
N LEU A 47 -27.42 -13.30 -4.72
CA LEU A 47 -27.31 -14.69 -4.20
C LEU A 47 -26.13 -14.76 -3.28
N LEU A 48 -26.37 -15.30 -2.09
CA LEU A 48 -25.36 -15.56 -1.10
C LEU A 48 -25.10 -17.07 -1.05
N ILE A 49 -23.82 -17.42 -1.10
CA ILE A 49 -23.40 -18.79 -1.09
C ILE A 49 -22.44 -18.97 0.10
N SER A 50 -22.87 -19.74 1.10
CA SER A 50 -22.02 -20.04 2.25
C SER A 50 -21.38 -21.39 2.04
N ASP A 51 -20.05 -21.41 2.04
CA ASP A 51 -19.26 -22.66 1.97
C ASP A 51 -18.17 -22.60 3.04
N PRO A 52 -18.45 -23.12 4.25
CA PRO A 52 -17.44 -23.09 5.33
C PRO A 52 -16.13 -23.83 5.03
N THR A 53 -16.08 -24.62 3.95
CA THR A 53 -14.86 -25.31 3.56
C THR A 53 -14.01 -24.49 2.56
N THR A 54 -14.55 -23.41 1.98
CA THR A 54 -13.89 -22.94 0.74
C THR A 54 -12.54 -22.32 1.14
N ASP A 55 -11.49 -22.48 0.32
CA ASP A 55 -10.18 -21.81 0.55
C ASP A 55 -10.18 -20.35 0.00
N LYS A 56 -10.86 -20.18 -1.14
CA LYS A 56 -10.99 -18.89 -1.76
C LYS A 56 -12.42 -18.49 -1.71
N SER A 57 -12.65 -17.27 -1.23
CA SER A 57 -13.96 -16.62 -1.38
C SER A 57 -14.06 -15.82 -2.70
N SER A 58 -15.27 -15.36 -3.04
CA SER A 58 -15.51 -14.78 -4.35
C SER A 58 -16.75 -13.91 -4.37
N ALA A 59 -16.77 -12.90 -5.24
CA ALA A 59 -18.00 -12.22 -5.52
C ALA A 59 -17.99 -11.79 -6.96
N ALA A 60 -19.18 -11.53 -7.48
CA ALA A 60 -19.24 -11.04 -8.86
C ALA A 60 -20.43 -10.09 -8.91
N LEU A 61 -20.39 -9.14 -9.83
CA LEU A 61 -21.55 -8.26 -10.03
C LEU A 61 -21.70 -8.15 -11.55
N ASP A 62 -22.92 -8.27 -12.00
CA ASP A 62 -23.24 -8.21 -13.42
C ASP A 62 -24.23 -7.06 -13.57
N VAL A 63 -23.83 -6.08 -14.35
CA VAL A 63 -24.72 -4.96 -14.72
C VAL A 63 -25.33 -5.32 -16.04
N HIS A 64 -26.64 -5.18 -16.13
CA HIS A 64 -27.37 -5.53 -17.32
C HIS A 64 -27.33 -4.43 -18.38
N ILE A 65 -26.13 -3.91 -18.68
CA ILE A 65 -25.91 -2.97 -19.79
C ILE A 65 -24.56 -3.39 -20.40
N GLY A 66 -24.42 -3.24 -21.69
CA GLY A 66 -23.22 -3.50 -22.40
C GLY A 66 -23.12 -2.70 -23.70
N SER A 67 -22.23 -3.14 -24.54
CA SER A 67 -21.98 -2.63 -25.85
C SER A 67 -23.09 -2.06 -26.72
N LEU A 68 -24.22 -2.73 -26.71
CA LEU A 68 -25.40 -2.35 -27.51
C LEU A 68 -25.94 -1.00 -27.06
N SER A 69 -25.62 -0.63 -25.81
CA SER A 69 -25.92 0.68 -25.25
C SER A 69 -24.80 1.69 -25.39
N ASP A 70 -23.74 1.41 -26.14
CA ASP A 70 -22.73 2.47 -26.30
C ASP A 70 -23.36 3.72 -27.06
N PRO A 71 -22.86 4.94 -26.80
CA PRO A 71 -23.29 6.04 -27.61
C PRO A 71 -22.84 5.76 -29.03
N PRO A 72 -23.70 6.09 -30.04
CA PRO A 72 -23.36 5.78 -31.44
C PRO A 72 -22.14 6.50 -31.86
N ASN A 73 -21.77 7.55 -31.14
CA ASN A 73 -20.61 8.29 -31.51
C ASN A 73 -19.32 7.96 -30.74
N ILE A 74 -19.40 7.07 -29.75
CA ILE A 74 -18.20 6.61 -29.00
C ILE A 74 -18.21 5.07 -28.86
N ALA A 75 -17.73 4.42 -29.91
CA ALA A 75 -17.83 2.99 -29.97
C ALA A 75 -16.76 2.35 -29.02
N GLY A 76 -17.24 1.43 -28.19
CA GLY A 76 -16.41 0.77 -27.17
C GLY A 76 -16.45 1.40 -25.82
N LEU A 77 -17.37 2.36 -25.62
CA LEU A 77 -17.30 3.09 -24.35
C LEU A 77 -17.53 2.22 -23.12
N SER A 78 -18.50 1.31 -23.18
CA SER A 78 -18.86 0.60 -21.98
C SER A 78 -17.76 -0.47 -21.63
N HIS A 79 -17.08 -0.98 -22.66
CA HIS A 79 -15.93 -1.79 -22.55
C HIS A 79 -14.72 -1.00 -21.98
N PHE A 80 -14.47 0.20 -22.51
CA PHE A 80 -13.48 1.10 -21.90
C PHE A 80 -13.81 1.39 -20.44
N CYS A 81 -15.07 1.66 -20.17
CA CYS A 81 -15.48 1.90 -18.81
C CYS A 81 -15.18 0.67 -17.89
N GLN A 82 -15.39 -0.53 -18.43
CA GLN A 82 -15.04 -1.74 -17.73
C GLN A 82 -13.55 -1.77 -17.31
N HIS A 83 -12.63 -1.40 -18.20
CA HIS A 83 -11.23 -1.28 -17.89
C HIS A 83 -10.97 -0.23 -16.78
N MET A 84 -11.67 0.90 -16.88
CA MET A 84 -11.39 2.07 -16.09
C MET A 84 -11.80 1.82 -14.65
N LEU A 85 -12.79 0.97 -14.42
CA LEU A 85 -13.28 0.81 -13.05
C LEU A 85 -12.28 0.26 -12.04
N PHE A 86 -11.30 -0.46 -12.57
CA PHE A 86 -10.27 -1.12 -11.78
C PHE A 86 -9.19 -0.13 -11.32
N LEU A 87 -9.18 1.05 -11.91
CA LEU A 87 -8.06 1.97 -11.86
C LEU A 87 -8.22 3.09 -10.84
N GLY A 88 -9.07 2.89 -9.85
CA GLY A 88 -9.19 3.73 -8.68
C GLY A 88 -10.59 4.29 -8.49
N THR A 89 -10.97 4.45 -7.23
CA THR A 89 -12.25 4.98 -6.82
C THR A 89 -11.97 6.02 -5.69
N LYS A 90 -12.99 6.75 -5.28
CA LYS A 90 -12.83 7.81 -4.29
C LYS A 90 -12.32 7.22 -2.94
N LYS A 91 -12.91 6.11 -2.47
CA LYS A 91 -12.51 5.50 -1.21
C LYS A 91 -11.10 4.88 -1.24
N TYR A 92 -10.71 4.40 -2.42
CA TYR A 92 -9.51 3.63 -2.66
C TYR A 92 -8.89 4.17 -3.93
N PRO A 93 -8.27 5.39 -3.88
CA PRO A 93 -7.85 6.15 -5.07
C PRO A 93 -6.61 5.65 -5.76
N LYS A 94 -5.79 4.88 -5.02
CA LYS A 94 -4.57 4.36 -5.63
C LYS A 94 -4.94 3.53 -6.88
N GLU A 95 -4.27 3.76 -8.01
CA GLU A 95 -4.67 3.16 -9.27
C GLU A 95 -4.71 1.59 -9.29
N ASN A 96 -3.75 0.96 -8.66
CA ASN A 96 -3.76 -0.49 -8.51
C ASN A 96 -4.04 -0.95 -7.08
N GLU A 97 -4.75 -0.15 -6.27
CA GLU A 97 -5.12 -0.65 -4.94
C GLU A 97 -5.89 -1.99 -4.96
N TYR A 98 -6.83 -2.08 -5.90
CA TYR A 98 -7.67 -3.25 -6.04
C TYR A 98 -6.83 -4.50 -6.41
N SER A 99 -6.08 -4.41 -7.51
CA SER A 99 -5.27 -5.54 -7.94
C SER A 99 -4.14 -5.88 -6.99
N GLN A 100 -3.51 -4.88 -6.36
CA GLN A 100 -2.48 -5.15 -5.36
C GLN A 100 -3.02 -5.91 -4.16
N PHE A 101 -4.15 -5.47 -3.65
CA PHE A 101 -4.77 -6.11 -2.51
C PHE A 101 -5.11 -7.58 -2.79
N LEU A 102 -5.63 -7.87 -4.00
CA LEU A 102 -6.01 -9.26 -4.39
C LEU A 102 -4.74 -10.11 -4.48
N SER A 103 -3.76 -9.61 -5.21
CA SER A 103 -2.50 -10.30 -5.35
C SER A 103 -1.82 -10.69 -3.99
N GLU A 104 -1.92 -9.78 -3.01
CA GLU A 104 -1.31 -9.94 -1.70
C GLU A 104 -2.14 -10.82 -0.81
N HIS A 105 -3.30 -11.24 -1.31
CA HIS A 105 -4.23 -12.07 -0.56
C HIS A 105 -4.76 -13.23 -1.40
N ALA A 106 -3.92 -13.69 -2.31
CA ALA A 106 -4.11 -14.92 -3.07
C ALA A 106 -5.37 -14.88 -3.99
N GLY A 107 -5.73 -13.69 -4.54
CA GLY A 107 -6.95 -13.50 -5.29
C GLY A 107 -6.60 -13.16 -6.71
N SER A 108 -7.62 -12.95 -7.55
CA SER A 108 -7.48 -12.65 -8.98
C SER A 108 -8.85 -12.07 -9.30
N SER A 109 -8.95 -11.41 -10.45
CA SER A 109 -10.13 -10.69 -10.83
C SER A 109 -10.12 -10.61 -12.33
N ASN A 110 -11.31 -10.55 -12.94
CA ASN A 110 -11.38 -10.20 -14.36
C ASN A 110 -12.75 -9.58 -14.61
N ALA A 111 -13.01 -9.19 -15.84
CA ALA A 111 -14.33 -8.66 -16.14
C ALA A 111 -14.56 -8.88 -17.59
N PHE A 112 -15.82 -8.85 -18.03
CA PHE A 112 -16.02 -8.86 -19.50
C PHE A 112 -17.20 -8.00 -19.84
N THR A 113 -17.23 -7.53 -21.10
CA THR A 113 -18.35 -6.72 -21.61
C THR A 113 -18.95 -7.47 -22.79
N SER A 114 -20.24 -7.81 -22.73
CA SER A 114 -20.94 -8.34 -23.94
C SER A 114 -21.97 -7.27 -24.36
N GLY A 115 -22.90 -7.62 -25.24
CA GLY A 115 -23.81 -6.65 -25.85
C GLY A 115 -24.72 -6.09 -24.78
N GLU A 116 -25.04 -6.86 -23.75
CA GLU A 116 -26.04 -6.49 -22.74
C GLU A 116 -25.59 -6.61 -21.32
N HIS A 117 -24.33 -6.98 -21.08
CA HIS A 117 -23.86 -7.21 -19.70
C HIS A 117 -22.46 -6.73 -19.53
N THR A 118 -22.18 -6.22 -18.35
CA THR A 118 -20.82 -6.00 -17.97
C THR A 118 -20.63 -6.74 -16.64
N ASN A 119 -19.73 -7.71 -16.64
CA ASN A 119 -19.67 -8.67 -15.53
C ASN A 119 -18.26 -8.62 -14.91
N TYR A 120 -18.19 -8.48 -13.60
CA TYR A 120 -16.93 -8.16 -12.92
C TYR A 120 -16.85 -9.17 -11.79
N TYR A 121 -15.69 -9.78 -11.53
CA TYR A 121 -15.69 -10.87 -10.56
C TYR A 121 -14.30 -10.95 -9.98
N PHE A 122 -14.20 -11.53 -8.78
CA PHE A 122 -12.88 -11.73 -8.19
C PHE A 122 -12.95 -12.96 -7.29
N ASP A 123 -11.81 -13.58 -7.05
CA ASP A 123 -11.73 -14.40 -5.85
C ASP A 123 -10.61 -13.87 -4.91
N VAL A 124 -10.53 -14.42 -3.69
CA VAL A 124 -9.56 -13.96 -2.70
C VAL A 124 -9.46 -15.00 -1.62
N SER A 125 -8.34 -15.02 -0.90
CA SER A 125 -8.25 -15.82 0.36
C SER A 125 -9.48 -15.62 1.19
N HIS A 126 -9.99 -16.69 1.81
CA HIS A 126 -11.30 -16.64 2.46
C HIS A 126 -11.37 -15.67 3.65
N GLU A 127 -10.23 -15.36 4.25
CA GLU A 127 -10.25 -14.46 5.39
C GLU A 127 -10.27 -13.00 4.98
N HIS A 128 -10.06 -12.68 3.70
CA HIS A 128 -10.05 -11.32 3.25
C HIS A 128 -11.20 -10.95 2.32
N LEU A 129 -12.32 -11.64 2.45
CA LEU A 129 -13.50 -11.39 1.61
C LEU A 129 -13.98 -9.92 1.74
N GLU A 130 -14.25 -9.47 2.96
CA GLU A 130 -14.77 -8.13 3.21
C GLU A 130 -13.88 -7.03 2.63
N GLY A 131 -12.55 -7.18 2.81
CA GLY A 131 -11.58 -6.25 2.32
C GLY A 131 -11.62 -6.19 0.81
N ALA A 132 -11.73 -7.35 0.16
CA ALA A 132 -11.79 -7.42 -1.31
C ALA A 132 -13.10 -6.84 -1.84
N LEU A 133 -14.20 -7.24 -1.20
CA LEU A 133 -15.54 -6.79 -1.55
C LEU A 133 -15.77 -5.27 -1.30
N ASP A 134 -15.15 -4.73 -0.26
CA ASP A 134 -15.28 -3.30 0.02
C ASP A 134 -14.69 -2.48 -1.13
N ARG A 135 -13.47 -2.83 -1.54
CA ARG A 135 -12.84 -2.24 -2.69
C ARG A 135 -13.60 -2.44 -4.01
N PHE A 136 -14.11 -3.65 -4.23
CA PHE A 136 -14.86 -4.01 -5.43
C PHE A 136 -16.12 -3.12 -5.47
N ALA A 137 -16.81 -3.01 -4.33
CA ALA A 137 -18.10 -2.36 -4.29
C ALA A 137 -17.96 -0.90 -4.79
N GLN A 138 -16.79 -0.31 -4.56
CA GLN A 138 -16.61 1.08 -4.89
C GLN A 138 -16.61 1.29 -6.38
N PHE A 139 -16.38 0.24 -7.17
CA PHE A 139 -16.39 0.35 -8.65
C PHE A 139 -17.79 0.87 -9.07
N PHE A 140 -18.80 0.43 -8.34
CA PHE A 140 -20.23 0.71 -8.60
C PHE A 140 -20.81 1.98 -7.93
N LEU A 141 -19.93 2.73 -7.26
CA LEU A 141 -20.28 3.85 -6.42
C LEU A 141 -19.55 5.11 -6.85
N CYS A 142 -18.22 5.10 -6.94
CA CYS A 142 -17.48 6.32 -7.13
C CYS A 142 -16.16 6.11 -7.86
N PRO A 143 -16.18 5.58 -9.09
CA PRO A 143 -14.92 5.49 -9.81
C PRO A 143 -14.30 6.89 -10.08
N LEU A 144 -12.99 6.98 -10.19
CA LEU A 144 -12.32 8.26 -10.40
C LEU A 144 -12.30 8.63 -11.85
N PHE A 145 -12.11 7.62 -12.73
CA PHE A 145 -11.89 7.84 -14.16
C PHE A 145 -10.81 8.89 -14.31
N ASP A 146 -9.69 8.66 -13.62
CA ASP A 146 -8.57 9.57 -13.57
C ASP A 146 -8.15 9.82 -14.99
N GLU A 147 -7.79 11.07 -15.25
CA GLU A 147 -7.48 11.56 -16.54
C GLU A 147 -6.22 10.90 -17.09
N SER A 148 -5.22 10.73 -16.23
CA SER A 148 -3.95 10.18 -16.67
C SER A 148 -4.05 8.64 -16.93
N CYS A 149 -4.78 7.92 -16.08
CA CYS A 149 -4.95 6.57 -16.48
C CYS A 149 -5.93 6.31 -17.57
N LYS A 150 -6.88 7.23 -17.78
CA LYS A 150 -7.68 7.16 -19.02
C LYS A 150 -6.81 7.22 -20.27
N ASP A 151 -5.89 8.18 -20.33
CA ASP A 151 -4.93 8.31 -21.44
C ASP A 151 -3.99 7.07 -21.66
N ARG A 152 -3.55 6.46 -20.55
CA ARG A 152 -2.79 5.23 -20.64
C ARG A 152 -3.65 4.03 -21.06
N GLU A 153 -4.76 3.80 -20.38
CA GLU A 153 -5.50 2.56 -20.51
C GLU A 153 -6.17 2.42 -21.86
N VAL A 154 -6.33 3.52 -22.60
CA VAL A 154 -6.90 3.42 -23.94
C VAL A 154 -5.98 2.57 -24.84
N ASN A 155 -4.69 2.56 -24.50
CA ASN A 155 -3.69 1.76 -25.27
C ASN A 155 -3.89 0.27 -25.03
N ALA A 156 -4.27 -0.10 -23.80
CA ALA A 156 -4.60 -1.50 -23.51
C ALA A 156 -5.78 -1.93 -24.38
N VAL A 157 -6.85 -1.13 -24.40
CA VAL A 157 -8.05 -1.45 -25.24
C VAL A 157 -7.66 -1.45 -26.74
N ASP A 158 -6.88 -0.48 -27.16
CA ASP A 158 -6.42 -0.52 -28.54
C ASP A 158 -5.64 -1.81 -28.88
N SER A 159 -4.76 -2.16 -27.95
CA SER A 159 -3.99 -3.35 -28.07
C SER A 159 -4.91 -4.62 -27.95
N GLU A 160 -5.98 -4.65 -27.09
CA GLU A 160 -6.97 -5.80 -27.16
C GLU A 160 -7.50 -5.88 -28.62
N HIS A 161 -7.88 -4.76 -29.26
CA HIS A 161 -8.49 -4.87 -30.56
C HIS A 161 -7.49 -5.35 -31.61
N GLU A 162 -6.29 -4.83 -31.52
CA GLU A 162 -5.24 -5.13 -32.46
C GLU A 162 -4.99 -6.63 -32.52
N LYS A 163 -4.95 -7.30 -31.37
CA LYS A 163 -4.72 -8.76 -31.38
C LYS A 163 -5.85 -9.55 -32.12
N ASN A 164 -7.11 -9.08 -31.98
CA ASN A 164 -8.31 -9.61 -32.69
C ASN A 164 -8.42 -9.33 -34.19
N VAL A 165 -7.72 -8.34 -34.72
CA VAL A 165 -7.93 -7.83 -36.09
C VAL A 165 -7.77 -8.91 -37.21
N MET A 166 -6.72 -9.70 -37.07
CA MET A 166 -6.34 -10.76 -38.01
C MET A 166 -6.86 -12.11 -37.55
N ASN A 167 -7.82 -12.12 -36.63
CA ASN A 167 -8.42 -13.37 -36.11
C ASN A 167 -9.74 -13.65 -36.86
N ASP A 168 -9.83 -14.81 -37.52
CA ASP A 168 -10.98 -15.12 -38.35
C ASP A 168 -12.31 -15.09 -37.61
N ALA A 169 -12.35 -15.55 -36.37
CA ALA A 169 -13.62 -15.61 -35.63
C ALA A 169 -14.10 -14.18 -35.28
N TRP A 170 -13.20 -13.29 -34.91
CA TRP A 170 -13.62 -11.91 -34.57
C TRP A 170 -14.06 -11.17 -35.83
N ARG A 171 -13.42 -11.45 -36.97
CA ARG A 171 -13.71 -10.77 -38.25
C ARG A 171 -15.10 -11.19 -38.69
N LEU A 172 -15.40 -12.47 -38.55
CA LEU A 172 -16.74 -13.00 -38.87
C LEU A 172 -17.86 -12.52 -37.93
N PHE A 173 -17.59 -12.54 -36.63
CA PHE A 173 -18.52 -11.94 -35.64
C PHE A 173 -18.88 -10.47 -36.05
N GLN A 174 -17.88 -9.66 -36.40
CA GLN A 174 -18.14 -8.30 -36.76
C GLN A 174 -18.78 -8.16 -38.15
N LEU A 175 -18.34 -8.95 -39.13
CA LEU A 175 -18.95 -8.93 -40.45
C LEU A 175 -20.47 -9.25 -40.38
N GLU A 176 -20.88 -10.24 -39.64
CA GLU A 176 -22.31 -10.46 -39.44
C GLU A 176 -23.05 -9.19 -39.06
N LYS A 177 -22.52 -8.46 -38.09
CA LYS A 177 -23.14 -7.25 -37.56
C LYS A 177 -23.17 -6.15 -38.63
N ALA A 178 -22.13 -6.09 -39.47
CA ALA A 178 -22.04 -5.09 -40.55
C ALA A 178 -23.02 -5.36 -41.70
N THR A 179 -23.60 -6.56 -41.77
CA THR A 179 -24.47 -6.98 -42.89
C THR A 179 -25.94 -7.05 -42.51
N GLY A 180 -26.26 -6.78 -41.25
CA GLY A 180 -27.67 -6.61 -40.81
C GLY A 180 -28.06 -5.13 -40.93
N ASN A 181 -29.21 -4.75 -40.40
CA ASN A 181 -29.70 -3.38 -40.45
C ASN A 181 -28.70 -2.44 -39.77
N PRO A 182 -28.06 -1.54 -40.56
CA PRO A 182 -27.05 -0.59 -40.06
C PRO A 182 -27.58 0.37 -39.00
N LYS A 183 -28.89 0.45 -38.84
CA LYS A 183 -29.55 1.31 -37.83
C LYS A 183 -29.74 0.56 -36.51
N HIS A 184 -29.62 -0.77 -36.54
CA HIS A 184 -29.84 -1.58 -35.32
C HIS A 184 -28.63 -1.44 -34.40
N PRO A 185 -28.86 -1.33 -33.08
CA PRO A 185 -27.67 -1.43 -32.19
C PRO A 185 -26.74 -2.67 -32.39
N PHE A 186 -27.30 -3.80 -32.87
CA PHE A 186 -26.52 -4.97 -33.29
C PHE A 186 -25.35 -4.61 -34.17
N SER A 187 -25.41 -3.54 -34.97
CA SER A 187 -24.28 -3.24 -35.88
C SER A 187 -23.07 -2.60 -35.16
N LYS A 188 -23.20 -2.32 -33.89
CA LYS A 188 -22.14 -1.57 -33.17
C LYS A 188 -20.84 -2.33 -33.04
N PHE A 189 -19.75 -1.60 -33.07
CA PHE A 189 -18.45 -2.13 -32.74
C PHE A 189 -18.22 -2.05 -31.22
N GLY A 190 -18.32 -3.19 -30.52
CA GLY A 190 -18.19 -3.25 -29.05
C GLY A 190 -16.82 -3.02 -28.49
N THR A 191 -15.77 -3.37 -29.20
CA THR A 191 -14.46 -3.37 -28.57
C THR A 191 -13.96 -1.94 -28.37
N GLY A 192 -14.06 -1.12 -29.43
CA GLY A 192 -13.44 0.18 -29.39
C GLY A 192 -11.96 0.00 -29.68
N ASN A 193 -11.30 1.12 -29.95
CA ASN A 193 -9.84 1.19 -30.12
C ASN A 193 -9.38 2.61 -29.76
N LYS A 194 -8.10 2.93 -29.93
CA LYS A 194 -7.59 4.30 -29.67
C LYS A 194 -8.30 5.34 -30.58
N TYR A 195 -8.54 5.00 -31.84
CA TYR A 195 -9.27 5.85 -32.73
C TYR A 195 -10.66 6.20 -32.19
N THR A 196 -11.46 5.17 -31.80
CA THR A 196 -12.87 5.38 -31.37
C THR A 196 -12.97 6.02 -29.98
N LEU A 197 -11.86 5.94 -29.25
CA LEU A 197 -11.93 6.16 -27.85
C LEU A 197 -11.11 7.38 -27.44
N GLU A 198 -10.19 7.77 -28.29
CA GLU A 198 -9.42 8.96 -27.99
C GLU A 198 -9.28 9.93 -29.19
N THR A 199 -8.76 9.46 -30.31
CA THR A 199 -8.48 10.31 -31.45
C THR A 199 -9.77 11.04 -31.93
N ARG A 200 -10.75 10.28 -32.40
CA ARG A 200 -12.03 10.84 -32.86
C ARG A 200 -12.76 11.63 -31.75
N PRO A 201 -12.85 11.10 -30.50
CA PRO A 201 -13.44 12.01 -29.50
C PRO A 201 -12.71 13.36 -29.32
N ASN A 202 -11.38 13.38 -29.45
CA ASN A 202 -10.62 14.63 -29.31
C ASN A 202 -10.97 15.58 -30.46
N GLN A 203 -11.00 15.03 -31.69
CA GLN A 203 -11.39 15.76 -32.88
C GLN A 203 -12.79 16.38 -32.76
N GLU A 204 -13.67 15.72 -32.00
CA GLU A 204 -15.06 16.10 -31.92
C GLU A 204 -15.31 16.82 -30.60
N GLY A 205 -14.25 17.29 -29.98
CA GLY A 205 -14.37 18.05 -28.73
C GLY A 205 -14.96 17.38 -27.50
N ILE A 206 -15.04 16.04 -27.52
CA ILE A 206 -15.60 15.26 -26.42
C ILE A 206 -14.61 15.15 -25.25
N ASP A 207 -15.11 15.30 -24.03
CA ASP A 207 -14.35 15.05 -22.82
C ASP A 207 -14.71 13.60 -22.38
N VAL A 208 -13.84 12.66 -22.72
CA VAL A 208 -14.08 11.23 -22.45
C VAL A 208 -14.25 10.92 -20.94
N ARG A 209 -13.44 11.52 -20.10
CA ARG A 209 -13.72 11.44 -18.69
C ARG A 209 -15.17 11.80 -18.30
N GLN A 210 -15.73 12.89 -18.81
CA GLN A 210 -17.16 13.20 -18.55
C GLN A 210 -18.11 12.13 -19.13
N GLU A 211 -17.81 11.61 -20.31
CA GLU A 211 -18.64 10.54 -20.96
C GLU A 211 -18.70 9.23 -20.14
N LEU A 212 -17.53 8.80 -19.65
CA LEU A 212 -17.43 7.68 -18.70
C LEU A 212 -18.26 7.99 -17.48
N LEU A 213 -18.12 9.21 -16.94
CA LEU A 213 -18.89 9.56 -15.73
C LEU A 213 -20.40 9.61 -16.01
N LYS A 214 -20.78 10.18 -17.15
CA LYS A 214 -22.20 10.20 -17.58
C LYS A 214 -22.77 8.79 -17.83
N PHE A 215 -22.01 7.95 -18.53
CA PHE A 215 -22.49 6.58 -18.83
C PHE A 215 -22.63 5.75 -17.52
N HIS A 216 -21.67 5.90 -16.63
CA HIS A 216 -21.70 5.21 -15.35
C HIS A 216 -22.88 5.70 -14.55
N SER A 217 -23.00 7.03 -14.45
CA SER A 217 -24.16 7.66 -13.76
C SER A 217 -25.50 7.24 -14.37
N ALA A 218 -25.59 7.25 -15.70
CA ALA A 218 -26.86 6.92 -16.42
C ALA A 218 -27.28 5.43 -16.24
N TYR A 219 -26.33 4.52 -16.52
CA TYR A 219 -26.62 3.05 -16.53
C TYR A 219 -26.17 2.16 -15.38
N TYR A 220 -25.13 2.53 -14.68
CA TYR A 220 -24.77 1.80 -13.47
C TYR A 220 -25.78 2.07 -12.35
N SER A 221 -27.01 1.60 -12.60
CA SER A 221 -28.13 1.79 -11.66
C SER A 221 -28.36 0.47 -10.93
N SER A 222 -28.61 0.52 -9.65
CA SER A 222 -28.88 -0.68 -8.86
C SER A 222 -30.01 -1.55 -9.43
N ASN A 223 -30.99 -0.95 -10.12
CA ASN A 223 -32.13 -1.78 -10.63
C ASN A 223 -31.68 -2.78 -11.76
N LEU A 224 -30.53 -2.50 -12.39
CA LEU A 224 -29.93 -3.35 -13.42
C LEU A 224 -28.77 -4.21 -12.92
N MET A 225 -28.63 -4.39 -11.62
CA MET A 225 -27.48 -5.12 -11.09
C MET A 225 -27.89 -6.35 -10.35
N ALA A 226 -27.02 -7.35 -10.44
CA ALA A 226 -27.17 -8.58 -9.72
C ALA A 226 -25.77 -8.89 -9.13
N VAL A 227 -25.75 -9.36 -7.89
CA VAL A 227 -24.54 -9.56 -7.11
C VAL A 227 -24.60 -10.98 -6.53
N CYS A 228 -23.44 -11.62 -6.57
CA CYS A 228 -23.33 -12.91 -5.98
C CYS A 228 -22.09 -12.98 -5.09
N VAL A 229 -22.26 -13.50 -3.86
CA VAL A 229 -21.13 -13.56 -2.94
C VAL A 229 -20.98 -14.94 -2.35
N LEU A 230 -19.76 -15.48 -2.37
CA LEU A 230 -19.52 -16.84 -1.87
C LEU A 230 -18.46 -16.71 -0.81
N GLY A 231 -18.71 -17.22 0.40
CA GLY A 231 -17.79 -17.00 1.52
C GLY A 231 -17.91 -18.11 2.53
N ARG A 232 -17.03 -18.12 3.54
CA ARG A 232 -17.13 -19.12 4.64
C ARG A 232 -18.17 -18.67 5.62
N GLU A 233 -18.44 -17.37 5.65
CA GLU A 233 -19.44 -16.77 6.57
C GLU A 233 -20.82 -17.41 6.44
N SER A 234 -21.55 -17.39 7.56
CA SER A 234 -22.94 -17.79 7.60
C SER A 234 -23.76 -17.00 6.60
N LEU A 235 -24.88 -17.54 6.14
CA LEU A 235 -25.82 -16.76 5.30
C LEU A 235 -26.28 -15.42 5.90
N ASP A 236 -26.58 -15.37 7.22
CA ASP A 236 -26.80 -14.06 7.92
C ASP A 236 -25.63 -13.10 7.90
N ASP A 237 -24.42 -13.62 8.14
CA ASP A 237 -23.28 -12.75 7.99
C ASP A 237 -23.05 -12.29 6.51
N LEU A 238 -23.22 -13.18 5.53
CA LEU A 238 -23.09 -12.72 4.15
C LEU A 238 -24.18 -11.68 3.85
N THR A 239 -25.38 -11.91 4.38
CA THR A 239 -26.50 -10.98 4.19
C THR A 239 -26.21 -9.57 4.72
N ASN A 240 -25.71 -9.47 5.95
CA ASN A 240 -25.34 -8.18 6.52
C ASN A 240 -24.24 -7.49 5.74
N LEU A 241 -23.28 -8.28 5.26
CA LEU A 241 -22.18 -7.76 4.45
C LEU A 241 -22.64 -7.10 3.18
N VAL A 242 -23.50 -7.80 2.45
CA VAL A 242 -23.93 -7.30 1.15
C VAL A 242 -24.85 -6.07 1.34
N VAL A 243 -25.72 -6.11 2.34
CA VAL A 243 -26.50 -4.90 2.76
C VAL A 243 -25.54 -3.71 3.12
N LYS A 244 -24.63 -3.92 4.06
CA LYS A 244 -23.60 -2.93 4.41
C LYS A 244 -23.01 -2.32 3.11
N LEU A 245 -22.69 -3.11 2.09
CA LEU A 245 -21.87 -2.51 1.00
C LEU A 245 -22.59 -2.10 -0.25
N PHE A 246 -23.77 -2.66 -0.49
CA PHE A 246 -24.39 -2.45 -1.77
C PHE A 246 -25.69 -1.66 -1.71
N SER A 247 -26.24 -1.47 -0.50
CA SER A 247 -27.52 -0.76 -0.48
C SER A 247 -27.35 0.74 -0.70
N GLU A 248 -26.12 1.26 -0.67
CA GLU A 248 -25.84 2.64 -1.11
C GLU A 248 -25.79 2.87 -2.62
N VAL A 249 -25.74 1.80 -3.43
CA VAL A 249 -25.83 1.98 -4.87
C VAL A 249 -27.17 2.62 -5.19
N GLU A 250 -27.14 3.67 -5.98
CA GLU A 250 -28.35 4.41 -6.24
C GLU A 250 -29.23 3.82 -7.36
N ASN A 251 -30.53 3.74 -7.08
CA ASN A 251 -31.54 3.35 -8.08
C ASN A 251 -31.94 4.53 -8.95
N LYS A 252 -31.55 4.52 -10.22
CA LYS A 252 -32.07 5.48 -11.17
C LYS A 252 -33.27 4.95 -11.97
N ASN A 253 -33.80 3.78 -11.61
CA ASN A 253 -34.90 3.15 -12.36
C ASN A 253 -34.79 3.08 -13.85
N VAL A 254 -33.65 2.63 -14.37
CA VAL A 254 -33.38 2.64 -15.79
C VAL A 254 -34.14 1.51 -16.46
N PRO A 255 -34.86 1.83 -17.56
CA PRO A 255 -35.59 0.76 -18.24
C PRO A 255 -34.54 -0.19 -18.88
N LEU A 256 -34.81 -1.48 -18.86
CA LEU A 256 -33.94 -2.45 -19.42
C LEU A 256 -33.96 -2.32 -20.93
N PRO A 257 -32.80 -2.08 -21.58
CA PRO A 257 -32.87 -2.01 -23.07
C PRO A 257 -33.45 -3.27 -23.73
N GLU A 258 -34.14 -3.09 -24.84
CA GLU A 258 -34.86 -4.18 -25.48
C GLU A 258 -34.77 -4.03 -26.97
N PHE A 259 -34.70 -5.15 -27.69
CA PHE A 259 -34.47 -5.08 -29.14
C PHE A 259 -35.44 -6.00 -29.88
N PRO A 260 -36.78 -5.70 -29.82
CA PRO A 260 -37.82 -6.55 -30.42
C PRO A 260 -37.71 -6.68 -31.95
N GLU A 261 -37.10 -5.68 -32.60
CA GLU A 261 -36.94 -5.75 -34.05
C GLU A 261 -35.64 -6.45 -34.43
N HIS A 262 -35.77 -7.49 -35.24
CA HIS A 262 -34.63 -8.31 -35.62
C HIS A 262 -33.69 -7.48 -36.48
N PRO A 263 -32.34 -7.56 -36.24
CA PRO A 263 -31.41 -6.85 -37.12
C PRO A 263 -31.45 -7.32 -38.54
N PHE A 264 -32.00 -8.49 -38.77
CA PHE A 264 -32.10 -9.07 -40.13
C PHE A 264 -33.54 -8.96 -40.59
N GLN A 265 -33.79 -7.95 -41.40
CA GLN A 265 -35.12 -7.78 -41.91
C GLN A 265 -35.14 -8.39 -43.31
N GLU A 266 -36.25 -8.21 -43.99
CA GLU A 266 -36.50 -8.77 -45.29
C GLU A 266 -35.33 -8.67 -46.24
N GLU A 267 -34.77 -7.49 -46.41
CA GLU A 267 -33.70 -7.31 -47.39
C GLU A 267 -32.37 -7.94 -47.00
N HIS A 268 -32.29 -8.49 -45.78
CA HIS A 268 -31.07 -9.11 -45.32
C HIS A 268 -31.24 -10.61 -45.39
N LEU A 269 -32.40 -11.06 -45.86
CA LEU A 269 -32.67 -12.50 -45.94
C LEU A 269 -32.50 -12.91 -47.39
N LYS A 270 -32.32 -14.22 -47.63
CA LYS A 270 -31.88 -14.78 -48.94
C LYS A 270 -30.60 -14.12 -49.49
N GLN A 271 -29.64 -13.87 -48.60
CA GLN A 271 -28.39 -13.30 -49.05
C GLN A 271 -27.25 -14.31 -48.90
N LEU A 272 -26.27 -14.18 -49.82
CA LEU A 272 -25.07 -14.98 -49.85
C LEU A 272 -23.84 -14.10 -49.66
N TYR A 273 -22.91 -14.53 -48.78
CA TYR A 273 -21.67 -13.77 -48.59
C TYR A 273 -20.51 -14.68 -48.89
N LYS A 274 -19.50 -14.11 -49.55
CA LYS A 274 -18.33 -14.80 -49.98
C LYS A 274 -17.23 -14.04 -49.36
N ILE A 275 -16.50 -14.70 -48.48
CA ILE A 275 -15.60 -14.00 -47.57
C ILE A 275 -14.24 -14.60 -47.68
N VAL A 276 -13.21 -13.76 -47.70
CA VAL A 276 -11.81 -14.21 -47.73
C VAL A 276 -11.23 -14.28 -46.28
N PRO A 277 -10.84 -15.48 -45.83
CA PRO A 277 -10.33 -15.67 -44.46
C PRO A 277 -8.84 -15.30 -44.37
N ILE A 278 -8.30 -15.21 -43.15
CA ILE A 278 -6.85 -15.04 -42.96
C ILE A 278 -6.17 -16.39 -43.04
N LYS A 279 -6.67 -17.37 -42.30
CA LYS A 279 -6.17 -18.70 -42.31
C LYS A 279 -6.73 -19.34 -43.55
N ASP A 280 -6.05 -20.39 -44.02
CA ASP A 280 -6.58 -21.20 -45.11
C ASP A 280 -7.59 -22.15 -44.54
N ILE A 281 -8.84 -21.67 -44.45
CA ILE A 281 -9.98 -22.42 -43.91
C ILE A 281 -11.12 -22.31 -44.93
N ARG A 282 -12.04 -23.27 -44.85
CA ARG A 282 -13.21 -23.32 -45.75
C ARG A 282 -14.38 -23.67 -44.91
N ASN A 283 -15.31 -22.73 -44.75
CA ASN A 283 -16.49 -22.99 -43.93
C ASN A 283 -17.74 -22.49 -44.58
N LEU A 284 -18.87 -23.09 -44.21
CA LEU A 284 -20.20 -22.58 -44.56
C LEU A 284 -21.02 -22.29 -43.30
N TYR A 285 -21.65 -21.11 -43.28
CA TYR A 285 -22.41 -20.59 -42.13
C TYR A 285 -23.80 -20.36 -42.67
N VAL A 286 -24.75 -21.09 -42.13
CA VAL A 286 -26.15 -20.95 -42.47
C VAL A 286 -26.89 -20.42 -41.25
N THR A 287 -27.60 -19.30 -41.44
CA THR A 287 -28.30 -18.57 -40.37
C THR A 287 -29.77 -18.25 -40.72
N PHE A 288 -30.63 -18.49 -39.75
CA PHE A 288 -32.02 -18.11 -39.76
C PHE A 288 -32.27 -17.21 -38.54
N PRO A 289 -32.90 -16.04 -38.74
CA PRO A 289 -33.33 -15.25 -37.59
C PRO A 289 -34.53 -15.88 -36.95
N ILE A 290 -34.57 -15.81 -35.63
CA ILE A 290 -35.67 -16.36 -34.91
C ILE A 290 -36.09 -15.36 -33.81
N PRO A 291 -37.30 -15.52 -33.27
CA PRO A 291 -37.61 -14.79 -32.06
C PRO A 291 -36.73 -15.18 -30.86
N ASP A 292 -36.83 -14.38 -29.82
CA ASP A 292 -36.13 -14.60 -28.62
C ASP A 292 -36.88 -15.73 -27.91
N LEU A 293 -36.20 -16.84 -27.67
CA LEU A 293 -36.80 -18.01 -27.06
C LEU A 293 -36.44 -18.12 -25.59
N GLN A 294 -35.60 -17.24 -25.11
CA GLN A 294 -35.28 -17.19 -23.68
C GLN A 294 -36.44 -17.41 -22.74
N LYS A 295 -37.57 -16.73 -22.92
CA LYS A 295 -38.72 -16.98 -22.01
C LYS A 295 -39.24 -18.44 -22.01
N TYR A 296 -38.88 -19.23 -23.03
CA TYR A 296 -39.31 -20.65 -23.09
C TYR A 296 -38.38 -21.65 -22.43
N TYR A 297 -37.54 -21.21 -21.46
CA TYR A 297 -36.55 -22.09 -20.86
C TYR A 297 -37.03 -23.37 -20.18
N LYS A 298 -38.29 -23.45 -19.78
CA LYS A 298 -38.80 -24.68 -19.16
C LYS A 298 -39.10 -25.77 -20.18
N SER A 299 -39.19 -25.36 -21.44
CA SER A 299 -39.39 -26.32 -22.51
C SER A 299 -38.18 -26.35 -23.45
N ASN A 300 -37.58 -25.16 -23.70
CA ASN A 300 -36.42 -25.02 -24.54
C ASN A 300 -36.52 -25.65 -25.93
N PRO A 301 -37.46 -25.12 -26.77
CA PRO A 301 -37.68 -25.67 -28.10
C PRO A 301 -36.44 -25.58 -28.98
N GLY A 302 -35.63 -24.55 -28.83
CA GLY A 302 -34.44 -24.41 -29.72
C GLY A 302 -33.34 -25.44 -29.38
N HIS A 303 -33.20 -25.83 -28.10
CA HIS A 303 -32.27 -26.90 -27.70
C HIS A 303 -32.66 -28.32 -28.28
N TYR A 304 -33.93 -28.64 -28.19
CA TYR A 304 -34.54 -29.81 -28.77
C TYR A 304 -34.18 -29.88 -30.27
N LEU A 305 -34.35 -28.77 -30.98
CA LEU A 305 -34.02 -28.75 -32.39
C LEU A 305 -32.51 -28.74 -32.66
N GLY A 306 -31.73 -28.10 -31.79
CA GLY A 306 -30.30 -28.14 -31.87
C GLY A 306 -29.76 -29.55 -31.65
N HIS A 307 -30.24 -30.22 -30.62
CA HIS A 307 -29.92 -31.64 -30.41
C HIS A 307 -30.14 -32.48 -31.65
N LEU A 308 -31.30 -32.36 -32.29
CA LEU A 308 -31.63 -33.13 -33.52
C LEU A 308 -30.79 -32.71 -34.72
N ILE A 309 -30.86 -31.43 -35.04
CA ILE A 309 -30.14 -30.98 -36.22
C ILE A 309 -28.62 -31.08 -36.08
N GLY A 310 -28.08 -30.78 -34.87
CA GLY A 310 -26.63 -30.93 -34.61
C GLY A 310 -26.17 -32.38 -34.27
N HIS A 311 -27.07 -33.38 -34.35
CA HIS A 311 -26.70 -34.74 -33.97
C HIS A 311 -25.62 -35.26 -34.87
N GLU A 312 -24.88 -36.24 -34.36
CA GLU A 312 -23.73 -36.77 -35.12
C GLU A 312 -23.76 -38.31 -35.18
N GLY A 313 -24.82 -38.91 -34.65
CA GLY A 313 -24.99 -40.35 -34.64
C GLY A 313 -25.50 -40.87 -35.98
N PRO A 314 -25.79 -42.19 -36.06
CA PRO A 314 -26.29 -42.74 -37.33
C PRO A 314 -27.59 -42.07 -37.74
N GLY A 315 -27.82 -41.89 -39.03
CA GLY A 315 -29.04 -41.23 -39.45
C GLY A 315 -28.98 -39.72 -39.51
N SER A 316 -27.89 -39.10 -39.00
CA SER A 316 -27.84 -37.64 -38.82
C SER A 316 -27.54 -36.91 -40.11
N LEU A 317 -27.92 -35.63 -40.15
CA LEU A 317 -27.48 -34.69 -41.16
C LEU A 317 -25.96 -34.85 -41.43
N LEU A 318 -25.13 -34.67 -40.41
CA LEU A 318 -23.69 -34.78 -40.55
C LEU A 318 -23.20 -36.12 -41.07
N SER A 319 -23.74 -37.26 -40.62
CA SER A 319 -23.34 -38.57 -41.22
C SER A 319 -23.40 -38.60 -42.72
N GLU A 320 -24.52 -38.13 -43.30
CA GLU A 320 -24.67 -38.04 -44.75
C GLU A 320 -23.72 -37.08 -45.43
N LEU A 321 -23.44 -35.94 -44.82
CA LEU A 321 -22.58 -34.91 -45.45
C LEU A 321 -21.12 -35.36 -45.40
N LYS A 322 -20.81 -36.15 -44.39
CA LYS A 322 -19.47 -36.67 -44.24
C LYS A 322 -19.25 -37.88 -45.16
N SER A 323 -20.25 -38.76 -45.29
CA SER A 323 -20.20 -39.89 -46.27
C SER A 323 -20.03 -39.43 -47.70
N LYS A 324 -20.67 -38.32 -48.06
CA LYS A 324 -20.54 -37.73 -49.37
C LYS A 324 -19.18 -37.09 -49.54
N GLY A 325 -18.41 -37.01 -48.45
CA GLY A 325 -17.11 -36.38 -48.46
C GLY A 325 -17.18 -34.89 -48.62
N TRP A 326 -18.31 -34.30 -48.22
CA TRP A 326 -18.47 -32.86 -48.29
C TRP A 326 -18.08 -32.04 -47.03
N VAL A 327 -18.26 -32.60 -45.84
CA VAL A 327 -18.01 -31.87 -44.61
C VAL A 327 -17.39 -32.81 -43.59
N ASN A 328 -16.63 -32.27 -42.63
CA ASN A 328 -16.13 -33.09 -41.54
C ASN A 328 -16.79 -32.83 -40.18
N THR A 329 -17.20 -31.61 -39.90
CA THR A 329 -17.84 -31.34 -38.64
C THR A 329 -19.05 -30.40 -38.87
N LEU A 330 -19.97 -30.40 -37.91
CA LEU A 330 -21.17 -29.62 -37.99
C LEU A 330 -21.53 -29.10 -36.58
N VAL A 331 -21.83 -27.81 -36.48
CA VAL A 331 -22.50 -27.20 -35.32
C VAL A 331 -23.91 -26.73 -35.72
N GLY A 332 -24.92 -27.03 -34.92
CA GLY A 332 -26.26 -26.47 -35.15
C GLY A 332 -26.97 -26.20 -33.85
N GLY A 333 -27.83 -25.20 -33.88
CA GLY A 333 -28.80 -25.01 -32.84
C GLY A 333 -28.99 -23.54 -32.64
N GLN A 334 -29.50 -23.18 -31.47
CA GLN A 334 -29.75 -21.77 -31.24
C GLN A 334 -28.53 -21.01 -30.73
N LYS A 335 -28.54 -19.70 -31.00
CA LYS A 335 -27.46 -18.80 -30.74
C LYS A 335 -28.12 -17.51 -30.18
N GLU A 336 -27.58 -16.98 -29.09
CA GLU A 336 -28.03 -15.72 -28.47
C GLU A 336 -27.93 -14.54 -29.42
N GLY A 337 -28.86 -13.58 -29.27
CA GLY A 337 -28.70 -12.31 -29.93
C GLY A 337 -28.77 -11.28 -28.81
N ALA A 338 -29.97 -10.79 -28.46
CA ALA A 338 -30.14 -9.91 -27.30
C ALA A 338 -31.60 -10.05 -26.92
N ARG A 339 -32.02 -9.40 -25.84
CA ARG A 339 -33.46 -9.33 -25.47
C ARG A 339 -34.24 -8.89 -26.70
N GLY A 340 -35.04 -9.78 -27.27
CA GLY A 340 -35.88 -9.50 -28.43
C GLY A 340 -35.50 -10.22 -29.73
N PHE A 341 -34.29 -10.76 -29.86
CA PHE A 341 -33.89 -11.51 -31.08
C PHE A 341 -32.86 -12.64 -30.82
N MET A 342 -32.89 -13.70 -31.63
CA MET A 342 -31.93 -14.81 -31.55
C MET A 342 -31.64 -15.30 -32.94
N PHE A 343 -30.80 -16.34 -33.07
CA PHE A 343 -30.46 -16.86 -34.39
C PHE A 343 -30.53 -18.38 -34.26
N PHE A 344 -30.75 -19.04 -35.37
CA PHE A 344 -30.59 -20.50 -35.44
C PHE A 344 -29.54 -20.76 -36.53
N ILE A 345 -28.52 -21.55 -36.19
CA ILE A 345 -27.40 -21.71 -37.14
C ILE A 345 -27.20 -23.19 -37.47
N ILE A 346 -26.56 -23.43 -38.62
CA ILE A 346 -26.02 -24.74 -39.02
C ILE A 346 -24.70 -24.44 -39.73
N ASN A 347 -23.57 -24.74 -39.10
CA ASN A 347 -22.29 -24.35 -39.67
C ASN A 347 -21.52 -25.60 -39.87
N VAL A 348 -20.76 -25.68 -40.97
CA VAL A 348 -20.02 -26.92 -41.30
C VAL A 348 -18.72 -26.46 -41.86
N ASP A 349 -17.71 -27.28 -41.73
CA ASP A 349 -16.45 -26.99 -42.47
C ASP A 349 -16.62 -27.67 -43.83
N LEU A 350 -15.76 -27.36 -44.79
CA LEU A 350 -15.93 -27.85 -46.15
C LEU A 350 -14.69 -28.57 -46.62
N THR A 351 -14.87 -29.75 -47.21
CA THR A 351 -13.76 -30.36 -47.92
C THR A 351 -13.61 -29.56 -49.22
N GLU A 352 -12.55 -29.83 -49.97
CA GLU A 352 -12.41 -29.24 -51.31
C GLU A 352 -13.63 -29.60 -52.20
N GLU A 353 -14.17 -30.82 -52.08
CA GLU A 353 -15.36 -31.22 -52.84
C GLU A 353 -16.55 -30.48 -52.31
N GLY A 354 -16.66 -30.43 -50.98
CA GLY A 354 -17.77 -29.73 -50.32
C GLY A 354 -17.87 -28.29 -50.71
N LEU A 355 -16.72 -27.70 -50.96
CA LEU A 355 -16.72 -26.30 -51.42
C LEU A 355 -17.47 -26.10 -52.76
N LEU A 356 -17.41 -27.13 -53.61
CA LEU A 356 -18.02 -27.07 -54.94
C LEU A 356 -19.47 -27.58 -54.91
N HIS A 357 -19.97 -27.93 -53.72
CA HIS A 357 -21.26 -28.54 -53.55
C HIS A 357 -22.11 -27.90 -52.43
N VAL A 358 -21.87 -26.60 -52.23
CA VAL A 358 -22.55 -25.80 -51.21
C VAL A 358 -24.09 -25.78 -51.39
N GLU A 359 -24.54 -25.68 -52.63
CA GLU A 359 -25.98 -25.75 -52.91
C GLU A 359 -26.60 -27.07 -52.46
N ASP A 360 -25.89 -28.18 -52.70
CA ASP A 360 -26.35 -29.51 -52.34
C ASP A 360 -26.29 -29.74 -50.83
N ILE A 361 -25.24 -29.19 -50.19
CA ILE A 361 -25.10 -29.29 -48.75
C ILE A 361 -26.35 -28.70 -48.10
N ILE A 362 -26.75 -27.51 -48.56
CA ILE A 362 -27.87 -26.74 -47.98
C ILE A 362 -29.19 -27.45 -48.27
N LEU A 363 -29.33 -28.04 -49.46
CA LEU A 363 -30.53 -28.89 -49.76
C LEU A 363 -30.64 -30.06 -48.78
N HIS A 364 -29.55 -30.78 -48.55
CA HIS A 364 -29.54 -31.81 -47.49
C HIS A 364 -29.97 -31.29 -46.11
N MET A 365 -29.47 -30.10 -45.74
CA MET A 365 -29.91 -29.40 -44.51
C MET A 365 -31.40 -29.30 -44.52
N PHE A 366 -31.96 -28.80 -45.63
CA PHE A 366 -33.46 -28.64 -45.76
C PHE A 366 -34.22 -29.95 -45.81
N GLN A 367 -33.60 -31.00 -46.35
CA GLN A 367 -34.26 -32.30 -46.32
C GLN A 367 -34.30 -32.85 -44.89
N TYR A 368 -33.21 -32.65 -44.14
CA TYR A 368 -33.19 -33.09 -42.77
C TYR A 368 -34.29 -32.33 -41.98
N ILE A 369 -34.36 -31.00 -42.16
CA ILE A 369 -35.39 -30.17 -41.52
C ILE A 369 -36.82 -30.65 -41.91
N GLN A 370 -37.07 -30.82 -43.22
CA GLN A 370 -38.28 -31.48 -43.68
C GLN A 370 -38.62 -32.82 -42.99
N LYS A 371 -37.63 -33.65 -42.74
CA LYS A 371 -37.82 -34.90 -42.00
C LYS A 371 -38.30 -34.63 -40.60
N LEU A 372 -37.77 -33.57 -39.96
CA LEU A 372 -38.26 -33.24 -38.62
C LEU A 372 -39.73 -32.82 -38.68
N ARG A 373 -40.11 -32.04 -39.67
CA ARG A 373 -41.55 -31.66 -39.86
C ARG A 373 -42.43 -32.90 -40.07
N ALA A 374 -41.96 -33.84 -40.88
CA ALA A 374 -42.72 -35.05 -41.23
C ALA A 374 -42.98 -35.96 -40.05
N GLU A 375 -41.98 -36.13 -39.18
CA GLU A 375 -42.11 -37.03 -38.03
C GLU A 375 -42.86 -36.40 -36.89
N GLY A 376 -42.83 -35.07 -36.80
CA GLY A 376 -43.47 -34.32 -35.70
C GLY A 376 -42.59 -34.40 -34.46
N PRO A 377 -42.87 -33.54 -33.45
CA PRO A 377 -42.20 -33.49 -32.14
C PRO A 377 -42.30 -34.82 -31.40
N GLN A 378 -41.21 -35.23 -30.77
CA GLN A 378 -41.11 -36.58 -30.21
C GLN A 378 -40.95 -36.42 -28.72
N GLU A 379 -41.99 -36.77 -27.99
CA GLU A 379 -41.88 -36.66 -26.58
C GLU A 379 -40.71 -37.50 -25.99
N TRP A 380 -40.43 -38.67 -26.56
CA TRP A 380 -39.36 -39.53 -26.01
C TRP A 380 -37.96 -38.80 -26.12
N VAL A 381 -37.77 -37.97 -27.17
CA VAL A 381 -36.56 -37.13 -27.34
C VAL A 381 -36.48 -36.07 -26.24
N PHE A 382 -37.56 -35.31 -26.06
CA PHE A 382 -37.69 -34.40 -24.94
C PHE A 382 -37.37 -35.08 -23.62
N GLN A 383 -38.01 -36.22 -23.41
CA GLN A 383 -37.80 -37.00 -22.17
C GLN A 383 -36.33 -37.40 -21.92
N GLU A 384 -35.61 -37.78 -22.99
CA GLU A 384 -34.16 -38.04 -22.92
C GLU A 384 -33.33 -36.80 -22.54
N CYS A 385 -33.54 -35.71 -23.24
CA CYS A 385 -33.00 -34.41 -22.83
C CYS A 385 -33.22 -34.07 -21.36
N LYS A 386 -34.47 -34.16 -20.91
CA LYS A 386 -34.84 -33.90 -19.56
C LYS A 386 -34.11 -34.83 -18.58
N ASP A 387 -34.14 -36.15 -18.87
CA ASP A 387 -33.46 -37.15 -18.03
C ASP A 387 -31.96 -36.88 -17.88
N LEU A 388 -31.28 -36.67 -19.01
CA LEU A 388 -29.85 -36.27 -19.02
C LEU A 388 -29.53 -34.97 -18.26
N ASN A 389 -30.34 -33.93 -18.42
CA ASN A 389 -30.21 -32.68 -17.66
C ASN A 389 -30.40 -32.86 -16.16
N ALA A 390 -31.33 -33.72 -15.75
CA ALA A 390 -31.59 -33.98 -14.34
C ALA A 390 -30.39 -34.74 -13.68
N VAL A 391 -29.82 -35.67 -14.41
CA VAL A 391 -28.62 -36.39 -13.96
C VAL A 391 -27.39 -35.45 -13.93
N ALA A 392 -27.20 -34.65 -14.96
CA ALA A 392 -26.11 -33.68 -15.05
C ALA A 392 -26.23 -32.72 -13.87
N PHE A 393 -27.47 -32.25 -13.59
CA PHE A 393 -27.66 -31.33 -12.49
C PHE A 393 -27.37 -31.98 -11.10
N ARG A 394 -27.94 -33.14 -10.86
CA ARG A 394 -27.75 -33.81 -9.59
C ARG A 394 -26.25 -34.05 -9.31
N PHE A 395 -25.50 -34.49 -10.33
CA PHE A 395 -24.12 -34.92 -10.13
C PHE A 395 -23.09 -33.95 -10.65
N LYS A 396 -23.50 -32.71 -10.88
CA LYS A 396 -22.60 -31.65 -11.36
C LYS A 396 -21.38 -31.55 -10.44
N ASP A 397 -20.18 -31.37 -11.00
CA ASP A 397 -18.95 -31.10 -10.22
C ASP A 397 -19.08 -29.76 -9.51
N LYS A 398 -18.66 -29.72 -8.27
CA LYS A 398 -18.47 -28.46 -7.58
C LYS A 398 -17.54 -27.54 -8.39
N GLU A 399 -18.05 -26.34 -8.69
CA GLU A 399 -17.36 -25.29 -9.43
C GLU A 399 -16.36 -24.51 -8.58
N ARG A 400 -15.34 -23.99 -9.24
CA ARG A 400 -14.46 -22.99 -8.60
C ARG A 400 -15.31 -21.75 -8.38
N PRO A 401 -15.16 -21.13 -7.21
CA PRO A 401 -15.94 -19.97 -6.79
C PRO A 401 -15.98 -18.79 -7.78
N ARG A 402 -14.85 -18.39 -8.32
CA ARG A 402 -14.79 -17.24 -9.22
C ARG A 402 -15.69 -17.37 -10.49
N GLY A 403 -15.63 -18.53 -11.17
CA GLY A 403 -16.50 -18.77 -12.35
C GLY A 403 -17.95 -19.00 -11.89
N TYR A 404 -18.15 -19.60 -10.73
CA TYR A 404 -19.49 -19.85 -10.30
C TYR A 404 -20.24 -18.54 -10.00
N THR A 405 -19.62 -17.59 -9.26
CA THR A 405 -20.29 -16.37 -8.90
C THR A 405 -20.55 -15.51 -10.14
N SER A 406 -19.57 -15.47 -11.02
CA SER A 406 -19.69 -14.72 -12.27
C SER A 406 -20.89 -15.23 -13.11
N LYS A 407 -21.01 -16.56 -13.22
CA LYS A 407 -22.02 -17.15 -14.07
C LYS A 407 -23.40 -16.91 -13.41
N ILE A 408 -23.52 -17.12 -12.08
CA ILE A 408 -24.83 -16.91 -11.44
C ILE A 408 -25.29 -15.42 -11.47
N ALA A 409 -24.34 -14.48 -11.28
CA ALA A 409 -24.65 -13.06 -11.46
C ALA A 409 -25.29 -12.71 -12.82
N GLY A 410 -24.85 -13.36 -13.90
CA GLY A 410 -25.44 -13.12 -15.21
C GLY A 410 -26.84 -13.69 -15.26
N ILE A 411 -27.02 -14.89 -14.74
CA ILE A 411 -28.33 -15.48 -14.85
C ILE A 411 -29.40 -15.03 -13.80
N LEU A 412 -29.00 -14.37 -12.72
CA LEU A 412 -29.98 -13.79 -11.77
C LEU A 412 -30.92 -12.79 -12.49
N HIS A 413 -30.48 -12.24 -13.60
CA HIS A 413 -31.28 -11.34 -14.42
C HIS A 413 -32.36 -12.10 -15.24
N TYR A 414 -32.31 -13.45 -15.28
CA TYR A 414 -33.22 -14.16 -16.20
C TYR A 414 -34.23 -15.07 -15.54
N TYR A 415 -33.97 -15.46 -14.29
CA TYR A 415 -34.68 -16.50 -13.60
C TYR A 415 -35.08 -16.02 -12.23
N PRO A 416 -36.26 -16.50 -11.73
CA PRO A 416 -36.57 -16.26 -10.31
C PRO A 416 -35.43 -16.75 -9.40
N LEU A 417 -35.26 -16.05 -8.29
CA LEU A 417 -34.21 -16.37 -7.35
C LEU A 417 -34.13 -17.88 -7.07
N GLU A 418 -35.32 -18.45 -6.81
CA GLU A 418 -35.44 -19.84 -6.38
C GLU A 418 -34.95 -20.86 -7.44
N GLU A 419 -34.95 -20.44 -8.70
CA GLU A 419 -34.60 -21.24 -9.89
C GLU A 419 -33.21 -21.00 -10.44
N VAL A 420 -32.42 -20.13 -9.81
CA VAL A 420 -31.15 -19.79 -10.48
C VAL A 420 -30.19 -20.89 -10.65
N LEU A 421 -30.22 -21.91 -9.80
CA LEU A 421 -29.26 -22.97 -9.94
C LEU A 421 -29.78 -23.96 -10.93
N THR A 422 -31.09 -24.22 -10.93
CA THR A 422 -31.70 -25.28 -11.77
C THR A 422 -32.14 -24.78 -13.14
N ALA A 423 -32.44 -23.49 -13.26
CA ALA A 423 -33.17 -23.02 -14.43
C ALA A 423 -32.55 -23.44 -15.77
N GLU A 424 -31.22 -23.46 -15.83
CA GLU A 424 -30.52 -23.87 -17.02
C GLU A 424 -30.40 -25.39 -17.33
N TYR A 425 -30.74 -26.23 -16.35
CA TYR A 425 -30.70 -27.66 -16.44
C TYR A 425 -32.10 -28.28 -16.56
N LEU A 426 -33.00 -27.96 -15.65
CA LEU A 426 -34.21 -28.76 -15.51
C LEU A 426 -35.24 -28.34 -16.60
N LEU A 427 -35.71 -29.32 -17.37
CA LEU A 427 -36.74 -29.14 -18.43
C LEU A 427 -38.04 -29.63 -17.79
N GLU A 428 -39.13 -28.92 -18.02
CA GLU A 428 -40.33 -29.30 -17.33
C GLU A 428 -41.51 -29.54 -18.28
N GLU A 429 -41.49 -28.88 -19.42
CA GLU A 429 -42.67 -28.76 -20.20
C GLU A 429 -42.41 -29.26 -21.58
N PHE A 430 -43.21 -30.24 -22.02
CA PHE A 430 -43.18 -30.68 -23.43
C PHE A 430 -44.04 -29.72 -24.24
N ARG A 431 -43.42 -29.09 -25.24
CA ARG A 431 -44.07 -28.04 -26.03
C ARG A 431 -43.98 -28.28 -27.51
N PRO A 432 -44.78 -29.25 -28.02
CA PRO A 432 -44.75 -29.53 -29.47
C PRO A 432 -45.12 -28.30 -30.28
N ASP A 433 -45.94 -27.39 -29.70
CA ASP A 433 -46.31 -26.13 -30.43
C ASP A 433 -45.13 -25.14 -30.64
N LEU A 434 -44.25 -25.03 -29.63
CA LEU A 434 -43.05 -24.17 -29.76
C LEU A 434 -42.04 -24.81 -30.71
N ILE A 435 -41.91 -26.12 -30.64
CA ILE A 435 -41.01 -26.84 -31.55
C ILE A 435 -41.39 -26.67 -33.04
N GLU A 436 -42.69 -26.86 -33.36
CA GLU A 436 -43.16 -26.52 -34.68
C GLU A 436 -42.97 -25.08 -35.04
N MET A 437 -43.26 -24.18 -34.08
CA MET A 437 -43.10 -22.73 -34.37
C MET A 437 -41.65 -22.41 -34.78
N VAL A 438 -40.66 -22.97 -34.09
CA VAL A 438 -39.27 -22.58 -34.38
C VAL A 438 -38.90 -23.21 -35.70
N LEU A 439 -39.34 -24.45 -35.87
CA LEU A 439 -39.15 -25.22 -37.13
C LEU A 439 -39.72 -24.49 -38.34
N ASP A 440 -40.82 -23.77 -38.12
CA ASP A 440 -41.40 -22.98 -39.18
C ASP A 440 -40.55 -21.78 -39.62
N LYS A 441 -39.60 -21.37 -38.77
CA LYS A 441 -38.63 -20.37 -39.16
C LYS A 441 -37.48 -20.90 -40.02
N LEU A 442 -37.26 -22.21 -40.05
CA LEU A 442 -36.05 -22.72 -40.65
C LEU A 442 -36.37 -23.07 -42.08
N ARG A 443 -36.60 -22.03 -42.88
CA ARG A 443 -37.11 -22.19 -44.24
C ARG A 443 -36.19 -21.41 -45.19
N PRO A 444 -36.05 -21.88 -46.47
CA PRO A 444 -35.17 -21.18 -47.40
C PRO A 444 -35.45 -19.68 -47.61
N GLU A 445 -36.70 -19.24 -47.55
CA GLU A 445 -36.99 -17.77 -47.61
C GLU A 445 -36.42 -16.92 -46.44
N ASN A 446 -36.03 -17.58 -45.35
CA ASN A 446 -35.46 -16.91 -44.18
C ASN A 446 -33.94 -17.08 -43.99
N VAL A 447 -33.24 -17.53 -45.03
CA VAL A 447 -31.88 -18.03 -44.88
C VAL A 447 -30.79 -17.00 -45.21
N ARG A 448 -29.70 -16.99 -44.40
CA ARG A 448 -28.47 -16.29 -44.77
C ARG A 448 -27.37 -17.32 -44.87
N VAL A 449 -26.55 -17.17 -45.90
CA VAL A 449 -25.55 -18.19 -46.23
C VAL A 449 -24.25 -17.41 -46.38
N ALA A 450 -23.20 -17.85 -45.67
CA ALA A 450 -21.86 -17.25 -45.78
C ALA A 450 -20.87 -18.35 -46.03
N ILE A 451 -20.02 -18.14 -47.02
CA ILE A 451 -18.99 -19.10 -47.36
C ILE A 451 -17.67 -18.39 -47.15
N VAL A 452 -16.78 -19.03 -46.39
CA VAL A 452 -15.42 -18.49 -46.14
C VAL A 452 -14.45 -19.37 -46.91
N SER A 453 -13.63 -18.74 -47.78
CA SER A 453 -12.63 -19.48 -48.59
C SER A 453 -11.59 -18.61 -49.23
N LYS A 454 -10.32 -19.01 -49.19
CA LYS A 454 -9.24 -18.29 -49.93
C LYS A 454 -9.53 -18.23 -51.46
N SER A 455 -10.31 -19.17 -52.01
CA SER A 455 -10.75 -19.10 -53.42
C SER A 455 -11.44 -17.77 -53.83
N PHE A 456 -11.97 -17.00 -52.87
CA PHE A 456 -12.63 -15.75 -53.18
C PHE A 456 -11.68 -14.57 -53.25
N GLU A 457 -10.39 -14.82 -53.03
CA GLU A 457 -9.41 -13.75 -53.07
C GLU A 457 -9.31 -13.11 -54.46
N GLY A 458 -9.49 -11.77 -54.50
CA GLY A 458 -9.51 -10.96 -55.72
C GLY A 458 -10.90 -10.93 -56.37
N LYS A 459 -11.86 -11.62 -55.76
CA LYS A 459 -13.17 -11.74 -56.34
C LYS A 459 -14.21 -11.01 -55.51
N THR A 460 -13.74 -10.15 -54.61
CA THR A 460 -14.62 -9.47 -53.67
C THR A 460 -14.64 -7.97 -53.95
N ASP A 461 -15.67 -7.25 -53.50
CA ASP A 461 -15.75 -5.82 -53.78
C ASP A 461 -16.20 -4.99 -52.58
N ARG A 462 -16.23 -5.60 -51.38
CA ARG A 462 -16.59 -4.90 -50.15
C ARG A 462 -15.52 -5.14 -49.09
N THR A 463 -15.44 -4.22 -48.17
CA THR A 463 -14.47 -4.21 -47.11
C THR A 463 -15.24 -3.81 -45.88
N GLU A 464 -15.17 -4.64 -44.82
CA GLU A 464 -15.74 -4.28 -43.54
C GLU A 464 -14.73 -3.37 -42.82
N GLU A 465 -15.26 -2.35 -42.16
CA GLU A 465 -14.49 -1.18 -41.84
C GLU A 465 -13.61 -1.38 -40.60
N TRP A 466 -14.10 -2.13 -39.61
CA TRP A 466 -13.34 -2.32 -38.38
C TRP A 466 -12.18 -3.30 -38.53
N TYR A 467 -12.35 -4.35 -39.34
CA TYR A 467 -11.34 -5.41 -39.41
C TYR A 467 -10.65 -5.47 -40.75
N GLY A 468 -11.27 -4.90 -41.79
CA GLY A 468 -10.71 -4.91 -43.15
C GLY A 468 -11.16 -6.15 -43.94
N THR A 469 -12.12 -6.88 -43.41
CA THR A 469 -12.56 -8.11 -44.05
C THR A 469 -12.99 -7.94 -45.53
N GLN A 470 -12.38 -8.73 -46.43
CA GLN A 470 -12.78 -8.68 -47.85
C GLN A 470 -13.94 -9.61 -48.13
N TYR A 471 -15.03 -9.08 -48.64
CA TYR A 471 -16.15 -9.94 -48.96
C TYR A 471 -17.02 -9.38 -50.13
N LYS A 472 -17.91 -10.23 -50.59
CA LYS A 472 -18.87 -9.93 -51.63
C LYS A 472 -20.26 -10.40 -51.12
N GLN A 473 -21.30 -9.58 -51.37
CA GLN A 473 -22.70 -9.98 -51.12
C GLN A 473 -23.49 -10.10 -52.42
N GLU A 474 -24.37 -11.08 -52.46
CA GLU A 474 -25.23 -11.40 -53.60
C GLU A 474 -26.58 -11.91 -53.08
N ALA A 475 -27.66 -11.51 -53.78
CA ALA A 475 -28.94 -12.19 -53.60
C ALA A 475 -28.77 -13.66 -53.98
N ILE A 476 -29.34 -14.57 -53.19
CA ILE A 476 -29.46 -15.96 -53.63
C ILE A 476 -30.56 -16.03 -54.74
N PRO A 477 -30.24 -16.66 -55.89
CA PRO A 477 -31.22 -16.73 -57.01
C PRO A 477 -32.53 -17.36 -56.57
N ASP A 478 -33.67 -16.82 -57.00
CA ASP A 478 -35.02 -17.42 -56.73
C ASP A 478 -35.13 -18.89 -57.09
N GLU A 479 -34.43 -19.26 -58.15
CA GLU A 479 -34.32 -20.65 -58.56
C GLU A 479 -33.68 -21.58 -57.49
N VAL A 480 -32.63 -21.09 -56.84
CA VAL A 480 -31.96 -21.86 -55.77
C VAL A 480 -32.91 -22.02 -54.54
N ILE A 481 -33.57 -20.93 -54.17
CA ILE A 481 -34.50 -20.91 -53.07
C ILE A 481 -35.61 -21.89 -53.31
N LYS A 482 -36.17 -21.85 -54.54
CA LYS A 482 -37.35 -22.65 -54.91
C LYS A 482 -36.99 -24.13 -54.76
N LYS A 483 -35.83 -24.50 -55.31
CA LYS A 483 -35.27 -25.84 -55.15
C LYS A 483 -35.09 -26.24 -53.67
N TRP A 484 -34.61 -25.32 -52.82
CA TRP A 484 -34.50 -25.63 -51.37
C TRP A 484 -35.89 -25.78 -50.77
N GLN A 485 -36.84 -24.97 -51.24
CA GLN A 485 -38.23 -25.08 -50.76
C GLN A 485 -38.90 -26.39 -51.08
N ASN A 486 -38.55 -26.95 -52.24
CA ASN A 486 -39.08 -28.27 -52.63
C ASN A 486 -38.28 -29.50 -52.16
N ALA A 487 -37.44 -29.35 -51.13
CA ALA A 487 -36.71 -30.48 -50.52
C ALA A 487 -37.69 -31.48 -49.96
N ASP A 488 -37.51 -32.71 -50.39
CA ASP A 488 -38.38 -33.79 -49.97
C ASP A 488 -37.58 -34.68 -49.09
N LEU A 489 -38.16 -35.82 -48.72
CA LEU A 489 -37.51 -36.71 -47.79
C LEU A 489 -36.39 -37.49 -48.51
N ASN A 490 -35.29 -37.63 -47.78
CA ASN A 490 -34.14 -38.36 -48.17
C ASN A 490 -34.07 -39.55 -47.21
N GLY A 491 -34.07 -40.77 -47.77
CA GLY A 491 -34.01 -42.02 -47.01
C GLY A 491 -32.80 -42.18 -46.11
N LYS A 492 -31.77 -41.38 -46.37
CA LYS A 492 -30.55 -41.35 -45.54
C LYS A 492 -30.70 -40.72 -44.13
N PHE A 493 -31.70 -39.84 -43.98
CA PHE A 493 -31.98 -39.12 -42.71
C PHE A 493 -32.98 -39.87 -41.86
N LYS A 494 -32.54 -40.26 -40.67
CA LYS A 494 -33.37 -40.97 -39.66
C LYS A 494 -33.17 -40.28 -38.32
N LEU A 495 -34.24 -40.09 -37.54
CA LEU A 495 -34.10 -39.67 -36.15
C LEU A 495 -33.16 -40.62 -35.39
N PRO A 496 -32.43 -40.09 -34.37
CA PRO A 496 -31.61 -41.01 -33.58
C PRO A 496 -32.52 -42.00 -32.88
N THR A 497 -31.96 -43.11 -32.43
CA THR A 497 -32.72 -44.05 -31.64
C THR A 497 -32.32 -43.80 -30.19
N LYS A 498 -32.97 -44.49 -29.27
CA LYS A 498 -32.70 -44.46 -27.85
C LYS A 498 -31.17 -44.50 -27.61
N ASN A 499 -30.70 -43.54 -26.81
CA ASN A 499 -29.30 -43.47 -26.37
C ASN A 499 -29.05 -44.47 -25.25
N GLU A 500 -28.39 -45.56 -25.60
CA GLU A 500 -28.09 -46.64 -24.64
C GLU A 500 -26.92 -46.37 -23.73
N PHE A 501 -26.19 -45.29 -24.01
CA PHE A 501 -25.12 -44.87 -23.10
C PHE A 501 -25.59 -44.12 -21.86
N ILE A 502 -26.89 -43.78 -21.83
CA ILE A 502 -27.47 -43.10 -20.68
C ILE A 502 -27.24 -43.95 -19.42
N PRO A 503 -26.56 -43.37 -18.42
CA PRO A 503 -26.20 -44.15 -17.23
C PRO A 503 -27.42 -44.32 -16.33
N THR A 504 -27.48 -45.45 -15.63
CA THR A 504 -28.54 -45.74 -14.66
C THR A 504 -27.98 -46.26 -13.32
N ASN A 505 -26.70 -46.63 -13.27
CA ASN A 505 -26.08 -47.02 -12.01
C ASN A 505 -25.20 -45.94 -11.37
N PHE A 506 -25.72 -45.32 -10.30
CA PHE A 506 -25.09 -44.19 -9.66
C PHE A 506 -24.59 -44.54 -8.27
N GLU A 507 -24.51 -45.84 -8.00
CA GLU A 507 -24.04 -46.31 -6.68
C GLU A 507 -22.62 -45.83 -6.44
N ILE A 508 -22.41 -45.38 -5.21
CA ILE A 508 -21.11 -44.99 -4.74
C ILE A 508 -20.56 -46.14 -3.95
N LEU A 509 -19.54 -46.81 -4.48
CA LEU A 509 -18.91 -47.96 -3.82
C LEU A 509 -18.40 -47.55 -2.46
N PRO A 510 -18.56 -48.41 -1.43
CA PRO A 510 -18.04 -47.97 -0.13
C PRO A 510 -16.49 -47.86 -0.13
N LEU A 511 -15.97 -46.98 0.70
CA LEU A 511 -14.52 -46.77 0.74
C LEU A 511 -13.84 -48.03 1.23
N GLU A 512 -12.92 -48.57 0.43
CA GLU A 512 -12.24 -49.82 0.79
C GLU A 512 -11.40 -49.60 2.04
N LYS A 513 -11.17 -50.66 2.81
CA LYS A 513 -10.39 -50.57 4.05
C LYS A 513 -8.94 -50.11 3.75
N GLU A 514 -8.39 -50.55 2.60
CA GLU A 514 -6.99 -50.23 2.18
C GLU A 514 -6.85 -48.98 1.26
N ALA A 515 -7.92 -48.20 1.11
CA ALA A 515 -7.93 -46.95 0.35
C ALA A 515 -6.88 -45.99 0.90
N THR A 516 -6.18 -45.28 0.02
CA THR A 516 -5.08 -44.37 0.36
C THR A 516 -5.43 -42.86 0.04
N PRO A 517 -4.82 -41.87 0.78
CA PRO A 517 -5.04 -40.41 0.45
C PRO A 517 -4.47 -40.00 -0.92
N TYR A 518 -3.41 -40.68 -1.38
CA TYR A 518 -2.78 -40.46 -2.68
C TYR A 518 -2.87 -41.69 -3.57
N PRO A 519 -2.63 -41.53 -4.89
CA PRO A 519 -2.60 -42.75 -5.71
C PRO A 519 -1.48 -43.69 -5.26
N ALA A 520 -1.76 -44.99 -5.33
CA ALA A 520 -0.85 -46.03 -4.92
C ALA A 520 -0.47 -46.72 -6.20
N LEU A 521 0.77 -47.14 -6.27
CA LEU A 521 1.22 -47.97 -7.37
C LEU A 521 0.77 -49.43 -7.13
N ILE A 522 -0.23 -49.89 -7.87
CA ILE A 522 -0.81 -51.16 -7.53
C ILE A 522 -0.44 -52.13 -8.60
N LYS A 523 0.34 -51.69 -9.57
CA LYS A 523 0.84 -52.63 -10.55
C LYS A 523 2.09 -52.04 -11.20
N ASP A 524 3.15 -52.84 -11.30
CA ASP A 524 4.48 -52.39 -11.77
C ASP A 524 5.17 -53.45 -12.63
N THR A 525 4.75 -53.56 -13.88
CA THR A 525 5.19 -54.63 -14.71
C THR A 525 5.94 -54.07 -15.93
N ALA A 526 6.59 -54.93 -16.72
CA ALA A 526 7.28 -54.51 -17.92
C ALA A 526 6.28 -53.73 -18.80
N MET A 527 5.07 -54.24 -18.87
CA MET A 527 4.05 -53.68 -19.73
C MET A 527 3.38 -52.37 -19.19
N SER A 528 3.12 -52.29 -17.89
CA SER A 528 2.26 -51.24 -17.38
C SER A 528 2.55 -50.88 -15.95
N LYS A 529 2.38 -49.59 -15.67
CA LYS A 529 2.52 -49.05 -14.34
C LYS A 529 1.15 -48.43 -14.01
N LEU A 530 0.48 -48.93 -12.96
CA LEU A 530 -0.88 -48.53 -12.64
C LEU A 530 -0.91 -47.78 -11.34
N TRP A 531 -1.23 -46.48 -11.41
CA TRP A 531 -1.51 -45.72 -10.16
C TRP A 531 -3.03 -45.64 -9.93
N PHE A 532 -3.45 -45.82 -8.68
CA PHE A 532 -4.89 -45.95 -8.42
C PHE A 532 -5.26 -45.20 -7.16
N LYS A 533 -6.37 -44.46 -7.22
CA LYS A 533 -6.94 -43.92 -6.04
C LYS A 533 -8.46 -43.97 -6.16
N GLN A 534 -9.09 -44.65 -5.21
CA GLN A 534 -10.51 -44.57 -5.02
C GLN A 534 -10.89 -43.17 -4.42
N ASP A 535 -11.82 -42.46 -5.09
CA ASP A 535 -12.29 -41.16 -4.59
C ASP A 535 -12.73 -41.19 -3.11
N ASP A 536 -12.11 -40.34 -2.30
CA ASP A 536 -12.47 -40.23 -0.88
C ASP A 536 -12.98 -38.81 -0.55
N LYS A 537 -13.43 -38.04 -1.56
CA LYS A 537 -13.72 -36.64 -1.37
C LYS A 537 -15.04 -36.21 -2.01
N PHE A 538 -15.27 -36.55 -3.29
CA PHE A 538 -16.34 -35.90 -4.06
C PHE A 538 -17.60 -36.71 -4.06
N PHE A 539 -17.44 -38.03 -4.10
CA PHE A 539 -18.53 -38.99 -3.94
C PHE A 539 -19.65 -38.86 -5.00
N LEU A 540 -19.23 -38.58 -6.25
CA LEU A 540 -20.07 -38.59 -7.41
C LEU A 540 -19.84 -39.87 -8.20
N PRO A 541 -20.86 -40.35 -8.98
CA PRO A 541 -20.63 -41.63 -9.67
C PRO A 541 -19.81 -41.40 -10.95
N LYS A 542 -18.55 -41.04 -10.82
CA LYS A 542 -17.73 -40.71 -12.00
C LYS A 542 -16.36 -41.27 -11.82
N ALA A 543 -15.60 -41.42 -12.91
CA ALA A 543 -14.18 -41.79 -12.74
C ALA A 543 -13.34 -41.20 -13.89
N CYS A 544 -12.05 -40.97 -13.64
CA CYS A 544 -11.11 -40.63 -14.68
C CYS A 544 -10.12 -41.74 -14.94
N LEU A 545 -9.98 -42.12 -16.20
CA LEU A 545 -9.08 -43.21 -16.60
C LEU A 545 -8.13 -42.60 -17.60
N ASN A 546 -6.93 -42.36 -17.14
CA ASN A 546 -5.85 -41.72 -17.89
C ASN A 546 -4.72 -42.76 -18.22
N PHE A 547 -4.29 -42.80 -19.48
CA PHE A 547 -3.30 -43.75 -19.97
C PHE A 547 -2.33 -42.98 -20.83
N GLU A 548 -1.06 -43.10 -20.53
CA GLU A 548 0.06 -42.68 -21.37
C GLU A 548 0.62 -43.93 -22.03
N PHE A 549 0.53 -44.05 -23.34
CA PHE A 549 1.18 -45.13 -24.07
C PHE A 549 2.58 -44.68 -24.59
N PHE A 550 3.65 -45.31 -24.12
CA PHE A 550 5.00 -44.97 -24.62
C PHE A 550 5.42 -45.83 -25.79
N SER A 551 5.90 -45.16 -26.84
CA SER A 551 6.49 -45.85 -28.01
C SER A 551 7.41 -44.86 -28.70
N PRO A 552 8.69 -45.23 -28.92
CA PRO A 552 9.66 -44.37 -29.63
C PRO A 552 9.30 -44.15 -31.10
N PHE A 553 8.45 -45.00 -31.67
CA PHE A 553 7.95 -44.79 -33.02
C PHE A 553 6.94 -43.65 -33.26
N ALA A 554 6.44 -42.98 -32.21
CA ALA A 554 5.50 -41.87 -32.40
C ALA A 554 6.26 -40.61 -32.73
N TYR A 555 7.54 -40.55 -32.39
CA TYR A 555 8.26 -39.31 -32.62
C TYR A 555 9.67 -39.49 -33.20
N VAL A 556 10.01 -40.70 -33.64
CA VAL A 556 11.33 -40.97 -34.16
C VAL A 556 11.71 -39.99 -35.29
N ASP A 557 10.79 -39.62 -36.16
CA ASP A 557 11.11 -38.57 -37.12
C ASP A 557 9.87 -37.76 -37.52
N PRO A 558 10.03 -36.63 -38.25
CA PRO A 558 8.84 -35.88 -38.67
C PRO A 558 7.80 -36.73 -39.34
N LEU A 559 8.20 -37.64 -40.24
CA LEU A 559 7.26 -38.60 -40.88
C LEU A 559 6.41 -39.43 -39.92
N HIS A 560 7.05 -40.00 -38.89
CA HIS A 560 6.32 -40.82 -37.88
C HIS A 560 5.37 -40.01 -36.99
N CYS A 561 5.83 -38.83 -36.66
CA CYS A 561 5.05 -37.92 -35.96
C CYS A 561 3.76 -37.54 -36.73
N ASN A 562 3.89 -37.23 -38.01
CA ASN A 562 2.72 -37.07 -38.83
C ASN A 562 1.83 -38.29 -38.82
N MET A 563 2.44 -39.48 -38.80
CA MET A 563 1.64 -40.69 -38.98
C MET A 563 0.87 -40.96 -37.68
N ALA A 564 1.54 -40.79 -36.53
CA ALA A 564 0.88 -40.88 -35.20
C ALA A 564 -0.39 -39.98 -35.15
N TYR A 565 -0.23 -38.73 -35.60
CA TYR A 565 -1.27 -37.73 -35.58
C TYR A 565 -2.39 -38.25 -36.45
N LEU A 566 -2.04 -38.55 -37.69
CA LEU A 566 -3.05 -38.96 -38.69
C LEU A 566 -3.81 -40.22 -38.27
N TYR A 567 -3.08 -41.20 -37.77
CA TYR A 567 -3.68 -42.41 -37.24
C TYR A 567 -4.78 -42.07 -36.18
N LEU A 568 -4.42 -41.24 -35.20
CA LEU A 568 -5.35 -40.96 -34.12
C LEU A 568 -6.54 -40.10 -34.59
N GLU A 569 -6.33 -39.15 -35.49
CA GLU A 569 -7.45 -38.40 -36.08
C GLU A 569 -8.39 -39.28 -36.86
N LEU A 570 -7.82 -40.26 -37.59
CA LEU A 570 -8.61 -41.22 -38.36
C LEU A 570 -9.39 -42.14 -37.46
N LEU A 571 -8.81 -42.48 -36.33
CA LEU A 571 -9.49 -43.32 -35.38
C LEU A 571 -10.70 -42.59 -34.73
N LYS A 572 -10.47 -41.35 -34.27
CA LYS A 572 -11.50 -40.53 -33.68
C LYS A 572 -12.60 -40.25 -34.70
N ASP A 573 -12.21 -40.01 -35.92
CA ASP A 573 -13.22 -39.84 -36.98
C ASP A 573 -14.12 -41.07 -37.20
N SER A 574 -13.55 -42.28 -37.21
CA SER A 574 -14.37 -43.49 -37.39
C SER A 574 -15.21 -43.90 -36.16
N LEU A 575 -14.67 -43.61 -34.98
CA LEU A 575 -15.40 -43.79 -33.71
C LEU A 575 -16.56 -42.78 -33.44
N ASN A 576 -16.59 -41.71 -34.19
CA ASN A 576 -17.30 -40.49 -33.83
C ASN A 576 -18.81 -40.73 -33.72
N GLU A 577 -19.40 -41.39 -34.72
CA GLU A 577 -20.80 -41.75 -34.69
C GLU A 577 -21.21 -42.51 -33.41
N TYR A 578 -20.38 -43.42 -32.97
CA TYR A 578 -20.70 -44.28 -31.84
C TYR A 578 -20.37 -43.53 -30.58
N ALA A 579 -19.32 -42.72 -30.55
CA ALA A 579 -18.93 -42.04 -29.33
C ALA A 579 -19.81 -40.82 -29.01
N TYR A 580 -20.50 -40.26 -30.01
CA TYR A 580 -21.32 -39.10 -29.81
C TYR A 580 -22.44 -39.37 -28.76
N ALA A 581 -23.07 -40.54 -28.84
CA ALA A 581 -24.07 -40.93 -27.87
C ALA A 581 -23.48 -40.92 -26.50
N ALA A 582 -22.28 -41.47 -26.35
CA ALA A 582 -21.64 -41.51 -25.03
C ALA A 582 -21.38 -40.10 -24.54
N GLU A 583 -20.91 -39.26 -25.42
CA GLU A 583 -20.60 -37.92 -25.06
C GLU A 583 -21.87 -37.10 -24.57
N LEU A 584 -23.01 -37.21 -25.26
CA LEU A 584 -24.27 -36.67 -24.74
C LEU A 584 -24.63 -37.23 -23.37
N ALA A 585 -24.31 -38.49 -23.14
CA ALA A 585 -24.58 -39.16 -21.87
C ALA A 585 -23.53 -38.94 -20.79
N GLY A 586 -22.69 -37.91 -20.95
CA GLY A 586 -21.69 -37.57 -19.92
C GLY A 586 -20.44 -38.47 -19.78
N LEU A 587 -20.01 -39.05 -20.90
CA LEU A 587 -18.87 -39.95 -20.95
C LEU A 587 -18.01 -39.52 -22.15
N SER A 588 -16.87 -38.93 -21.91
CA SER A 588 -16.12 -38.46 -23.06
C SER A 588 -14.72 -39.03 -23.05
N TYR A 589 -13.99 -38.80 -24.12
CA TYR A 589 -12.61 -39.25 -24.20
C TYR A 589 -11.79 -38.28 -25.03
N ASP A 590 -10.51 -38.29 -24.73
CA ASP A 590 -9.53 -37.47 -25.33
C ASP A 590 -8.41 -38.41 -25.80
N LEU A 591 -8.08 -38.34 -27.06
CA LEU A 591 -7.08 -39.24 -27.62
C LEU A 591 -6.16 -38.47 -28.56
N GLN A 592 -4.89 -38.39 -28.17
CA GLN A 592 -3.96 -37.59 -28.91
C GLN A 592 -2.56 -38.18 -28.93
N ASN A 593 -1.81 -37.85 -29.98
CA ASN A 593 -0.45 -38.30 -30.11
C ASN A 593 0.46 -37.30 -29.31
N THR A 594 1.57 -37.80 -28.79
CA THR A 594 2.46 -37.01 -27.96
C THR A 594 3.88 -37.24 -28.50
N ILE A 595 4.82 -36.50 -27.95
CA ILE A 595 6.20 -36.62 -28.37
C ILE A 595 6.75 -37.94 -27.82
N TYR A 596 6.00 -38.61 -26.96
CA TYR A 596 6.43 -39.90 -26.43
C TYR A 596 5.61 -41.11 -26.88
N GLY A 597 4.52 -40.92 -27.62
CA GLY A 597 3.58 -41.99 -27.87
C GLY A 597 2.16 -41.47 -28.09
N MET A 598 1.25 -41.89 -27.21
CA MET A 598 -0.18 -41.53 -27.23
C MET A 598 -0.69 -41.26 -25.82
N TYR A 599 -1.69 -40.40 -25.75
CA TYR A 599 -2.39 -40.14 -24.52
C TYR A 599 -3.84 -40.44 -24.71
N LEU A 600 -4.42 -41.16 -23.74
CA LEU A 600 -5.86 -41.42 -23.71
C LEU A 600 -6.45 -41.11 -22.33
N SER A 601 -7.56 -40.39 -22.36
CA SER A 601 -8.33 -40.16 -21.16
C SER A 601 -9.79 -40.43 -21.40
N VAL A 602 -10.41 -41.12 -20.47
CA VAL A 602 -11.83 -41.39 -20.51
C VAL A 602 -12.35 -40.84 -19.18
N LYS A 603 -13.34 -39.91 -19.26
CA LYS A 603 -13.94 -39.29 -18.05
C LYS A 603 -15.47 -39.33 -18.05
N GLY A 604 -16.11 -39.21 -16.88
CA GLY A 604 -17.54 -39.07 -16.79
C GLY A 604 -18.10 -40.17 -15.95
N TYR A 605 -19.37 -40.47 -16.14
CA TYR A 605 -20.06 -41.50 -15.32
C TYR A 605 -19.36 -42.83 -15.52
N ASN A 606 -19.04 -43.46 -14.41
CA ASN A 606 -18.28 -44.70 -14.37
C ASN A 606 -19.10 -45.85 -14.93
N ASP A 607 -20.43 -45.71 -14.94
CA ASP A 607 -21.36 -46.79 -15.26
C ASP A 607 -20.97 -47.57 -16.54
N LYS A 608 -20.92 -46.87 -17.67
CA LYS A 608 -20.78 -47.48 -18.96
C LYS A 608 -19.39 -47.23 -19.51
N GLN A 609 -18.53 -46.75 -18.64
CA GLN A 609 -17.21 -46.29 -19.04
C GLN A 609 -16.25 -47.40 -19.54
N PRO A 610 -16.27 -48.62 -18.91
CA PRO A 610 -15.51 -49.79 -19.44
C PRO A 610 -15.91 -50.17 -20.88
N ILE A 611 -17.16 -49.95 -21.23
CA ILE A 611 -17.64 -50.22 -22.60
C ILE A 611 -17.01 -49.31 -23.67
N LEU A 612 -17.07 -48.01 -23.44
CA LEU A 612 -16.48 -47.04 -24.38
C LEU A 612 -14.96 -47.29 -24.51
N LEU A 613 -14.32 -47.50 -23.36
CA LEU A 613 -12.84 -47.78 -23.26
C LEU A 613 -12.44 -49.02 -24.06
N LYS A 614 -13.13 -50.15 -23.81
CA LYS A 614 -12.91 -51.41 -24.55
C LYS A 614 -13.07 -51.14 -26.03
N LYS A 615 -14.11 -50.38 -26.40
CA LYS A 615 -14.33 -50.06 -27.82
C LYS A 615 -13.16 -49.29 -28.43
N ILE A 616 -12.63 -48.33 -27.69
CA ILE A 616 -11.51 -47.53 -28.22
C ILE A 616 -10.23 -48.38 -28.48
N ILE A 617 -9.81 -49.16 -27.49
CA ILE A 617 -8.62 -50.00 -27.56
C ILE A 617 -8.76 -51.04 -28.71
N GLU A 618 -9.92 -51.66 -28.78
CA GLU A 618 -10.21 -52.64 -29.77
C GLU A 618 -10.14 -52.02 -31.17
N LYS A 619 -10.84 -50.92 -31.41
CA LYS A 619 -10.72 -50.17 -32.65
C LYS A 619 -9.29 -49.71 -32.95
N MET A 620 -8.58 -49.23 -31.94
CA MET A 620 -7.21 -48.83 -32.21
C MET A 620 -6.28 -49.97 -32.77
N ALA A 621 -6.42 -51.13 -32.14
CA ALA A 621 -5.63 -52.36 -32.31
C ALA A 621 -6.05 -53.17 -33.52
N THR A 622 -7.16 -52.83 -34.17
CA THR A 622 -7.67 -53.61 -35.30
C THR A 622 -8.04 -52.63 -36.40
N PHE A 623 -7.45 -51.44 -36.36
CA PHE A 623 -7.90 -50.34 -37.18
C PHE A 623 -7.72 -50.56 -38.70
N GLU A 624 -8.76 -50.24 -39.46
CA GLU A 624 -8.73 -50.22 -40.93
C GLU A 624 -9.06 -48.82 -41.45
N ILE A 625 -8.17 -48.28 -42.26
CA ILE A 625 -8.26 -46.92 -42.72
C ILE A 625 -9.15 -46.86 -43.95
N ASP A 626 -10.09 -45.93 -43.95
CA ASP A 626 -10.89 -45.68 -45.12
C ASP A 626 -10.06 -44.68 -45.92
N GLU A 627 -9.72 -45.04 -47.16
CA GLU A 627 -8.85 -44.18 -47.95
C GLU A 627 -9.41 -42.80 -48.23
N LYS A 628 -10.72 -42.67 -48.41
CA LYS A 628 -11.30 -41.34 -48.61
C LYS A 628 -11.14 -40.40 -47.38
N ARG A 629 -11.27 -40.99 -46.18
CA ARG A 629 -11.16 -40.25 -44.91
C ARG A 629 -9.71 -39.87 -44.70
N PHE A 630 -8.80 -40.81 -45.00
CA PHE A 630 -7.35 -40.56 -45.07
C PHE A 630 -6.93 -39.34 -45.89
N GLU A 631 -7.47 -39.21 -47.12
CA GLU A 631 -7.11 -38.10 -48.00
C GLU A 631 -7.65 -36.76 -47.50
N ILE A 632 -8.89 -36.76 -47.01
CA ILE A 632 -9.53 -35.53 -46.51
C ILE A 632 -8.78 -35.01 -45.25
N ILE A 633 -8.49 -35.92 -44.34
CA ILE A 633 -7.84 -35.58 -43.09
C ILE A 633 -6.35 -35.19 -43.30
N LYS A 634 -5.67 -35.85 -44.23
CA LYS A 634 -4.34 -35.38 -44.64
C LYS A 634 -4.32 -33.92 -45.22
N GLU A 635 -5.28 -33.60 -46.08
CA GLU A 635 -5.40 -32.25 -46.59
C GLU A 635 -5.72 -31.23 -45.43
N ALA A 636 -6.61 -31.58 -44.50
CA ALA A 636 -6.92 -30.66 -43.39
C ALA A 636 -5.66 -30.45 -42.55
N TYR A 637 -4.86 -31.51 -42.36
CA TYR A 637 -3.70 -31.42 -41.51
C TYR A 637 -2.61 -30.56 -42.12
N MET A 638 -2.41 -30.66 -43.44
CA MET A 638 -1.48 -29.78 -44.13
C MET A 638 -1.86 -28.28 -43.97
N ARG A 639 -3.14 -27.95 -44.12
CA ARG A 639 -3.60 -26.61 -43.86
C ARG A 639 -3.42 -26.20 -42.41
N SER A 640 -3.70 -27.12 -41.50
CA SER A 640 -3.48 -26.87 -40.08
C SER A 640 -2.00 -26.47 -39.75
N LEU A 641 -1.04 -27.22 -40.29
CA LEU A 641 0.39 -26.86 -40.22
C LEU A 641 0.71 -25.49 -40.85
N ASN A 642 0.16 -25.24 -42.04
CA ASN A 642 0.31 -23.96 -42.68
C ASN A 642 -0.28 -22.84 -41.86
N ASN A 643 -1.46 -23.07 -41.23
CA ASN A 643 -2.21 -21.99 -40.53
C ASN A 643 -1.55 -21.43 -39.30
N PHE A 644 -0.50 -22.11 -38.83
CA PHE A 644 0.29 -21.66 -37.73
C PHE A 644 0.91 -20.33 -38.03
N ARG A 645 1.16 -20.06 -39.31
CA ARG A 645 1.76 -18.78 -39.71
C ARG A 645 0.83 -17.59 -39.29
N ALA A 646 -0.45 -17.90 -39.04
CA ALA A 646 -1.45 -16.87 -38.71
C ALA A 646 -1.70 -16.80 -37.21
N GLU A 647 -1.06 -17.67 -36.40
CA GLU A 647 -1.13 -17.51 -34.95
C GLU A 647 -0.50 -16.19 -34.50
N GLN A 648 -0.68 -15.83 -33.24
CA GLN A 648 -0.19 -14.59 -32.71
C GLN A 648 1.28 -14.60 -32.44
N PRO A 649 1.92 -13.40 -32.56
CA PRO A 649 3.38 -13.25 -32.30
C PRO A 649 3.83 -13.81 -30.94
N HIS A 650 3.10 -13.58 -29.88
CA HIS A 650 3.46 -14.18 -28.60
C HIS A 650 3.35 -15.75 -28.64
N GLN A 651 2.40 -16.28 -29.41
CA GLN A 651 2.28 -17.74 -29.55
C GLN A 651 3.48 -18.28 -30.36
N HIS A 652 3.86 -17.57 -31.44
CA HIS A 652 5.08 -17.84 -32.15
C HIS A 652 6.28 -17.80 -31.20
N ALA A 653 6.42 -16.79 -30.33
CA ALA A 653 7.59 -16.68 -29.41
C ALA A 653 7.66 -17.88 -28.49
N MET A 654 6.51 -18.27 -27.91
CA MET A 654 6.45 -19.47 -27.07
C MET A 654 6.84 -20.77 -27.83
N TYR A 655 6.25 -20.97 -29.00
CA TYR A 655 6.58 -22.13 -29.84
C TYR A 655 8.12 -22.23 -30.14
N TYR A 656 8.74 -21.15 -30.60
CA TYR A 656 10.20 -21.16 -30.89
C TYR A 656 11.07 -21.45 -29.64
N LEU A 657 10.73 -20.88 -28.49
CA LEU A 657 11.44 -21.22 -27.28
C LEU A 657 11.40 -22.75 -26.92
N ARG A 658 10.22 -23.36 -26.96
CA ARG A 658 10.07 -24.82 -26.85
C ARG A 658 10.99 -25.53 -27.85
N LEU A 659 10.94 -25.19 -29.14
CA LEU A 659 11.84 -25.80 -30.10
C LEU A 659 13.30 -25.63 -29.67
N LEU A 660 13.69 -24.44 -29.21
CA LEU A 660 15.09 -24.18 -28.84
C LEU A 660 15.59 -24.94 -27.60
N MET A 661 14.71 -25.12 -26.63
CA MET A 661 15.12 -25.54 -25.30
C MET A 661 14.98 -27.06 -25.07
N THR A 662 14.25 -27.75 -25.95
CA THR A 662 13.97 -29.19 -25.83
C THR A 662 14.92 -29.96 -26.76
N GLU A 663 15.44 -31.06 -26.22
CA GLU A 663 16.44 -31.90 -26.86
C GLU A 663 16.02 -32.28 -28.27
N VAL A 664 14.86 -32.91 -28.37
CA VAL A 664 14.25 -33.24 -29.68
C VAL A 664 12.89 -32.51 -29.87
N ALA A 665 12.73 -31.84 -31.01
CA ALA A 665 11.49 -31.17 -31.37
C ALA A 665 11.45 -31.00 -32.88
N TRP A 666 10.45 -31.54 -33.55
CA TRP A 666 10.35 -31.39 -34.97
C TRP A 666 9.60 -30.05 -35.26
N THR A 667 10.02 -29.25 -36.25
CA THR A 667 9.37 -27.97 -36.48
C THR A 667 8.14 -28.19 -37.33
N LYS A 668 7.22 -27.21 -37.37
CA LYS A 668 6.07 -27.25 -38.30
C LYS A 668 6.48 -27.40 -39.76
N ASP A 669 7.56 -26.72 -40.16
CA ASP A 669 8.07 -26.86 -41.54
C ASP A 669 8.60 -28.25 -41.86
N GLU A 670 9.31 -28.88 -40.92
CA GLU A 670 9.78 -30.28 -41.11
C GLU A 670 8.61 -31.22 -41.18
N LEU A 671 7.60 -30.98 -40.32
CA LEU A 671 6.37 -31.77 -40.37
C LEU A 671 5.62 -31.60 -41.68
N LYS A 672 5.54 -30.40 -42.19
CA LYS A 672 4.78 -30.23 -43.41
C LYS A 672 5.49 -30.77 -44.65
N GLU A 673 6.80 -30.61 -44.70
CA GLU A 673 7.58 -31.21 -45.75
C GLU A 673 7.54 -32.76 -45.73
N ALA A 674 7.54 -33.38 -44.55
CA ALA A 674 7.44 -34.85 -44.46
C ALA A 674 6.02 -35.39 -44.77
N LEU A 675 5.04 -34.49 -44.80
CA LEU A 675 3.65 -34.91 -44.97
C LEU A 675 3.29 -35.41 -46.38
N ASP A 676 3.92 -34.84 -47.40
CA ASP A 676 3.78 -35.35 -48.78
C ASP A 676 4.18 -36.82 -48.88
N ASP A 677 5.16 -37.24 -48.08
CA ASP A 677 5.59 -38.65 -48.06
C ASP A 677 4.70 -39.62 -47.29
N VAL A 678 3.61 -39.14 -46.68
CA VAL A 678 2.72 -40.04 -45.95
C VAL A 678 1.72 -40.60 -46.94
N THR A 679 1.79 -41.91 -47.18
CA THR A 679 0.92 -42.56 -48.14
C THR A 679 0.07 -43.51 -47.34
N LEU A 680 -1.02 -43.98 -47.92
CA LEU A 680 -1.86 -45.00 -47.28
C LEU A 680 -1.08 -46.27 -46.90
N PRO A 681 -0.39 -46.89 -47.89
CA PRO A 681 0.40 -48.06 -47.58
C PRO A 681 1.34 -47.85 -46.41
N ARG A 682 2.00 -46.71 -46.42
CA ARG A 682 2.94 -46.36 -45.38
C ARG A 682 2.29 -46.18 -44.00
N LEU A 683 1.11 -45.54 -43.94
CA LEU A 683 0.37 -45.40 -42.69
C LEU A 683 -0.11 -46.76 -42.18
N LYS A 684 -0.67 -47.60 -43.08
CA LYS A 684 -1.07 -49.01 -42.75
C LYS A 684 0.01 -49.84 -42.11
N ALA A 685 1.26 -49.63 -42.56
CA ALA A 685 2.43 -50.30 -42.00
C ALA A 685 2.86 -49.71 -40.67
N PHE A 686 2.72 -48.40 -40.51
CA PHE A 686 3.17 -47.76 -39.25
C PHE A 686 2.38 -48.23 -38.03
N ILE A 687 1.07 -48.39 -38.23
CA ILE A 687 0.17 -48.66 -37.07
C ILE A 687 0.55 -49.92 -36.26
N PRO A 688 0.68 -51.11 -36.93
CA PRO A 688 1.10 -52.33 -36.24
C PRO A 688 2.47 -52.16 -35.65
N GLN A 689 3.30 -51.39 -36.34
CA GLN A 689 4.62 -51.06 -35.85
C GLN A 689 4.58 -50.23 -34.54
N LEU A 690 3.79 -49.14 -34.56
CA LEU A 690 3.53 -48.36 -33.29
C LEU A 690 3.09 -49.24 -32.14
N LEU A 691 2.14 -50.10 -32.41
CA LEU A 691 1.53 -50.90 -31.33
C LEU A 691 2.29 -52.19 -30.95
N SER A 692 3.34 -52.54 -31.70
CA SER A 692 4.05 -53.80 -31.47
C SER A 692 4.78 -53.77 -30.12
N ARG A 693 5.22 -52.59 -29.69
CA ARG A 693 5.86 -52.51 -28.36
C ARG A 693 5.49 -51.23 -27.63
N LEU A 694 5.00 -51.42 -26.40
CA LEU A 694 4.39 -50.38 -25.56
C LEU A 694 4.77 -50.50 -24.11
N HIS A 695 4.89 -49.35 -23.49
CA HIS A 695 4.71 -49.25 -22.03
C HIS A 695 3.50 -48.34 -21.74
N ILE A 696 2.71 -48.71 -20.72
CA ILE A 696 1.46 -47.98 -20.40
C ILE A 696 1.59 -47.53 -18.98
N GLU A 697 1.52 -46.22 -18.75
CA GLU A 697 1.41 -45.72 -17.39
C GLU A 697 0.01 -45.07 -17.26
N ALA A 698 -0.72 -45.47 -16.24
CA ALA A 698 -2.12 -45.14 -16.09
C ALA A 698 -2.35 -44.54 -14.72
N LEU A 699 -3.34 -43.66 -14.62
CA LEU A 699 -3.97 -43.26 -13.34
C LEU A 699 -5.47 -43.56 -13.46
N LEU A 700 -5.99 -44.36 -12.54
CA LEU A 700 -7.41 -44.66 -12.52
C LEU A 700 -7.89 -44.11 -11.19
N HIS A 701 -8.80 -43.13 -11.27
CA HIS A 701 -9.10 -42.28 -10.11
C HIS A 701 -10.60 -42.00 -10.13
N GLY A 702 -11.31 -42.50 -9.12
CA GLY A 702 -12.73 -42.15 -8.99
C GLY A 702 -13.59 -43.12 -8.24
N ASN A 703 -14.83 -43.25 -8.69
CA ASN A 703 -15.78 -44.17 -8.07
C ASN A 703 -15.51 -45.57 -8.61
N ILE A 704 -14.41 -46.16 -8.14
CA ILE A 704 -13.92 -47.47 -8.62
C ILE A 704 -13.06 -48.13 -7.57
N THR A 705 -13.14 -49.47 -7.53
CA THR A 705 -12.37 -50.27 -6.59
C THR A 705 -11.01 -50.69 -7.21
N LYS A 706 -10.13 -51.15 -6.32
CA LYS A 706 -8.80 -51.62 -6.70
C LYS A 706 -8.88 -52.74 -7.74
N GLN A 707 -9.77 -53.69 -7.49
CA GLN A 707 -10.02 -54.79 -8.41
C GLN A 707 -10.67 -54.41 -9.73
N ALA A 708 -11.53 -53.39 -9.75
CA ALA A 708 -12.07 -52.90 -11.02
C ALA A 708 -10.97 -52.16 -11.79
N ALA A 709 -10.17 -51.38 -11.07
CA ALA A 709 -9.02 -50.69 -11.66
C ALA A 709 -7.98 -51.69 -12.34
N LEU A 710 -7.66 -52.76 -11.59
CA LEU A 710 -6.73 -53.81 -12.05
C LEU A 710 -7.35 -54.47 -13.27
N GLY A 711 -8.65 -54.70 -13.22
CA GLY A 711 -9.37 -55.28 -14.37
C GLY A 711 -9.45 -54.42 -15.62
N ILE A 712 -9.68 -53.13 -15.46
CA ILE A 712 -9.71 -52.15 -16.60
C ILE A 712 -8.30 -52.10 -17.23
N MET A 713 -7.30 -51.98 -16.37
CA MET A 713 -5.89 -51.98 -16.81
C MET A 713 -5.55 -53.23 -17.60
N GLN A 714 -5.80 -54.39 -17.01
CA GLN A 714 -5.50 -55.66 -17.71
C GLN A 714 -6.36 -55.87 -18.95
N MET A 715 -7.61 -55.42 -18.94
CA MET A 715 -8.43 -55.44 -20.20
C MET A 715 -7.78 -54.65 -21.36
N VAL A 716 -7.23 -53.49 -21.04
CA VAL A 716 -6.55 -52.68 -22.07
C VAL A 716 -5.32 -53.45 -22.68
N GLU A 717 -4.45 -53.97 -21.81
CA GLU A 717 -3.25 -54.78 -22.23
C GLU A 717 -3.65 -55.97 -23.02
N ASP A 718 -4.58 -56.78 -22.48
CA ASP A 718 -5.13 -57.96 -23.19
C ASP A 718 -5.73 -57.68 -24.54
N THR A 719 -6.41 -56.54 -24.70
CA THR A 719 -6.90 -56.16 -26.04
C THR A 719 -5.76 -55.83 -27.03
N LEU A 720 -4.72 -55.15 -26.57
CA LEU A 720 -3.54 -54.83 -27.38
C LEU A 720 -2.74 -56.11 -27.69
N ILE A 721 -2.44 -56.90 -26.67
CA ILE A 721 -1.87 -58.25 -26.82
C ILE A 721 -2.69 -59.13 -27.81
N GLU A 722 -4.01 -59.26 -27.58
CA GLU A 722 -4.80 -60.03 -28.51
C GLU A 722 -4.66 -59.55 -29.94
N HIS A 723 -4.89 -58.28 -30.23
CA HIS A 723 -5.06 -57.90 -31.64
C HIS A 723 -3.85 -57.32 -32.25
N ALA A 724 -2.94 -56.81 -31.44
CA ALA A 724 -1.76 -56.17 -32.02
C ALA A 724 -0.45 -56.86 -31.59
N HIS A 725 -0.53 -57.94 -30.84
CA HIS A 725 0.65 -58.73 -30.45
C HIS A 725 1.69 -57.93 -29.66
N THR A 726 1.21 -57.00 -28.83
CA THR A 726 2.02 -56.00 -28.19
C THR A 726 2.93 -56.67 -27.19
N LYS A 727 4.19 -56.22 -27.23
CA LYS A 727 5.19 -56.67 -26.29
C LYS A 727 5.68 -55.47 -25.48
N PRO A 728 6.11 -55.71 -24.24
CA PRO A 728 6.63 -54.62 -23.43
C PRO A 728 7.88 -53.91 -24.00
N LEU A 729 8.04 -52.61 -23.69
CA LEU A 729 9.27 -51.87 -23.92
C LEU A 729 10.36 -52.20 -22.86
N LEU A 730 11.62 -51.96 -23.18
CA LEU A 730 12.72 -52.02 -22.18
C LEU A 730 12.71 -50.80 -21.30
N PRO A 731 13.10 -50.94 -20.02
CA PRO A 731 13.17 -49.74 -19.18
C PRO A 731 14.03 -48.63 -19.76
N SER A 732 15.11 -49.01 -20.41
CA SER A 732 16.07 -48.07 -20.96
C SER A 732 15.50 -47.30 -22.13
N GLN A 733 14.47 -47.84 -22.80
CA GLN A 733 13.82 -47.10 -23.90
C GLN A 733 12.73 -46.17 -23.42
N LEU A 734 12.58 -46.02 -22.09
CA LEU A 734 11.58 -45.09 -21.53
C LEU A 734 12.27 -43.69 -21.44
N VAL A 735 12.56 -43.19 -22.66
CA VAL A 735 13.36 -41.99 -22.92
C VAL A 735 12.58 -40.67 -22.70
N ARG A 736 12.95 -39.94 -21.64
CA ARG A 736 12.52 -38.54 -21.50
C ARG A 736 13.53 -37.58 -22.18
N TYR A 737 13.05 -36.49 -22.76
CA TYR A 737 13.94 -35.45 -23.36
C TYR A 737 14.43 -34.46 -22.31
N ARG A 738 15.61 -33.91 -22.56
CA ARG A 738 16.26 -32.97 -21.65
C ARG A 738 16.12 -31.49 -22.09
N GLU A 739 16.26 -30.59 -21.13
CA GLU A 739 16.36 -29.20 -21.50
C GLU A 739 17.83 -28.83 -21.73
N VAL A 740 18.09 -28.11 -22.82
CA VAL A 740 19.34 -27.43 -23.09
C VAL A 740 19.84 -26.61 -21.88
N GLN A 741 21.14 -26.76 -21.61
CA GLN A 741 21.72 -26.12 -20.48
C GLN A 741 22.49 -24.88 -20.91
N LEU A 742 21.97 -23.73 -20.50
CA LEU A 742 22.55 -22.47 -20.90
C LEU A 742 23.76 -22.12 -20.02
N PRO A 743 24.80 -21.48 -20.64
CA PRO A 743 26.06 -21.18 -19.95
C PRO A 743 25.91 -19.98 -19.00
N ASP A 744 26.59 -20.01 -17.85
CA ASP A 744 26.62 -18.83 -16.97
C ASP A 744 26.90 -17.58 -17.78
N ARG A 745 26.14 -16.53 -17.55
CA ARG A 745 26.36 -15.20 -18.13
C ARG A 745 26.10 -15.07 -19.64
N GLY A 746 25.56 -16.10 -20.24
CA GLY A 746 25.27 -16.06 -21.66
C GLY A 746 23.87 -15.43 -21.92
N TRP A 747 23.71 -14.85 -23.09
CA TRP A 747 22.48 -14.27 -23.54
C TRP A 747 22.40 -14.64 -24.99
N PHE A 748 21.38 -15.41 -25.35
CA PHE A 748 21.15 -15.80 -26.74
C PHE A 748 19.84 -15.18 -27.20
N VAL A 749 19.78 -14.77 -28.47
CA VAL A 749 18.60 -14.20 -29.10
C VAL A 749 18.23 -14.99 -30.37
N TYR A 750 16.98 -15.42 -30.47
CA TYR A 750 16.45 -15.99 -31.70
C TYR A 750 15.40 -15.01 -32.25
N GLN A 751 15.51 -14.69 -33.55
CA GLN A 751 14.62 -13.76 -34.17
C GLN A 751 13.89 -14.32 -35.36
N GLN A 752 12.58 -14.08 -35.40
CA GLN A 752 11.75 -14.41 -36.57
C GLN A 752 10.75 -13.29 -36.81
N ARG A 753 10.09 -13.35 -37.95
CA ARG A 753 9.03 -12.45 -38.28
C ARG A 753 7.71 -13.20 -38.33
N ASN A 754 6.68 -12.60 -37.75
CA ASN A 754 5.28 -12.94 -37.98
C ASN A 754 4.76 -12.24 -39.23
N GLU A 755 4.31 -13.00 -40.19
CA GLU A 755 4.02 -12.41 -41.47
C GLU A 755 2.55 -11.99 -41.64
N VAL A 756 1.75 -12.17 -40.60
CA VAL A 756 0.31 -11.90 -40.59
C VAL A 756 -0.07 -10.67 -39.68
N HIS A 757 0.45 -10.66 -38.44
CA HIS A 757 0.08 -9.68 -37.41
C HIS A 757 1.06 -8.54 -37.38
N ASN A 758 0.57 -7.34 -37.14
CA ASN A 758 1.44 -6.18 -37.10
C ASN A 758 1.73 -5.78 -35.67
N ASN A 759 1.87 -6.78 -34.79
CA ASN A 759 2.51 -6.62 -33.48
C ASN A 759 3.73 -7.52 -33.41
N CYS A 760 4.61 -7.16 -32.50
CA CYS A 760 5.66 -8.00 -31.94
C CYS A 760 5.24 -8.91 -30.84
N GLY A 761 5.95 -10.01 -30.72
CA GLY A 761 5.96 -10.77 -29.49
C GLY A 761 7.36 -11.07 -29.00
N ILE A 762 7.47 -11.24 -27.69
CA ILE A 762 8.74 -11.54 -27.10
C ILE A 762 8.48 -12.58 -26.02
N GLU A 763 9.35 -13.58 -25.94
CA GLU A 763 9.45 -14.37 -24.72
C GLU A 763 10.90 -14.32 -24.20
N ILE A 764 11.06 -13.88 -22.97
CA ILE A 764 12.36 -13.84 -22.28
C ILE A 764 12.42 -14.91 -21.20
N TYR A 765 13.42 -15.79 -21.29
CA TYR A 765 13.61 -16.86 -20.31
C TYR A 765 14.97 -16.75 -19.58
N TYR A 766 14.87 -16.53 -18.26
CA TYR A 766 15.94 -16.60 -17.29
C TYR A 766 15.92 -18.00 -16.62
N GLN A 767 16.64 -18.90 -17.25
CA GLN A 767 16.73 -20.29 -16.77
C GLN A 767 17.45 -20.29 -15.42
N THR A 768 16.92 -20.98 -14.41
CA THR A 768 17.50 -21.00 -13.08
C THR A 768 18.29 -22.33 -12.94
N ASP A 769 17.64 -23.41 -12.51
CA ASP A 769 18.28 -24.69 -12.32
C ASP A 769 17.20 -25.79 -12.31
N MET A 770 17.63 -27.03 -12.12
CA MET A 770 16.73 -28.13 -12.04
C MET A 770 15.66 -27.88 -10.97
N GLN A 771 14.47 -28.42 -11.17
CA GLN A 771 13.47 -28.37 -10.10
C GLN A 771 13.91 -29.13 -8.83
N SER A 772 13.69 -28.52 -7.67
CA SER A 772 13.72 -29.18 -6.39
C SER A 772 12.98 -28.32 -5.39
N THR A 773 12.81 -28.82 -4.18
CA THR A 773 12.09 -28.11 -3.16
C THR A 773 12.54 -26.67 -2.99
N SER A 774 13.84 -26.44 -2.86
CA SER A 774 14.36 -25.08 -2.63
C SER A 774 14.31 -24.22 -3.87
N GLU A 775 14.79 -24.74 -5.00
CA GLU A 775 14.76 -23.99 -6.25
C GLU A 775 13.37 -23.60 -6.72
N ASN A 776 12.38 -24.50 -6.51
CA ASN A 776 10.94 -24.28 -6.83
C ASN A 776 10.39 -23.09 -6.09
N MET A 777 10.55 -23.14 -4.79
CA MET A 777 9.99 -22.10 -3.91
C MET A 777 10.75 -20.76 -3.96
N PHE A 778 12.08 -20.75 -4.24
CA PHE A 778 12.78 -19.51 -4.51
C PHE A 778 12.07 -18.84 -5.72
N LEU A 779 11.93 -19.59 -6.81
CA LEU A 779 11.35 -19.10 -8.03
C LEU A 779 9.86 -18.67 -7.88
N GLU A 780 9.06 -19.48 -7.17
CA GLU A 780 7.65 -19.22 -7.06
C GLU A 780 7.42 -18.02 -6.14
N LEU A 781 8.27 -17.85 -5.13
CA LEU A 781 8.13 -16.70 -4.24
C LEU A 781 8.50 -15.43 -4.98
N PHE A 782 9.61 -15.46 -5.70
CA PHE A 782 10.02 -14.29 -6.43
C PHE A 782 8.89 -13.86 -7.41
N CYS A 783 8.30 -14.86 -8.04
CA CYS A 783 7.19 -14.68 -8.95
C CYS A 783 5.94 -14.05 -8.38
N GLN A 784 5.51 -14.61 -7.26
CA GLN A 784 4.46 -14.09 -6.49
C GLN A 784 4.72 -12.59 -6.24
N ILE A 785 5.91 -12.24 -5.77
CA ILE A 785 6.22 -10.88 -5.42
C ILE A 785 6.19 -9.91 -6.64
N ILE A 786 6.74 -10.35 -7.78
CA ILE A 786 6.80 -9.45 -8.92
C ILE A 786 5.56 -9.54 -9.79
N SER A 787 4.62 -10.41 -9.48
CA SER A 787 3.53 -10.72 -10.43
C SER A 787 2.56 -9.54 -10.77
N GLU A 788 1.90 -8.98 -9.76
CA GLU A 788 1.10 -7.78 -9.94
C GLU A 788 2.00 -6.59 -10.35
N PRO A 789 3.12 -6.34 -9.62
CA PRO A 789 3.91 -5.18 -10.10
C PRO A 789 4.26 -5.21 -11.57
N CYS A 790 4.52 -6.35 -12.15
CA CYS A 790 4.93 -6.14 -13.52
C CYS A 790 3.87 -6.04 -14.55
N PHE A 791 2.71 -6.62 -14.26
CA PHE A 791 1.50 -6.21 -14.93
C PHE A 791 1.27 -4.69 -14.73
N ASN A 792 1.27 -4.23 -13.50
CA ASN A 792 1.11 -2.81 -13.21
C ASN A 792 2.13 -1.88 -13.92
N THR A 793 3.39 -2.35 -13.97
CA THR A 793 4.44 -1.55 -14.59
C THR A 793 4.42 -1.62 -16.08
N LEU A 794 4.37 -2.82 -16.61
CA LEU A 794 4.65 -3.03 -18.06
C LEU A 794 3.42 -2.84 -18.89
N ARG A 795 2.27 -3.05 -18.28
CA ARG A 795 1.02 -2.75 -18.90
C ARG A 795 0.39 -1.43 -18.41
N THR A 796 -0.10 -1.41 -17.18
CA THR A 796 -0.88 -0.29 -16.70
C THR A 796 -0.18 1.09 -16.83
N LYS A 797 1.09 1.13 -16.46
CA LYS A 797 1.88 2.36 -16.52
C LYS A 797 2.48 2.52 -17.88
N GLU A 798 3.26 1.51 -18.34
CA GLU A 798 4.02 1.72 -19.60
C GLU A 798 3.22 1.36 -20.84
N GLN A 799 2.13 0.63 -20.61
CA GLN A 799 1.20 0.31 -21.69
C GLN A 799 1.94 -0.30 -22.87
N LEU A 800 2.79 -1.31 -22.61
CA LEU A 800 3.53 -1.96 -23.73
C LEU A 800 2.57 -2.85 -24.53
N GLY A 801 1.56 -3.39 -23.89
CA GLY A 801 0.61 -4.11 -24.68
C GLY A 801 -0.49 -4.59 -23.77
N TYR A 802 -1.48 -5.17 -24.41
CA TYR A 802 -2.51 -5.89 -23.73
C TYR A 802 -1.97 -7.22 -23.08
N ILE A 803 -1.21 -8.00 -23.84
CA ILE A 803 -0.67 -9.23 -23.29
C ILE A 803 0.65 -8.94 -22.60
N VAL A 804 0.61 -9.04 -21.28
CA VAL A 804 1.81 -8.85 -20.46
C VAL A 804 1.78 -9.96 -19.44
N PHE A 805 2.72 -10.92 -19.57
CA PHE A 805 2.74 -12.04 -18.67
C PHE A 805 4.11 -12.27 -17.97
N SER A 806 4.09 -12.70 -16.72
CA SER A 806 5.33 -13.16 -16.09
C SER A 806 5.00 -14.35 -15.17
N GLY A 807 5.96 -15.25 -14.91
CA GLY A 807 5.71 -16.36 -13.99
C GLY A 807 6.76 -17.44 -14.19
N PRO A 808 6.72 -18.54 -13.40
CA PRO A 808 7.63 -19.68 -13.69
C PRO A 808 7.45 -20.33 -15.09
N ARG A 809 8.53 -20.76 -15.71
CA ARG A 809 8.48 -21.69 -16.81
C ARG A 809 9.09 -23.01 -16.31
N ARG A 810 8.35 -24.14 -16.50
CA ARG A 810 8.75 -25.50 -16.06
C ARG A 810 8.67 -26.38 -17.31
N ALA A 811 9.77 -27.06 -17.65
CA ALA A 811 9.78 -27.99 -18.75
C ALA A 811 10.90 -28.96 -18.46
N ASN A 812 10.61 -30.23 -18.64
CA ASN A 812 11.66 -31.26 -18.69
C ASN A 812 12.50 -31.32 -17.43
N GLY A 813 11.89 -31.01 -16.29
CA GLY A 813 12.53 -31.04 -14.96
C GLY A 813 13.32 -29.78 -14.63
N ILE A 814 13.44 -28.87 -15.62
CA ILE A 814 14.15 -27.60 -15.45
C ILE A 814 13.14 -26.44 -15.34
N GLN A 815 13.59 -25.29 -14.87
CA GLN A 815 12.73 -24.15 -14.59
C GLN A 815 13.49 -22.86 -14.72
N GLY A 816 12.71 -21.78 -14.69
CA GLY A 816 13.22 -20.42 -14.75
C GLY A 816 12.09 -19.38 -14.80
N LEU A 817 12.45 -18.12 -14.96
CA LEU A 817 11.48 -17.07 -14.95
C LEU A 817 11.26 -16.67 -16.37
N ARG A 818 10.01 -16.54 -16.80
CA ARG A 818 9.75 -15.98 -18.13
C ARG A 818 8.88 -14.72 -18.09
N PHE A 819 8.97 -13.96 -19.19
CA PHE A 819 8.19 -12.75 -19.50
C PHE A 819 7.70 -12.96 -20.93
N ILE A 820 6.40 -12.76 -21.13
CA ILE A 820 5.79 -12.79 -22.42
C ILE A 820 5.02 -11.48 -22.63
N ILE A 821 5.34 -10.77 -23.71
CA ILE A 821 4.69 -9.51 -24.06
C ILE A 821 4.41 -9.53 -25.58
N GLN A 822 3.27 -8.96 -25.95
CA GLN A 822 2.94 -8.71 -27.32
C GLN A 822 2.65 -7.20 -27.38
N SER A 823 3.16 -6.53 -28.41
CA SER A 823 3.32 -5.07 -28.39
C SER A 823 3.43 -4.50 -29.79
N GLU A 824 3.22 -3.20 -29.95
CA GLU A 824 3.59 -2.54 -31.22
C GLU A 824 5.10 -2.14 -31.21
N LYS A 825 5.71 -2.08 -30.02
CA LYS A 825 7.08 -1.64 -29.82
C LYS A 825 8.06 -2.77 -30.23
N PRO A 826 9.25 -2.39 -30.70
CA PRO A 826 10.12 -3.50 -31.13
C PRO A 826 10.64 -4.33 -29.94
N PRO A 827 10.89 -5.65 -30.14
CA PRO A 827 11.44 -6.52 -29.11
C PRO A 827 12.66 -5.99 -28.37
N HIS A 828 13.63 -5.36 -29.07
CA HIS A 828 14.82 -4.85 -28.37
C HIS A 828 14.38 -3.82 -27.33
N TYR A 829 13.31 -3.07 -27.64
CA TYR A 829 12.78 -2.09 -26.70
C TYR A 829 12.08 -2.74 -25.49
N LEU A 830 11.24 -3.71 -25.77
CA LEU A 830 10.52 -4.53 -24.74
C LEU A 830 11.51 -5.12 -23.73
N GLU A 831 12.60 -5.61 -24.27
CA GLU A 831 13.72 -6.09 -23.49
C GLU A 831 14.34 -5.12 -22.47
N SER A 832 14.55 -3.84 -22.87
CA SER A 832 15.13 -2.85 -21.95
C SER A 832 14.19 -2.50 -20.84
N ARG A 833 12.90 -2.55 -21.17
CA ARG A 833 11.84 -2.28 -20.21
C ARG A 833 11.68 -3.39 -19.19
N VAL A 834 11.76 -4.63 -19.65
CA VAL A 834 11.76 -5.77 -18.70
C VAL A 834 12.99 -5.70 -17.78
N GLU A 835 14.15 -5.41 -18.36
CA GLU A 835 15.40 -5.22 -17.54
C GLU A 835 15.33 -4.06 -16.54
N ALA A 836 14.67 -2.96 -16.93
CA ALA A 836 14.41 -1.83 -16.02
C ALA A 836 13.48 -2.27 -14.97
N PHE A 837 12.45 -3.00 -15.37
CA PHE A 837 11.50 -3.51 -14.38
C PHE A 837 12.15 -4.36 -13.25
N LEU A 838 13.05 -5.25 -13.63
CA LEU A 838 13.71 -6.17 -12.72
C LEU A 838 14.57 -5.44 -11.67
N ILE A 839 15.25 -4.40 -12.10
CA ILE A 839 15.93 -3.50 -11.11
C ILE A 839 14.93 -2.85 -10.11
N THR A 840 13.87 -2.23 -10.61
CA THR A 840 12.78 -1.78 -9.76
C THR A 840 12.37 -2.81 -8.70
N MET A 841 12.28 -4.08 -9.12
CA MET A 841 11.89 -5.18 -8.21
C MET A 841 12.94 -5.53 -7.17
N GLU A 842 14.21 -5.47 -7.50
CA GLU A 842 15.24 -5.63 -6.44
C GLU A 842 15.09 -4.51 -5.41
N LYS A 843 14.99 -3.24 -5.84
CA LYS A 843 14.86 -2.11 -4.89
C LYS A 843 13.58 -2.29 -4.05
N SER A 844 12.53 -2.73 -4.71
CA SER A 844 11.26 -2.89 -4.08
C SER A 844 11.30 -4.00 -3.05
N ILE A 845 12.00 -5.08 -3.33
CA ILE A 845 12.16 -6.13 -2.32
C ILE A 845 13.00 -5.64 -1.12
N GLU A 846 14.01 -4.80 -1.39
CA GLU A 846 14.81 -4.18 -0.33
C GLU A 846 13.96 -3.25 0.58
N ASP A 847 13.09 -2.50 -0.07
CA ASP A 847 12.27 -1.51 0.59
C ASP A 847 11.01 -2.03 1.31
N MET A 848 10.57 -3.27 1.04
CA MET A 848 9.29 -3.75 1.55
C MET A 848 9.45 -4.23 3.00
N THR A 849 8.43 -4.00 3.81
CA THR A 849 8.45 -4.40 5.22
C THR A 849 8.56 -5.93 5.29
N GLU A 850 8.93 -6.48 6.46
CA GLU A 850 8.94 -7.94 6.61
C GLU A 850 7.53 -8.45 6.55
N GLU A 851 6.54 -7.72 7.08
CA GLU A 851 5.17 -8.14 7.04
C GLU A 851 4.66 -8.19 5.60
N ALA A 852 5.03 -7.22 4.75
CA ALA A 852 4.65 -7.25 3.33
C ALA A 852 5.21 -8.50 2.70
N PHE A 853 6.47 -8.82 3.04
CA PHE A 853 7.16 -10.04 2.66
C PHE A 853 6.42 -11.34 3.06
N GLN A 854 5.95 -11.38 4.31
CA GLN A 854 5.22 -12.53 4.83
C GLN A 854 3.81 -12.66 4.23
N LYS A 855 3.23 -11.57 3.71
CA LYS A 855 1.88 -11.62 3.13
C LYS A 855 2.06 -12.35 1.78
N HIS A 856 3.13 -12.04 1.05
CA HIS A 856 3.47 -12.80 -0.17
C HIS A 856 3.70 -14.32 0.05
N ILE A 857 4.39 -14.67 1.14
CA ILE A 857 4.60 -16.10 1.45
C ILE A 857 3.23 -16.74 1.68
N GLN A 858 2.41 -16.04 2.47
CA GLN A 858 1.08 -16.49 2.83
C GLN A 858 0.14 -16.62 1.60
N ALA A 859 0.21 -15.65 0.68
CA ALA A 859 -0.58 -15.65 -0.55
C ALA A 859 -0.18 -16.85 -1.45
N LEU A 860 1.13 -17.06 -1.62
CA LEU A 860 1.60 -18.23 -2.37
C LEU A 860 1.15 -19.54 -1.69
N ALA A 861 1.30 -19.59 -0.37
CA ALA A 861 0.81 -20.69 0.45
C ALA A 861 -0.65 -21.06 0.18
N ILE A 862 -1.57 -20.10 0.38
CA ILE A 862 -2.98 -20.29 0.03
C ILE A 862 -3.15 -20.76 -1.44
N ARG A 863 -2.42 -20.18 -2.39
CA ARG A 863 -2.55 -20.59 -3.77
C ARG A 863 -2.16 -22.07 -3.96
N ARG A 864 -1.03 -22.47 -3.41
CA ARG A 864 -0.58 -23.85 -3.50
C ARG A 864 -1.45 -24.84 -2.73
N LEU A 865 -2.04 -24.43 -1.59
CA LEU A 865 -2.83 -25.36 -0.75
C LEU A 865 -4.33 -25.44 -1.11
N ASP A 866 -4.76 -24.61 -2.04
CA ASP A 866 -6.17 -24.52 -2.44
C ASP A 866 -6.61 -25.92 -2.88
N LYS A 867 -7.65 -26.44 -2.26
CA LYS A 867 -8.11 -27.84 -2.48
C LYS A 867 -8.89 -27.93 -3.79
N PRO A 868 -8.65 -28.99 -4.60
CA PRO A 868 -9.52 -29.34 -5.74
C PRO A 868 -11.00 -29.40 -5.32
N LYS A 869 -11.88 -28.86 -6.14
CA LYS A 869 -13.30 -28.94 -5.79
C LYS A 869 -13.97 -30.10 -6.47
N LYS A 870 -13.32 -30.62 -7.51
CA LYS A 870 -13.93 -31.67 -8.29
C LYS A 870 -12.89 -32.75 -8.71
N LEU A 871 -13.39 -33.92 -9.13
CA LEU A 871 -12.51 -35.05 -9.36
C LEU A 871 -11.34 -34.71 -10.33
N SER A 872 -11.67 -34.11 -11.45
CA SER A 872 -10.71 -33.99 -12.50
C SER A 872 -9.60 -32.99 -12.16
N ALA A 873 -9.86 -32.05 -11.24
CA ALA A 873 -8.84 -31.14 -10.81
C ALA A 873 -7.84 -31.83 -9.88
N GLU A 874 -8.32 -32.79 -9.08
CA GLU A 874 -7.46 -33.62 -8.27
C GLU A 874 -6.65 -34.62 -9.14
N CYS A 875 -7.30 -35.23 -10.13
CA CYS A 875 -6.58 -36.08 -11.08
C CYS A 875 -5.48 -35.39 -11.79
N ALA A 876 -5.71 -34.12 -12.15
CA ALA A 876 -4.74 -33.38 -12.95
C ALA A 876 -3.51 -33.16 -12.15
N LYS A 877 -3.65 -32.86 -10.85
CA LYS A 877 -2.50 -32.71 -9.95
C LYS A 877 -1.69 -34.00 -9.94
N TYR A 878 -2.35 -35.16 -9.75
CA TYR A 878 -1.67 -36.49 -9.73
C TYR A 878 -1.06 -36.79 -11.07
N TRP A 879 -1.82 -36.54 -12.13
CA TRP A 879 -1.33 -36.72 -13.45
C TRP A 879 -0.09 -35.85 -13.74
N GLY A 880 0.00 -34.64 -13.22
CA GLY A 880 1.19 -33.79 -13.45
C GLY A 880 2.39 -34.49 -12.78
N GLU A 881 2.19 -35.07 -11.60
CA GLU A 881 3.27 -35.79 -10.88
C GLU A 881 3.70 -37.03 -11.69
N ILE A 882 2.74 -37.70 -12.30
CA ILE A 882 3.02 -38.95 -13.01
C ILE A 882 3.77 -38.66 -14.29
N ILE A 883 3.23 -37.80 -15.15
CA ILE A 883 3.82 -37.56 -16.43
C ILE A 883 5.17 -36.84 -16.29
N SER A 884 5.37 -35.97 -15.28
CA SER A 884 6.71 -35.40 -15.03
C SER A 884 7.71 -36.43 -14.42
N GLN A 885 7.20 -37.61 -14.03
CA GLN A 885 8.00 -38.64 -13.34
C GLN A 885 8.67 -38.19 -12.06
N GLN A 886 8.00 -37.27 -11.37
CA GLN A 886 8.45 -36.82 -10.10
C GLN A 886 7.70 -37.53 -9.00
N TYR A 887 6.45 -37.93 -9.25
CA TYR A 887 5.65 -38.73 -8.29
C TYR A 887 5.69 -38.18 -6.88
N ASN A 888 5.62 -36.85 -6.81
CA ASN A 888 5.65 -36.14 -5.52
C ASN A 888 4.23 -35.72 -5.10
N PHE A 889 3.45 -36.71 -4.66
CA PHE A 889 2.04 -36.50 -4.38
C PHE A 889 1.76 -35.61 -3.20
N ASP A 890 2.72 -35.49 -2.29
CA ASP A 890 2.58 -34.65 -1.12
C ASP A 890 3.38 -33.33 -1.23
N ARG A 891 3.81 -32.99 -2.45
CA ARG A 891 4.59 -31.78 -2.76
C ARG A 891 4.06 -30.51 -2.12
N ASP A 892 2.74 -30.37 -2.10
CA ASP A 892 2.17 -29.09 -1.65
C ASP A 892 2.46 -28.78 -0.18
N ASN A 893 2.32 -29.77 0.73
CA ASN A 893 2.59 -29.57 2.16
C ASN A 893 4.05 -29.33 2.38
N THR A 894 4.84 -30.08 1.65
CA THR A 894 6.28 -30.07 1.74
C THR A 894 6.94 -28.78 1.19
N GLU A 895 6.57 -28.44 -0.02
CA GLU A 895 6.96 -27.13 -0.57
C GLU A 895 6.51 -25.93 0.24
N VAL A 896 5.25 -25.91 0.64
CA VAL A 896 4.72 -24.86 1.51
C VAL A 896 5.45 -24.77 2.88
N ALA A 897 5.67 -25.90 3.58
CA ALA A 897 6.50 -25.87 4.84
C ALA A 897 7.88 -25.23 4.61
N TYR A 898 8.52 -25.55 3.49
CA TYR A 898 9.82 -24.95 3.19
C TYR A 898 9.77 -23.38 2.91
N LEU A 899 8.68 -23.00 2.25
CA LEU A 899 8.47 -21.67 1.76
C LEU A 899 8.39 -20.73 2.97
N LYS A 900 7.72 -21.18 4.01
CA LYS A 900 7.50 -20.34 5.17
C LYS A 900 8.77 -20.00 5.97
N THR A 901 9.85 -20.68 5.62
CA THR A 901 11.21 -20.61 6.16
C THR A 901 12.02 -19.48 5.51
N LEU A 902 11.60 -19.08 4.31
CA LEU A 902 12.40 -18.18 3.47
C LEU A 902 12.41 -16.77 3.98
N THR A 903 13.50 -16.07 3.73
CA THR A 903 13.53 -14.69 4.18
C THR A 903 13.72 -13.78 3.00
N LYS A 904 13.58 -12.49 3.29
CA LYS A 904 13.86 -11.44 2.37
C LYS A 904 15.28 -11.57 1.83
N GLU A 905 16.21 -11.87 2.74
CA GLU A 905 17.62 -12.07 2.44
C GLU A 905 17.82 -13.19 1.42
N ASP A 906 17.17 -14.34 1.64
CA ASP A 906 17.15 -15.47 0.71
C ASP A 906 16.70 -15.08 -0.69
N ILE A 907 15.64 -14.32 -0.82
CA ILE A 907 15.19 -13.91 -2.17
C ILE A 907 16.12 -12.87 -2.80
N ILE A 908 16.69 -11.98 -2.00
CA ILE A 908 17.68 -11.02 -2.54
C ILE A 908 18.88 -11.73 -3.12
N LYS A 909 19.29 -12.78 -2.42
CA LYS A 909 20.45 -13.57 -2.80
C LYS A 909 20.18 -14.41 -4.04
N PHE A 910 18.99 -15.04 -4.09
CA PHE A 910 18.55 -15.75 -5.29
C PHE A 910 18.59 -14.79 -6.50
N TYR A 911 18.01 -13.58 -6.36
CA TYR A 911 17.97 -12.64 -7.46
C TYR A 911 19.37 -12.24 -7.97
N LYS A 912 20.20 -11.80 -7.01
CA LYS A 912 21.61 -11.45 -7.24
C LYS A 912 22.47 -12.57 -7.90
N GLU A 913 22.24 -13.81 -7.49
CA GLU A 913 22.94 -14.97 -8.07
C GLU A 913 22.48 -15.49 -9.50
N MET A 914 21.17 -15.50 -9.75
CA MET A 914 20.57 -16.09 -10.96
C MET A 914 19.93 -15.11 -11.93
N LEU A 915 19.52 -13.94 -11.46
CA LEU A 915 18.52 -13.09 -12.17
C LEU A 915 19.03 -11.72 -12.53
N ALA A 916 19.81 -11.10 -11.63
CA ALA A 916 20.32 -9.74 -11.90
C ALA A 916 21.12 -9.67 -13.21
N VAL A 917 21.16 -8.50 -13.79
CA VAL A 917 21.87 -8.27 -15.07
C VAL A 917 23.37 -8.61 -15.01
N ASP A 918 23.99 -8.43 -13.84
CA ASP A 918 25.36 -8.91 -13.64
C ASP A 918 25.43 -10.13 -12.72
N ALA A 919 24.37 -10.94 -12.71
CA ALA A 919 24.36 -12.20 -11.96
C ALA A 919 25.40 -13.19 -12.53
N PRO A 920 26.19 -13.82 -11.62
CA PRO A 920 27.22 -14.79 -12.04
C PRO A 920 26.65 -16.03 -12.76
N ARG A 921 25.39 -16.40 -12.48
CA ARG A 921 24.74 -17.54 -13.09
C ARG A 921 23.47 -17.12 -13.87
N ARG A 922 23.51 -15.98 -14.53
CA ARG A 922 22.42 -15.57 -15.37
C ARG A 922 22.40 -16.44 -16.63
N HIS A 923 21.24 -17.02 -16.97
CA HIS A 923 21.14 -17.79 -18.24
C HIS A 923 19.93 -17.30 -19.00
N LYS A 924 20.15 -16.40 -19.96
CA LYS A 924 19.05 -15.70 -20.61
C LYS A 924 18.96 -16.13 -22.07
N VAL A 925 17.76 -16.50 -22.49
CA VAL A 925 17.41 -16.66 -23.90
C VAL A 925 16.15 -15.81 -24.15
N SER A 926 16.11 -15.22 -25.32
CA SER A 926 15.03 -14.33 -25.74
C SER A 926 14.62 -14.81 -27.13
N VAL A 927 13.29 -14.85 -27.34
CA VAL A 927 12.75 -15.04 -28.68
C VAL A 927 12.12 -13.72 -29.06
N HIS A 928 12.56 -13.18 -30.20
CA HIS A 928 12.02 -11.92 -30.75
C HIS A 928 11.18 -12.24 -31.97
N VAL A 929 9.90 -11.91 -31.91
CA VAL A 929 9.06 -12.07 -33.13
C VAL A 929 8.67 -10.68 -33.58
N LEU A 930 9.17 -10.31 -34.73
CA LEU A 930 8.89 -9.00 -35.31
C LEU A 930 7.50 -8.95 -35.95
N ALA A 931 6.87 -7.80 -35.81
CA ALA A 931 5.61 -7.45 -36.50
C ALA A 931 5.77 -7.59 -38.01
N ARG A 932 4.66 -7.88 -38.71
CA ARG A 932 4.61 -7.97 -40.20
C ARG A 932 5.47 -6.86 -40.84
N GLU A 933 5.34 -5.63 -40.31
CA GLU A 933 5.95 -4.43 -40.95
C GLU A 933 7.32 -3.96 -40.42
N MET A 934 7.82 -4.49 -39.30
CA MET A 934 9.23 -4.25 -38.91
C MET A 934 10.02 -5.13 -39.84
N ASP A 935 10.87 -4.51 -40.66
CA ASP A 935 11.45 -5.17 -41.85
C ASP A 935 12.42 -6.31 -41.46
N SER A 936 13.70 -5.96 -41.38
CA SER A 936 14.59 -6.59 -40.41
C SER A 936 14.63 -5.64 -39.19
N CYS A 937 15.65 -5.76 -38.36
CA CYS A 937 15.66 -5.02 -37.10
C CYS A 937 16.86 -5.34 -36.22
N PRO A 938 17.37 -4.33 -35.44
CA PRO A 938 18.43 -4.53 -34.41
C PRO A 938 17.97 -5.41 -33.23
N VAL A 939 18.83 -6.33 -32.76
CA VAL A 939 18.51 -7.21 -31.58
C VAL A 939 18.70 -6.54 -30.18
N VAL A 940 19.64 -5.57 -30.13
CA VAL A 940 19.81 -4.61 -29.00
C VAL A 940 19.53 -3.13 -29.41
N GLY A 941 19.36 -2.26 -28.41
CA GLY A 941 19.23 -0.81 -28.63
C GLY A 941 20.06 0.00 -27.65
N ASN A 950 9.64 9.79 -14.92
CA ASN A 950 8.90 9.20 -16.05
C ASN A 950 9.15 7.68 -16.14
N LEU A 951 9.95 7.22 -17.11
CA LEU A 951 10.40 5.81 -17.18
C LEU A 951 11.61 5.53 -16.27
N SER A 952 11.52 4.51 -15.42
CA SER A 952 12.73 3.99 -14.75
C SER A 952 13.87 3.68 -15.74
N GLN A 953 15.07 3.63 -15.22
CA GLN A 953 16.26 3.56 -16.04
C GLN A 953 16.66 2.08 -16.37
N ALA A 954 16.74 1.79 -17.65
CA ALA A 954 17.18 0.46 -18.13
C ALA A 954 18.73 0.39 -18.11
N PRO A 955 19.30 -0.76 -17.65
CA PRO A 955 20.75 -1.00 -17.54
C PRO A 955 21.30 -1.29 -18.92
N ALA A 956 22.61 -1.13 -19.11
CA ALA A 956 23.23 -1.51 -20.39
C ALA A 956 23.23 -3.05 -20.46
N LEU A 957 22.85 -3.58 -21.62
CA LEU A 957 22.92 -5.03 -21.80
C LEU A 957 24.09 -5.45 -22.68
N PRO A 958 24.61 -6.66 -22.46
CA PRO A 958 25.68 -7.13 -23.36
C PRO A 958 25.20 -7.37 -24.79
N GLN A 959 26.12 -7.71 -25.68
CA GLN A 959 25.80 -8.09 -27.05
C GLN A 959 25.26 -9.55 -27.01
N PRO A 960 24.04 -9.81 -27.53
CA PRO A 960 23.60 -11.24 -27.45
C PRO A 960 24.31 -12.09 -28.52
N GLU A 961 24.47 -13.38 -28.24
CA GLU A 961 24.76 -14.31 -29.33
C GLU A 961 23.44 -14.59 -30.08
N VAL A 962 23.38 -14.23 -31.35
CA VAL A 962 22.19 -14.45 -32.15
C VAL A 962 22.19 -15.89 -32.66
N ILE A 963 21.15 -16.65 -32.34
CA ILE A 963 20.97 -18.00 -32.83
C ILE A 963 20.59 -17.97 -34.31
N GLN A 964 21.42 -18.64 -35.11
CA GLN A 964 21.23 -18.73 -36.55
C GLN A 964 20.53 -20.04 -36.93
N ASN A 965 20.83 -21.10 -36.19
CA ASN A 965 20.41 -22.43 -36.52
C ASN A 965 20.13 -23.20 -35.21
N MET A 966 18.90 -23.65 -35.03
CA MET A 966 18.51 -24.29 -33.80
C MET A 966 19.29 -25.56 -33.48
N THR A 967 19.55 -26.34 -34.53
CA THR A 967 20.29 -27.59 -34.44
C THR A 967 21.70 -27.28 -33.92
N GLU A 968 22.40 -26.32 -34.54
CA GLU A 968 23.72 -25.95 -34.07
C GLU A 968 23.77 -25.39 -32.64
N PHE A 969 22.82 -24.50 -32.34
CA PHE A 969 22.66 -23.99 -31.00
C PHE A 969 22.59 -25.16 -29.98
N LYS A 970 21.69 -26.10 -30.23
CA LYS A 970 21.50 -27.24 -29.34
C LYS A 970 22.76 -28.14 -29.22
N ARG A 971 23.46 -28.34 -30.33
CA ARG A 971 24.62 -29.24 -30.40
C ARG A 971 25.78 -28.68 -29.60
N GLY A 972 25.83 -27.36 -29.51
CA GLY A 972 26.91 -26.69 -28.92
C GLY A 972 26.77 -26.43 -27.47
N LEU A 973 25.76 -27.01 -26.81
CA LEU A 973 25.51 -26.76 -25.41
C LEU A 973 25.31 -28.07 -24.69
N PRO A 974 25.60 -28.10 -23.37
CA PRO A 974 25.28 -29.34 -22.64
C PRO A 974 23.77 -29.58 -22.51
N LEU A 975 23.37 -30.74 -21.98
CA LEU A 975 21.96 -31.02 -21.69
C LEU A 975 21.90 -31.26 -20.23
N PHE A 976 20.78 -30.85 -19.61
CA PHE A 976 20.60 -30.98 -18.18
C PHE A 976 20.39 -32.43 -17.86
N PRO A 977 20.58 -32.82 -16.57
CA PRO A 977 20.10 -34.12 -16.16
C PRO A 977 18.57 -34.11 -16.23
N LEU A 978 17.97 -35.27 -15.96
CA LEU A 978 16.54 -35.38 -15.69
C LEU A 978 16.33 -35.40 -14.17
N VAL A 979 15.19 -34.91 -13.69
CA VAL A 979 14.91 -34.92 -12.25
C VAL A 979 14.72 -36.38 -11.76
N LYS A 980 15.29 -36.72 -10.59
CA LYS A 980 15.08 -38.03 -9.97
C LYS A 980 13.61 -38.17 -9.43
N PRO A 981 12.98 -39.36 -9.64
CA PRO A 981 11.64 -39.64 -9.04
C PRO A 981 11.65 -39.59 -7.52
N HIS A 982 10.52 -39.19 -6.95
CA HIS A 982 10.33 -39.26 -5.51
C HIS A 982 10.10 -40.73 -5.12
N PRO B 16 32.87 -13.66 16.00
CA PRO B 16 33.72 -13.07 17.04
C PRO B 16 33.09 -13.21 18.44
N ALA B 17 32.81 -12.03 19.03
CA ALA B 17 31.98 -11.70 20.21
C ALA B 17 30.60 -11.13 19.79
N ILE B 18 30.08 -11.64 18.67
CA ILE B 18 28.87 -11.14 18.03
C ILE B 18 27.90 -12.31 17.84
N LYS B 19 26.76 -12.29 18.53
CA LYS B 19 25.81 -13.40 18.46
C LYS B 19 25.11 -13.46 17.10
N ARG B 20 24.68 -12.31 16.59
CA ARG B 20 23.94 -12.23 15.33
C ARG B 20 24.30 -10.93 14.60
N ILE B 21 24.47 -11.05 13.29
CA ILE B 21 24.46 -9.88 12.40
C ILE B 21 23.13 -9.81 11.68
N GLY B 22 22.56 -8.62 11.70
CA GLY B 22 21.25 -8.43 11.16
C GLY B 22 21.27 -8.16 9.67
N ASN B 23 20.56 -9.05 9.00
CA ASN B 23 20.03 -8.84 7.65
C ASN B 23 19.71 -7.38 7.39
N HIS B 24 19.93 -6.88 6.16
CA HIS B 24 19.02 -5.93 5.52
C HIS B 24 18.06 -5.19 6.51
N ILE B 25 18.50 -4.02 6.96
CA ILE B 25 17.67 -3.10 7.78
C ILE B 25 16.79 -2.29 6.80
N THR B 26 15.48 -2.51 6.84
CA THR B 26 14.52 -1.86 5.92
C THR B 26 14.57 -0.34 6.19
N LYS B 27 15.02 0.42 5.18
CA LYS B 27 15.12 1.86 5.26
C LYS B 27 14.28 2.50 4.15
N SER B 28 14.12 3.82 4.27
CA SER B 28 13.39 4.62 3.29
C SER B 28 14.16 4.54 2.01
N PRO B 29 13.44 4.47 0.88
CA PRO B 29 14.08 4.54 -0.46
C PRO B 29 15.05 5.73 -0.59
N GLU B 30 14.75 6.88 0.04
CA GLU B 30 15.52 8.15 -0.17
C GLU B 30 16.72 8.26 0.79
N ASP B 31 16.80 7.37 1.78
CA ASP B 31 17.84 7.39 2.82
C ASP B 31 19.12 6.82 2.24
N LYS B 32 20.19 7.60 2.29
CA LYS B 32 21.50 7.22 1.75
C LYS B 32 22.45 6.68 2.83
N ARG B 33 22.17 6.98 4.09
CA ARG B 33 22.81 6.30 5.22
C ARG B 33 22.75 4.78 5.04
N GLU B 34 23.78 4.12 5.53
CA GLU B 34 23.81 2.67 5.59
C GLU B 34 23.75 2.17 7.02
N TYR B 35 23.13 1.01 7.15
CA TYR B 35 22.72 0.46 8.42
C TYR B 35 23.16 -1.00 8.56
N ARG B 36 23.57 -1.35 9.77
CA ARG B 36 23.69 -2.76 10.19
C ARG B 36 23.18 -2.96 11.63
N GLY B 37 22.33 -3.97 11.81
CA GLY B 37 21.89 -4.47 13.10
C GLY B 37 22.80 -5.58 13.59
N LEU B 38 23.08 -5.57 14.89
CA LEU B 38 23.85 -6.63 15.55
C LEU B 38 23.21 -6.97 16.87
N GLU B 39 23.38 -8.19 17.28
CA GLU B 39 23.25 -8.51 18.68
C GLU B 39 24.60 -9.04 19.19
N LEU B 40 25.16 -8.35 20.17
CA LEU B 40 26.40 -8.83 20.78
C LEU B 40 26.17 -10.09 21.62
N ALA B 41 27.28 -10.74 21.99
CA ALA B 41 27.25 -12.01 22.71
C ALA B 41 26.64 -11.79 24.10
N ASN B 42 26.94 -10.62 24.69
CA ASN B 42 26.34 -10.21 25.95
C ASN B 42 24.84 -9.82 25.87
N GLY B 43 24.20 -9.83 24.70
CA GLY B 43 22.75 -9.51 24.65
C GLY B 43 22.43 -8.07 24.19
N ILE B 44 23.42 -7.18 24.14
CA ILE B 44 23.20 -5.82 23.71
C ILE B 44 22.74 -5.79 22.22
N LYS B 45 21.54 -5.22 21.97
CA LYS B 45 21.03 -4.91 20.60
C LYS B 45 21.70 -3.64 20.05
N VAL B 46 22.24 -3.71 18.84
CA VAL B 46 23.02 -2.60 18.24
C VAL B 46 22.45 -2.20 16.86
N LEU B 47 22.38 -0.89 16.60
CA LEU B 47 22.24 -0.38 15.23
C LEU B 47 23.42 0.50 14.96
N LEU B 48 24.09 0.22 13.86
CA LEU B 48 25.18 1.01 13.36
C LEU B 48 24.70 1.79 12.15
N ILE B 49 25.02 3.08 12.14
CA ILE B 49 24.59 3.94 11.01
C ILE B 49 25.82 4.56 10.43
N SER B 50 26.14 4.19 9.19
CA SER B 50 27.24 4.85 8.51
C SER B 50 26.72 6.01 7.65
N ASP B 51 27.25 7.20 7.93
CA ASP B 51 26.95 8.38 7.16
C ASP B 51 28.25 9.16 6.87
N PRO B 52 28.89 8.87 5.72
CA PRO B 52 30.14 9.52 5.34
C PRO B 52 30.08 11.06 5.16
N THR B 53 28.90 11.68 5.09
CA THR B 53 28.77 13.16 4.97
C THR B 53 28.59 13.89 6.35
N THR B 54 28.32 13.11 7.41
CA THR B 54 27.90 13.72 8.67
C THR B 54 28.98 14.61 9.29
N ASP B 55 28.60 15.80 9.78
CA ASP B 55 29.54 16.67 10.52
C ASP B 55 29.70 16.34 12.01
N LYS B 56 28.66 15.70 12.57
CA LYS B 56 28.62 15.26 13.96
C LYS B 56 28.29 13.81 13.95
N SER B 57 29.10 13.03 14.66
CA SER B 57 28.75 11.64 14.94
C SER B 57 28.01 11.57 16.29
N SER B 58 27.46 10.40 16.64
CA SER B 58 26.55 10.31 17.79
C SER B 58 26.43 8.86 18.25
N ALA B 59 26.17 8.71 19.56
CA ALA B 59 25.79 7.45 20.15
C ALA B 59 24.70 7.69 21.20
N ALA B 60 23.84 6.69 21.34
CA ALA B 60 22.89 6.65 22.41
C ALA B 60 22.85 5.23 22.94
N LEU B 61 22.51 5.10 24.22
CA LEU B 61 22.25 3.78 24.82
C LEU B 61 21.07 3.94 25.73
N ASP B 62 20.13 3.01 25.57
CA ASP B 62 18.92 2.99 26.32
C ASP B 62 18.93 1.72 27.16
N VAL B 63 18.85 1.89 28.49
CA VAL B 63 18.65 0.76 29.40
C VAL B 63 17.19 0.60 29.65
N HIS B 64 16.66 -0.59 29.44
CA HIS B 64 15.26 -0.81 29.66
C HIS B 64 14.85 -0.94 31.13
N ILE B 65 15.30 0.02 31.94
CA ILE B 65 14.90 0.14 33.31
C ILE B 65 14.73 1.64 33.58
N GLY B 66 13.78 1.94 34.45
CA GLY B 66 13.59 3.32 34.83
C GLY B 66 12.88 3.33 36.16
N SER B 67 12.16 4.41 36.41
CA SER B 67 11.77 4.78 37.76
C SER B 67 10.64 3.92 38.34
N LEU B 68 9.95 3.18 37.48
CA LEU B 68 9.00 2.17 37.92
C LEU B 68 9.66 1.03 38.73
N SER B 69 11.00 0.91 38.61
CA SER B 69 11.81 -0.06 39.34
C SER B 69 12.54 0.58 40.50
N ASP B 70 12.30 1.85 40.81
CA ASP B 70 12.89 2.42 41.98
C ASP B 70 12.47 1.62 43.24
N PRO B 71 13.39 1.51 44.25
CA PRO B 71 13.04 0.93 45.57
C PRO B 71 11.96 1.79 46.12
N PRO B 72 10.91 1.18 46.70
CA PRO B 72 9.75 1.89 47.29
C PRO B 72 10.13 2.87 48.37
N ASN B 73 11.29 2.68 48.99
CA ASN B 73 11.72 3.54 50.03
C ASN B 73 12.81 4.48 49.58
N ILE B 74 13.17 4.52 48.28
CA ILE B 74 14.09 5.58 47.75
C ILE B 74 13.57 6.13 46.38
N ALA B 75 12.51 6.93 46.45
CA ALA B 75 11.83 7.48 45.30
C ALA B 75 12.87 8.33 44.55
N GLY B 76 13.05 8.14 43.26
CA GLY B 76 14.00 9.03 42.53
C GLY B 76 15.31 8.37 42.17
N LEU B 77 15.53 7.17 42.68
CA LEU B 77 16.86 6.52 42.58
C LEU B 77 17.36 6.36 41.16
N SER B 78 16.57 5.76 40.27
CA SER B 78 17.06 5.58 38.93
C SER B 78 17.33 6.92 38.15
N HIS B 79 16.56 7.96 38.49
CA HIS B 79 16.80 9.34 38.01
C HIS B 79 18.07 9.97 38.60
N PHE B 80 18.26 9.80 39.90
CA PHE B 80 19.50 10.24 40.52
C PHE B 80 20.73 9.54 39.89
N CYS B 81 20.63 8.23 39.71
CA CYS B 81 21.68 7.43 39.03
C CYS B 81 22.06 7.97 37.62
N GLN B 82 21.03 8.22 36.80
CA GLN B 82 21.16 8.96 35.54
C GLN B 82 22.03 10.28 35.65
N HIS B 83 21.75 11.14 36.64
CA HIS B 83 22.63 12.29 36.88
C HIS B 83 24.06 11.87 37.22
N MET B 84 24.20 10.88 38.07
CA MET B 84 25.52 10.51 38.61
C MET B 84 26.39 9.86 37.57
N LEU B 85 25.81 9.21 36.55
CA LEU B 85 26.70 8.53 35.58
C LEU B 85 27.63 9.52 34.91
N PHE B 86 27.24 10.79 34.89
CA PHE B 86 28.00 11.81 34.14
C PHE B 86 29.24 12.36 34.88
N LEU B 87 29.34 12.03 36.17
CA LEU B 87 30.27 12.66 37.09
C LEU B 87 31.50 11.81 37.42
N GLY B 88 31.91 10.88 36.53
CA GLY B 88 33.22 10.24 36.69
C GLY B 88 33.13 8.74 36.67
N THR B 89 34.14 8.09 36.11
CA THR B 89 34.18 6.63 36.06
C THR B 89 35.61 6.19 36.40
N LYS B 90 35.84 4.89 36.66
CA LYS B 90 37.23 4.42 36.99
C LYS B 90 38.30 4.88 35.97
N LYS B 91 38.03 4.70 34.68
CA LYS B 91 38.96 5.06 33.63
C LYS B 91 39.12 6.55 33.35
N TYR B 92 38.09 7.36 33.70
CA TYR B 92 38.09 8.80 33.49
C TYR B 92 37.48 9.38 34.75
N PRO B 93 38.26 9.40 35.84
CA PRO B 93 37.76 9.86 37.15
C PRO B 93 37.55 11.39 37.33
N LYS B 94 38.15 12.22 36.46
CA LYS B 94 37.90 13.67 36.54
C LYS B 94 36.41 13.89 36.34
N GLU B 95 35.81 14.59 37.27
CA GLU B 95 34.36 14.74 37.37
C GLU B 95 33.67 15.29 36.09
N ASN B 96 34.20 16.35 35.50
CA ASN B 96 33.73 16.86 34.18
C ASN B 96 34.48 16.32 32.93
N GLU B 97 35.17 15.21 33.05
CA GLU B 97 35.97 14.74 31.89
C GLU B 97 35.11 14.56 30.63
N TYR B 98 33.96 13.93 30.83
CA TYR B 98 33.08 13.59 29.75
C TYR B 98 32.56 14.87 29.08
N SER B 99 31.99 15.77 29.86
CA SER B 99 31.37 16.94 29.29
C SER B 99 32.40 17.96 28.82
N GLN B 100 33.53 18.09 29.50
CA GLN B 100 34.64 18.86 28.94
C GLN B 100 35.19 18.31 27.58
N PHE B 101 35.37 17.01 27.48
CA PHE B 101 35.77 16.46 26.21
C PHE B 101 34.77 16.84 25.10
N LEU B 102 33.50 16.71 25.37
CA LEU B 102 32.49 16.99 24.32
C LEU B 102 32.50 18.47 23.90
N SER B 103 32.51 19.35 24.88
CA SER B 103 32.67 20.77 24.64
C SER B 103 33.86 21.16 23.75
N GLU B 104 35.01 20.57 24.01
CA GLU B 104 36.26 20.88 23.28
C GLU B 104 36.24 20.27 21.90
N HIS B 105 35.24 19.41 21.65
CA HIS B 105 35.08 18.72 20.35
C HIS B 105 33.70 18.89 19.75
N ALA B 106 33.06 20.00 20.09
CA ALA B 106 31.84 20.43 19.43
C ALA B 106 30.64 19.50 19.73
N GLY B 107 30.67 18.86 20.91
CA GLY B 107 29.65 17.83 21.21
C GLY B 107 28.68 18.36 22.22
N SER B 108 27.66 17.59 22.54
CA SER B 108 26.69 17.94 23.54
C SER B 108 26.13 16.59 24.01
N SER B 109 25.46 16.57 25.17
CA SER B 109 24.95 15.30 25.71
C SER B 109 23.76 15.59 26.58
N ASN B 110 22.91 14.59 26.72
CA ASN B 110 21.87 14.65 27.71
C ASN B 110 21.37 13.24 28.03
N ALA B 111 20.38 13.11 28.91
CA ALA B 111 19.77 11.84 29.19
C ALA B 111 18.39 12.06 29.75
N PHE B 112 17.52 11.06 29.68
CA PHE B 112 16.27 11.12 30.41
C PHE B 112 15.97 9.82 31.13
N THR B 113 15.10 9.88 32.14
CA THR B 113 14.57 8.73 32.82
C THR B 113 13.05 8.72 32.70
N SER B 114 12.50 7.64 32.15
CA SER B 114 11.05 7.46 32.16
C SER B 114 10.79 6.27 33.08
N GLY B 115 9.54 5.81 33.10
CA GLY B 115 9.09 4.63 33.87
C GLY B 115 9.93 3.35 33.64
N GLU B 116 10.25 3.08 32.38
CA GLU B 116 10.93 1.86 31.94
C GLU B 116 12.23 2.04 31.16
N HIS B 117 12.71 3.28 30.98
CA HIS B 117 13.93 3.49 30.24
C HIS B 117 14.76 4.54 30.87
N THR B 118 16.05 4.38 30.68
CA THR B 118 16.96 5.46 30.92
C THR B 118 17.83 5.53 29.69
N ASN B 119 17.97 6.74 29.12
CA ASN B 119 18.40 6.89 27.74
C ASN B 119 19.45 7.97 27.78
N TYR B 120 20.66 7.64 27.32
CA TYR B 120 21.80 8.53 27.35
C TYR B 120 22.27 8.75 25.91
N TYR B 121 22.75 9.96 25.58
CA TYR B 121 23.06 10.25 24.18
C TYR B 121 24.02 11.39 24.08
N PHE B 122 24.84 11.39 23.04
CA PHE B 122 25.74 12.49 22.83
C PHE B 122 25.89 12.68 21.34
N ASP B 123 26.33 13.89 20.97
CA ASP B 123 26.98 14.06 19.67
C ASP B 123 28.39 14.67 19.83
N VAL B 124 29.14 14.71 18.73
CA VAL B 124 30.56 15.08 18.75
C VAL B 124 30.99 15.25 17.30
N SER B 125 31.89 16.19 17.06
CA SER B 125 32.70 16.25 15.82
C SER B 125 32.96 14.85 15.30
N HIS B 126 32.68 14.60 14.01
CA HIS B 126 32.82 13.23 13.47
C HIS B 126 34.22 12.59 13.62
N GLU B 127 35.24 13.41 13.79
CA GLU B 127 36.61 12.94 13.94
C GLU B 127 36.90 12.42 15.34
N HIS B 128 35.98 12.64 16.30
CA HIS B 128 36.22 12.29 17.71
C HIS B 128 35.23 11.30 18.29
N LEU B 129 34.62 10.49 17.42
CA LEU B 129 33.68 9.47 17.84
C LEU B 129 34.22 8.51 18.87
N GLU B 130 35.41 7.93 18.58
CA GLU B 130 35.97 6.89 19.46
C GLU B 130 36.21 7.41 20.88
N GLY B 131 36.81 8.58 20.98
CA GLY B 131 37.17 9.14 22.28
C GLY B 131 35.94 9.47 23.13
N ALA B 132 34.86 9.94 22.46
CA ALA B 132 33.56 10.27 23.13
C ALA B 132 32.90 8.98 23.54
N LEU B 133 32.82 8.05 22.59
CA LEU B 133 32.23 6.74 22.79
C LEU B 133 32.89 5.94 23.93
N ASP B 134 34.21 6.01 24.01
CA ASP B 134 34.95 5.34 25.08
C ASP B 134 34.62 6.00 26.43
N ARG B 135 34.67 7.32 26.51
CA ARG B 135 34.26 7.97 27.74
C ARG B 135 32.80 7.62 28.19
N PHE B 136 31.88 7.61 27.21
CA PHE B 136 30.48 7.23 27.37
C PHE B 136 30.27 5.78 27.86
N ALA B 137 31.00 4.82 27.24
CA ALA B 137 30.81 3.38 27.48
C ALA B 137 31.16 3.05 28.95
N GLN B 138 32.06 3.85 29.56
CA GLN B 138 32.50 3.69 30.95
C GLN B 138 31.37 3.89 31.94
N PHE B 139 30.40 4.75 31.59
CA PHE B 139 29.17 4.96 32.40
C PHE B 139 28.54 3.62 32.75
N PHE B 140 28.67 2.69 31.81
CA PHE B 140 27.92 1.43 31.85
C PHE B 140 28.77 0.29 32.37
N LEU B 141 29.96 0.63 32.83
CA LEU B 141 30.97 -0.37 33.26
C LEU B 141 31.39 -0.07 34.68
N CYS B 142 31.98 1.09 34.94
CA CYS B 142 32.10 1.49 36.35
C CYS B 142 32.16 2.95 36.71
N PRO B 143 30.98 3.52 36.95
CA PRO B 143 30.84 4.89 37.45
C PRO B 143 31.40 5.01 38.88
N LEU B 144 31.93 6.17 39.25
CA LEU B 144 32.41 6.37 40.63
C LEU B 144 31.29 6.43 41.62
N PHE B 145 30.13 7.02 41.25
CA PHE B 145 29.18 7.51 42.26
C PHE B 145 29.98 8.11 43.43
N ASP B 146 30.94 8.97 43.11
CA ASP B 146 31.73 9.68 44.11
C ASP B 146 30.87 10.31 45.20
N GLU B 147 31.34 10.21 46.44
CA GLU B 147 30.53 10.62 47.59
C GLU B 147 30.16 12.14 47.63
N SER B 148 31.16 13.00 47.49
CA SER B 148 30.94 14.43 47.62
C SER B 148 30.19 14.94 46.39
N CYS B 149 30.42 14.24 45.34
CA CYS B 149 29.80 14.49 44.11
C CYS B 149 28.27 14.19 44.12
N LYS B 150 27.92 13.11 44.82
CA LYS B 150 26.56 12.74 45.14
C LYS B 150 25.82 13.72 46.07
N ASP B 151 26.50 14.14 47.15
CA ASP B 151 26.01 15.20 48.05
C ASP B 151 25.79 16.55 47.36
N ARG B 152 26.56 16.85 46.31
CA ARG B 152 26.34 18.02 45.51
C ARG B 152 25.13 17.87 44.60
N GLU B 153 25.14 16.82 43.81
CA GLU B 153 24.22 16.65 42.66
C GLU B 153 22.79 16.31 43.09
N VAL B 154 22.61 15.85 44.35
CA VAL B 154 21.27 15.73 44.93
C VAL B 154 20.52 17.11 44.90
N ASN B 155 21.29 18.20 44.94
CA ASN B 155 20.74 19.56 44.88
C ASN B 155 20.21 19.90 43.49
N ALA B 156 20.85 19.36 42.44
CA ALA B 156 20.39 19.44 41.06
C ALA B 156 19.06 18.76 40.88
N VAL B 157 18.89 17.58 41.48
CA VAL B 157 17.65 16.83 41.40
C VAL B 157 16.54 17.56 42.18
N ASP B 158 16.84 18.01 43.37
CA ASP B 158 15.90 18.75 44.17
C ASP B 158 15.37 20.04 43.45
N SER B 159 16.30 20.74 42.86
CA SER B 159 16.00 21.93 42.13
C SER B 159 15.13 21.68 40.87
N GLU B 160 15.45 20.58 40.13
CA GLU B 160 14.69 19.92 39.03
C GLU B 160 13.20 19.69 39.49
N HIS B 161 13.06 19.07 40.66
CA HIS B 161 11.74 18.84 41.17
C HIS B 161 11.03 20.18 41.54
N GLU B 162 11.76 21.05 42.24
CA GLU B 162 11.25 22.33 42.68
C GLU B 162 10.65 23.16 41.55
N LYS B 163 11.30 23.19 40.39
CA LYS B 163 10.80 23.92 39.26
C LYS B 163 9.44 23.32 38.80
N ASN B 164 9.23 22.02 39.01
CA ASN B 164 8.04 21.28 38.54
C ASN B 164 6.88 21.41 39.52
N VAL B 165 7.16 21.70 40.78
CA VAL B 165 6.14 21.67 41.85
C VAL B 165 4.89 22.54 41.51
N MET B 166 5.10 23.70 40.95
CA MET B 166 4.02 24.64 40.64
C MET B 166 3.64 24.61 39.13
N ASN B 167 4.11 23.59 38.39
CA ASN B 167 3.71 23.36 37.02
C ASN B 167 2.47 22.45 36.96
N ASP B 168 1.40 22.94 36.34
CA ASP B 168 0.13 22.21 36.27
C ASP B 168 0.22 20.83 35.61
N ALA B 169 1.01 20.71 34.55
CA ALA B 169 1.16 19.42 33.87
C ALA B 169 1.78 18.35 34.81
N TRP B 170 2.84 18.70 35.55
CA TRP B 170 3.50 17.76 36.49
C TRP B 170 2.60 17.38 37.64
N ARG B 171 1.90 18.37 38.20
CA ARG B 171 0.94 18.15 39.26
C ARG B 171 -0.11 17.10 38.87
N LEU B 172 -0.72 17.31 37.71
CA LEU B 172 -1.74 16.40 37.15
C LEU B 172 -1.18 14.98 36.92
N PHE B 173 0.00 14.94 36.32
CA PHE B 173 0.74 13.71 36.06
C PHE B 173 0.93 12.86 37.30
N GLN B 174 1.35 13.48 38.40
CA GLN B 174 1.58 12.76 39.63
C GLN B 174 0.26 12.53 40.36
N LEU B 175 -0.74 13.35 40.09
CA LEU B 175 -2.03 13.12 40.79
C LEU B 175 -2.80 11.92 40.24
N GLU B 176 -2.77 11.72 38.94
CA GLU B 176 -3.28 10.48 38.38
C GLU B 176 -2.62 9.19 39.02
N LYS B 177 -1.31 9.22 39.17
CA LYS B 177 -0.61 8.19 39.87
C LYS B 177 -1.12 7.98 41.32
N ALA B 178 -1.27 9.07 42.09
CA ALA B 178 -1.77 9.09 43.48
C ALA B 178 -3.21 8.58 43.60
N THR B 179 -3.96 8.56 42.50
CA THR B 179 -5.38 8.13 42.58
C THR B 179 -5.66 6.74 41.99
N GLY B 180 -4.61 6.02 41.60
CA GLY B 180 -4.78 4.61 41.23
C GLY B 180 -4.34 3.78 42.42
N ASN B 181 -4.17 2.47 42.20
CA ASN B 181 -3.72 1.52 43.24
C ASN B 181 -2.39 1.99 43.89
N PRO B 182 -2.40 2.28 45.22
CA PRO B 182 -1.15 2.73 45.83
C PRO B 182 -0.16 1.58 45.99
N LYS B 183 -0.57 0.36 45.63
CA LYS B 183 0.35 -0.75 45.69
C LYS B 183 1.07 -0.96 44.36
N HIS B 184 0.60 -0.28 43.31
CA HIS B 184 1.12 -0.45 41.94
C HIS B 184 2.35 0.45 41.81
N PRO B 185 3.46 -0.06 41.23
CA PRO B 185 4.60 0.86 40.94
C PRO B 185 4.21 2.17 40.15
N PHE B 186 3.08 2.19 39.44
CA PHE B 186 2.62 3.41 38.76
C PHE B 186 2.48 4.54 39.75
N SER B 187 2.19 4.21 41.02
CA SER B 187 2.00 5.26 42.07
C SER B 187 3.26 6.01 42.48
N LYS B 188 4.43 5.49 42.06
CA LYS B 188 5.73 5.99 42.54
C LYS B 188 6.04 7.44 42.16
N PHE B 189 6.80 8.14 43.00
CA PHE B 189 7.28 9.46 42.66
C PHE B 189 8.60 9.31 41.92
N GLY B 190 8.64 9.70 40.63
CA GLY B 190 9.75 9.37 39.75
C GLY B 190 10.97 10.27 39.88
N THR B 191 10.76 11.53 40.22
CA THR B 191 11.78 12.54 40.11
C THR B 191 12.75 12.41 41.30
N GLY B 192 12.19 12.12 42.49
CA GLY B 192 12.91 12.33 43.72
C GLY B 192 13.21 13.80 44.05
N ASN B 193 13.83 13.98 45.21
CA ASN B 193 14.14 15.30 45.75
C ASN B 193 15.10 15.11 46.90
N LYS B 194 15.56 16.21 47.51
CA LYS B 194 16.48 16.11 48.63
C LYS B 194 15.90 15.27 49.77
N TYR B 195 14.61 15.39 50.02
CA TYR B 195 13.99 14.57 51.06
C TYR B 195 14.13 13.07 50.72
N THR B 196 13.80 12.70 49.50
CA THR B 196 13.70 11.26 49.22
C THR B 196 15.06 10.62 49.01
N LEU B 197 16.08 11.43 48.71
CA LEU B 197 17.33 10.92 48.18
C LEU B 197 18.47 11.17 49.15
N GLU B 198 18.19 11.98 50.18
CA GLU B 198 19.19 12.30 51.21
C GLU B 198 18.60 12.27 52.64
N THR B 199 17.75 13.22 52.96
CA THR B 199 17.17 13.37 54.30
C THR B 199 16.50 12.10 54.84
N ARG B 200 15.56 11.55 54.12
CA ARG B 200 14.85 10.37 54.61
C ARG B 200 15.74 9.09 54.64
N PRO B 201 16.55 8.84 53.56
CA PRO B 201 17.53 7.75 53.70
C PRO B 201 18.49 7.85 54.93
N ASN B 202 19.06 9.02 55.18
CA ASN B 202 19.92 9.19 56.35
C ASN B 202 19.18 8.85 57.63
N GLN B 203 17.96 9.33 57.77
CA GLN B 203 17.13 9.00 58.95
C GLN B 203 16.93 7.49 59.10
N GLU B 204 16.74 6.79 57.99
CA GLU B 204 16.50 5.35 57.96
C GLU B 204 17.81 4.51 57.97
N GLY B 205 18.98 5.12 58.05
CA GLY B 205 20.26 4.43 58.02
C GLY B 205 20.61 3.83 56.66
N ILE B 206 20.01 4.38 55.61
CA ILE B 206 20.29 3.93 54.23
C ILE B 206 21.56 4.62 53.72
N ASP B 207 22.41 3.86 53.04
CA ASP B 207 23.59 4.39 52.35
C ASP B 207 23.35 4.55 50.82
N VAL B 208 23.20 5.79 50.38
CA VAL B 208 22.79 6.13 49.05
C VAL B 208 23.83 5.84 47.95
N ARG B 209 25.13 6.10 48.17
CA ARG B 209 26.18 5.56 47.27
C ARG B 209 25.93 4.10 47.04
N GLN B 210 25.75 3.33 48.13
CA GLN B 210 25.64 1.88 47.98
C GLN B 210 24.41 1.49 47.16
N GLU B 211 23.30 2.17 47.44
CA GLU B 211 22.05 1.91 46.73
C GLU B 211 22.15 2.26 45.24
N LEU B 212 22.90 3.30 44.89
CA LEU B 212 23.16 3.61 43.47
C LEU B 212 23.97 2.51 42.79
N LEU B 213 25.03 2.08 43.50
CA LEU B 213 25.92 0.98 43.02
C LEU B 213 25.13 -0.30 42.84
N LYS B 214 24.27 -0.60 43.77
CA LYS B 214 23.50 -1.83 43.74
C LYS B 214 22.43 -1.81 42.64
N PHE B 215 21.74 -0.67 42.52
CA PHE B 215 20.80 -0.49 41.41
C PHE B 215 21.59 -0.59 40.10
N HIS B 216 22.70 0.11 39.95
CA HIS B 216 23.45 -0.02 38.70
C HIS B 216 23.87 -1.50 38.43
N SER B 217 24.46 -2.13 39.45
CA SER B 217 24.82 -3.56 39.38
C SER B 217 23.65 -4.48 39.07
N ALA B 218 22.52 -4.32 39.75
CA ALA B 218 21.41 -5.21 39.49
C ALA B 218 20.72 -4.99 38.11
N TYR B 219 20.68 -3.75 37.62
CA TYR B 219 19.81 -3.48 36.46
C TYR B 219 20.51 -2.99 35.25
N TYR B 220 21.72 -2.47 35.44
CA TYR B 220 22.45 -2.04 34.27
C TYR B 220 23.14 -3.28 33.60
N SER B 221 22.31 -4.20 33.14
CA SER B 221 22.79 -5.42 32.53
C SER B 221 22.67 -5.28 31.02
N SER B 222 23.66 -5.88 30.36
CA SER B 222 23.78 -5.91 28.94
C SER B 222 22.53 -6.44 28.27
N ASN B 223 21.82 -7.40 28.86
CA ASN B 223 20.63 -7.96 28.20
C ASN B 223 19.48 -6.95 28.10
N LEU B 224 19.58 -5.83 28.84
CA LEU B 224 18.52 -4.80 28.95
C LEU B 224 18.95 -3.53 28.18
N MET B 225 20.05 -3.62 27.44
CA MET B 225 20.59 -2.45 26.78
C MET B 225 20.49 -2.50 25.25
N ALA B 226 20.29 -1.32 24.63
CA ALA B 226 20.29 -1.19 23.16
C ALA B 226 21.20 -0.01 22.92
N VAL B 227 22.06 -0.14 21.92
CA VAL B 227 23.07 0.87 21.65
C VAL B 227 22.97 1.26 20.19
N CYS B 228 23.12 2.56 19.93
CA CYS B 228 23.04 3.02 18.59
C CYS B 228 24.19 3.99 18.31
N VAL B 229 24.95 3.70 17.24
CA VAL B 229 26.15 4.47 16.88
C VAL B 229 26.13 4.95 15.40
N LEU B 230 26.30 6.27 15.21
CA LEU B 230 26.26 6.91 13.90
C LEU B 230 27.54 7.65 13.67
N GLY B 231 28.23 7.36 12.57
CA GLY B 231 29.51 8.02 12.26
C GLY B 231 29.84 7.96 10.79
N ARG B 232 30.96 8.58 10.42
CA ARG B 232 31.46 8.54 9.03
C ARG B 232 32.07 7.19 8.64
N GLU B 233 32.56 6.48 9.65
CA GLU B 233 33.18 5.18 9.48
C GLU B 233 32.27 4.23 8.75
N SER B 234 32.90 3.31 8.04
CA SER B 234 32.22 2.25 7.33
C SER B 234 31.50 1.40 8.40
N LEU B 235 30.57 0.54 7.97
CA LEU B 235 29.86 -0.33 8.90
C LEU B 235 30.79 -1.31 9.63
N ASP B 236 31.80 -1.87 8.92
CA ASP B 236 32.72 -2.83 9.56
C ASP B 236 33.57 -2.15 10.62
N ASP B 237 34.02 -0.94 10.37
CA ASP B 237 34.77 -0.21 11.38
C ASP B 237 33.87 0.15 12.58
N LEU B 238 32.60 0.52 12.33
CA LEU B 238 31.70 0.82 13.45
C LEU B 238 31.45 -0.42 14.25
N THR B 239 31.40 -1.55 13.53
CA THR B 239 31.17 -2.84 14.12
C THR B 239 32.29 -3.17 15.09
N ASN B 240 33.54 -2.95 14.64
CA ASN B 240 34.75 -3.14 15.46
C ASN B 240 34.77 -2.25 16.69
N LEU B 241 34.33 -0.99 16.51
CA LEU B 241 34.35 0.02 17.55
C LEU B 241 33.38 -0.40 18.68
N VAL B 242 32.15 -0.78 18.29
CA VAL B 242 31.13 -1.11 19.28
C VAL B 242 31.51 -2.35 20.08
N VAL B 243 31.97 -3.40 19.37
CA VAL B 243 32.50 -4.62 19.99
C VAL B 243 33.61 -4.29 20.96
N LYS B 244 34.52 -3.49 20.48
CA LYS B 244 35.66 -3.13 21.29
C LYS B 244 35.20 -2.49 22.62
N LEU B 245 34.26 -1.54 22.57
CA LEU B 245 33.93 -0.71 23.77
C LEU B 245 32.81 -1.29 24.60
N PHE B 246 31.97 -2.12 23.98
CA PHE B 246 30.72 -2.62 24.64
C PHE B 246 30.57 -4.10 24.98
N SER B 247 31.44 -4.97 24.41
CA SER B 247 31.27 -6.42 24.69
C SER B 247 31.69 -6.70 26.12
N GLU B 248 32.33 -5.73 26.75
CA GLU B 248 32.77 -5.89 28.13
C GLU B 248 31.67 -5.67 29.18
N VAL B 249 30.54 -5.12 28.74
CA VAL B 249 29.37 -4.91 29.64
C VAL B 249 28.86 -6.26 30.10
N GLU B 250 28.62 -6.37 31.38
CA GLU B 250 28.25 -7.68 31.96
C GLU B 250 26.79 -8.04 31.77
N ASN B 251 26.51 -9.30 31.47
CA ASN B 251 25.16 -9.78 31.29
C ASN B 251 24.73 -10.41 32.60
N LYS B 252 23.59 -9.97 33.13
CA LYS B 252 23.13 -10.47 34.37
C LYS B 252 21.81 -11.19 34.19
N ASN B 253 21.42 -11.38 32.94
CA ASN B 253 20.16 -12.01 32.64
C ASN B 253 19.03 -11.49 33.48
N VAL B 254 18.91 -10.16 33.53
CA VAL B 254 17.89 -9.52 34.34
C VAL B 254 16.57 -9.71 33.62
N PRO B 255 15.58 -10.21 34.33
CA PRO B 255 14.28 -10.25 33.68
C PRO B 255 13.60 -8.85 33.48
N LEU B 256 12.99 -8.65 32.31
CA LEU B 256 12.30 -7.41 32.01
C LEU B 256 11.10 -7.24 32.92
N PRO B 257 11.02 -6.11 33.68
CA PRO B 257 9.80 -5.80 34.46
C PRO B 257 8.52 -5.79 33.59
N GLU B 258 7.44 -6.36 34.11
CA GLU B 258 6.17 -6.45 33.41
C GLU B 258 5.16 -5.93 34.41
N PHE B 259 4.10 -5.26 33.98
CA PHE B 259 3.05 -4.82 34.91
C PHE B 259 1.65 -5.18 34.38
N PRO B 260 1.32 -6.50 34.38
CA PRO B 260 0.08 -6.98 33.78
C PRO B 260 -1.20 -6.46 34.48
N GLU B 261 -1.10 -6.17 35.76
CA GLU B 261 -2.25 -5.64 36.47
C GLU B 261 -2.39 -4.13 36.25
N HIS B 262 -3.57 -3.68 35.89
CA HIS B 262 -3.74 -2.27 35.60
C HIS B 262 -3.69 -1.43 36.86
N PRO B 263 -2.93 -0.31 36.85
CA PRO B 263 -3.11 0.49 38.07
C PRO B 263 -4.56 0.99 38.20
N GLN B 265 -7.95 -0.43 38.39
CA GLN B 265 -8.90 -1.41 39.03
C GLN B 265 -10.29 -0.81 39.32
N GLU B 266 -11.26 -1.72 39.61
CA GLU B 266 -12.69 -1.41 39.80
C GLU B 266 -12.99 -0.25 40.76
N GLU B 267 -12.37 -0.27 41.93
CA GLU B 267 -12.54 0.82 42.85
C GLU B 267 -12.06 2.21 42.35
N HIS B 268 -11.24 2.23 41.27
CA HIS B 268 -10.70 3.48 40.71
C HIS B 268 -11.48 3.98 39.46
N LEU B 269 -12.56 3.28 39.10
CA LEU B 269 -13.27 3.55 37.85
C LEU B 269 -14.55 4.21 38.21
N LYS B 270 -15.14 5.03 37.31
CA LYS B 270 -16.39 5.80 37.63
C LYS B 270 -16.11 6.77 38.77
N GLN B 271 -14.96 7.45 38.71
CA GLN B 271 -14.54 8.40 39.73
C GLN B 271 -14.47 9.77 39.06
N LEU B 272 -14.73 10.81 39.82
CA LEU B 272 -14.72 12.16 39.32
C LEU B 272 -13.75 12.88 40.21
N TYR B 273 -12.79 13.59 39.60
CA TYR B 273 -11.83 14.37 40.34
C TYR B 273 -11.99 15.84 40.02
N LYS B 274 -12.08 16.65 41.06
CA LYS B 274 -12.19 18.09 40.92
C LYS B 274 -10.90 18.70 41.46
N ILE B 275 -10.20 19.44 40.60
CA ILE B 275 -8.83 19.85 40.89
C ILE B 275 -8.65 21.35 40.76
N VAL B 276 -7.91 21.94 41.70
CA VAL B 276 -7.49 23.35 41.63
C VAL B 276 -6.14 23.51 40.92
N PRO B 277 -6.13 24.22 39.76
CA PRO B 277 -4.88 24.38 39.01
C PRO B 277 -4.13 25.56 39.61
N ILE B 278 -2.90 25.76 39.14
CA ILE B 278 -2.15 26.94 39.51
C ILE B 278 -2.50 28.07 38.53
N LYS B 279 -2.32 27.85 37.23
CA LYS B 279 -2.81 28.80 36.25
C LYS B 279 -4.35 28.83 36.29
N ASP B 280 -4.93 29.91 35.78
CA ASP B 280 -6.37 29.93 35.51
C ASP B 280 -6.60 29.20 34.20
N ILE B 281 -6.78 27.90 34.34
CA ILE B 281 -7.10 26.99 33.22
C ILE B 281 -8.33 26.18 33.56
N ARG B 282 -9.04 25.75 32.53
CA ARG B 282 -10.22 24.91 32.65
C ARG B 282 -10.14 23.74 31.66
N ASN B 283 -10.09 22.53 32.19
CA ASN B 283 -9.79 21.35 31.40
C ASN B 283 -10.61 20.22 31.90
N LEU B 284 -11.00 19.38 30.96
CA LEU B 284 -11.64 18.15 31.33
C LEU B 284 -10.76 16.98 30.78
N TYR B 285 -10.44 16.01 31.65
CA TYR B 285 -9.68 14.83 31.31
C TYR B 285 -10.53 13.60 31.51
N VAL B 286 -10.76 12.91 30.42
CA VAL B 286 -11.49 11.62 30.42
C VAL B 286 -10.47 10.53 30.10
N THR B 287 -10.46 9.47 30.89
CA THR B 287 -9.47 8.39 30.84
C THR B 287 -10.18 7.02 30.93
N PHE B 288 -9.83 6.10 30.04
CA PHE B 288 -10.25 4.72 30.14
C PHE B 288 -8.96 3.86 30.29
N PRO B 289 -8.93 2.96 31.27
CA PRO B 289 -7.82 1.99 31.25
C PRO B 289 -8.01 0.97 30.13
N ILE B 290 -6.93 0.67 29.44
CA ILE B 290 -6.95 -0.32 28.37
C ILE B 290 -5.76 -1.30 28.56
N PRO B 291 -5.88 -2.51 27.98
CA PRO B 291 -4.69 -3.42 27.91
C PRO B 291 -3.53 -2.77 27.15
N ASP B 292 -2.34 -3.33 27.32
CA ASP B 292 -1.19 -2.98 26.55
C ASP B 292 -1.43 -3.36 25.07
N LEU B 293 -1.37 -2.38 24.17
CA LEU B 293 -1.70 -2.64 22.78
C LEU B 293 -0.42 -2.74 21.98
N GLN B 294 0.73 -2.52 22.60
CA GLN B 294 1.98 -2.50 21.88
C GLN B 294 2.13 -3.72 20.96
N LYS B 295 1.71 -4.90 21.43
CA LYS B 295 1.98 -6.08 20.62
C LYS B 295 1.10 -6.10 19.35
N TYR B 296 0.14 -5.18 19.24
CA TYR B 296 -0.74 -5.11 18.07
C TYR B 296 -0.26 -4.09 17.12
N TYR B 297 0.99 -3.69 17.29
CA TYR B 297 1.55 -2.59 16.51
C TYR B 297 1.45 -2.72 14.97
N LYS B 298 1.34 -3.94 14.45
CA LYS B 298 1.25 -4.14 13.00
C LYS B 298 -0.08 -3.61 12.47
N SER B 299 -1.08 -3.55 13.38
CA SER B 299 -2.37 -3.10 13.01
C SER B 299 -2.82 -1.80 13.75
N ASN B 300 -2.24 -1.55 14.94
CA ASN B 300 -2.40 -0.35 15.76
C ASN B 300 -3.86 0.10 15.88
N PRO B 301 -4.69 -0.71 16.56
CA PRO B 301 -6.11 -0.38 16.70
C PRO B 301 -6.35 0.98 17.45
N GLY B 302 -5.53 1.25 18.47
CA GLY B 302 -5.55 2.51 19.24
C GLY B 302 -5.25 3.76 18.41
N HIS B 303 -4.30 3.67 17.47
CA HIS B 303 -4.09 4.77 16.54
C HIS B 303 -5.30 4.99 15.60
N TYR B 304 -5.85 3.91 15.06
CA TYR B 304 -7.06 4.04 14.30
C TYR B 304 -8.18 4.83 15.11
N LEU B 305 -8.38 4.43 16.35
CA LEU B 305 -9.51 5.00 17.12
C LEU B 305 -9.21 6.44 17.57
N GLY B 306 -7.94 6.73 17.85
CA GLY B 306 -7.46 8.06 18.16
C GLY B 306 -7.54 8.97 16.96
N HIS B 307 -7.06 8.51 15.80
CA HIS B 307 -7.25 9.29 14.59
C HIS B 307 -8.73 9.77 14.46
N LEU B 308 -9.66 8.86 14.74
CA LEU B 308 -11.08 9.16 14.59
C LEU B 308 -11.66 10.05 15.70
N ILE B 309 -11.62 9.55 16.94
CA ILE B 309 -12.03 10.34 18.10
C ILE B 309 -11.34 11.75 18.14
N GLY B 310 -10.03 11.82 17.85
CA GLY B 310 -9.29 13.11 17.87
C GLY B 310 -9.39 13.93 16.61
N HIS B 311 -10.12 13.47 15.60
CA HIS B 311 -10.28 14.24 14.36
C HIS B 311 -10.90 15.62 14.62
N GLU B 312 -10.56 16.58 13.75
CA GLU B 312 -10.99 17.98 13.90
C GLU B 312 -11.76 18.53 12.70
N GLY B 313 -12.09 17.68 11.72
CA GLY B 313 -12.71 18.11 10.49
C GLY B 313 -14.18 18.02 10.68
N PRO B 314 -14.96 18.39 9.64
CA PRO B 314 -16.43 18.38 9.73
C PRO B 314 -16.99 16.99 10.16
N GLY B 315 -18.12 16.95 10.86
CA GLY B 315 -18.54 15.68 11.46
C GLY B 315 -17.85 15.28 12.77
N SER B 316 -16.69 15.87 13.11
CA SER B 316 -15.97 15.41 14.32
C SER B 316 -16.66 15.70 15.64
N LEU B 317 -16.30 14.95 16.67
CA LEU B 317 -16.60 15.25 18.03
C LEU B 317 -16.19 16.69 18.41
N LEU B 318 -14.95 17.07 18.12
CA LEU B 318 -14.51 18.44 18.34
C LEU B 318 -15.46 19.45 17.72
N SER B 319 -15.80 19.31 16.43
CA SER B 319 -16.68 20.29 15.72
C SER B 319 -17.94 20.58 16.45
N GLU B 320 -18.64 19.54 16.88
CA GLU B 320 -19.87 19.74 17.63
C GLU B 320 -19.66 20.46 19.01
N LEU B 321 -18.58 20.08 19.73
CA LEU B 321 -18.33 20.62 21.05
C LEU B 321 -18.01 22.11 20.95
N LYS B 322 -17.36 22.47 19.85
CA LYS B 322 -16.93 23.80 19.55
C LYS B 322 -18.19 24.64 19.14
N SER B 323 -19.07 24.07 18.28
CA SER B 323 -20.32 24.72 17.89
C SER B 323 -21.17 25.04 19.08
N LYS B 324 -21.27 24.10 19.99
CA LYS B 324 -22.05 24.24 21.19
C LYS B 324 -21.42 25.33 22.07
N GLY B 325 -20.20 25.75 21.77
CA GLY B 325 -19.53 26.79 22.56
C GLY B 325 -18.92 26.25 23.85
N TRP B 326 -18.64 24.94 23.91
CA TRP B 326 -18.24 24.26 25.15
C TRP B 326 -16.72 24.04 25.31
N VAL B 327 -16.00 23.88 24.20
CA VAL B 327 -14.57 23.56 24.26
C VAL B 327 -13.94 24.12 23.02
N ASN B 328 -12.65 24.41 23.06
CA ASN B 328 -11.93 24.87 21.88
C ASN B 328 -11.00 23.83 21.23
N THR B 329 -10.36 23.00 22.04
CA THR B 329 -9.41 22.06 21.52
C THR B 329 -9.67 20.70 22.18
N LEU B 330 -9.26 19.64 21.49
CA LEU B 330 -9.50 18.28 21.92
C LEU B 330 -8.26 17.40 21.59
N VAL B 331 -7.90 16.53 22.52
CA VAL B 331 -6.82 15.56 22.28
C VAL B 331 -7.42 14.18 22.61
N GLY B 332 -7.28 13.23 21.71
CA GLY B 332 -7.82 11.87 21.94
C GLY B 332 -6.82 10.80 21.42
N GLY B 333 -6.88 9.60 21.97
CA GLY B 333 -6.02 8.54 21.50
C GLY B 333 -5.44 7.76 22.64
N GLN B 334 -4.51 6.88 22.30
CA GLN B 334 -3.96 5.98 23.27
C GLN B 334 -2.75 6.65 23.90
N LYS B 335 -2.43 6.23 25.10
CA LYS B 335 -1.36 6.85 25.84
C LYS B 335 -0.60 5.67 26.49
N GLU B 336 0.70 5.64 26.32
CA GLU B 336 1.55 4.70 27.06
C GLU B 336 1.34 4.66 28.55
N GLY B 337 1.47 3.47 29.12
CA GLY B 337 1.61 3.28 30.58
C GLY B 337 2.93 2.50 30.76
N ALA B 338 2.89 1.19 30.63
CA ALA B 338 4.14 0.41 30.73
C ALA B 338 3.83 -0.96 30.11
N ARG B 339 4.81 -1.88 30.08
CA ARG B 339 4.54 -3.26 29.66
C ARG B 339 3.45 -3.81 30.54
N GLY B 340 2.32 -4.13 29.91
CA GLY B 340 1.18 -4.68 30.65
C GLY B 340 -0.02 -3.73 30.77
N PHE B 341 0.16 -2.40 30.63
CA PHE B 341 -1.01 -1.49 30.76
C PHE B 341 -0.92 -0.21 29.91
N MET B 342 -2.07 0.30 29.47
CA MET B 342 -2.13 1.58 28.72
C MET B 342 -3.41 2.37 29.09
N PHE B 343 -3.54 3.56 28.48
CA PHE B 343 -4.72 4.40 28.67
C PHE B 343 -5.22 4.85 27.32
N PHE B 344 -6.50 5.19 27.30
CA PHE B 344 -7.08 5.82 26.16
C PHE B 344 -7.67 7.13 26.72
N ILE B 345 -7.33 8.26 26.10
CA ILE B 345 -7.74 9.53 26.64
C ILE B 345 -8.61 10.30 25.68
N ILE B 346 -9.47 11.15 26.27
CA ILE B 346 -10.15 12.24 25.57
C ILE B 346 -10.11 13.48 26.45
N ASN B 347 -9.29 14.45 26.06
CA ASN B 347 -9.03 15.65 26.87
C ASN B 347 -9.46 16.89 26.08
N VAL B 348 -10.15 17.81 26.77
CA VAL B 348 -10.66 19.04 26.14
C VAL B 348 -10.40 20.24 27.07
N ASP B 349 -10.11 21.42 26.53
CA ASP B 349 -10.19 22.61 27.40
C ASP B 349 -11.68 22.99 27.53
N LEU B 350 -12.02 23.87 28.44
CA LEU B 350 -13.45 24.21 28.64
C LEU B 350 -13.63 25.73 28.60
N THR B 351 -14.70 26.16 27.96
CA THR B 351 -15.12 27.54 27.98
C THR B 351 -15.85 27.69 29.29
N GLU B 352 -16.21 28.91 29.62
CA GLU B 352 -17.06 29.15 30.81
C GLU B 352 -18.36 28.37 30.76
N GLU B 353 -19.02 28.36 29.61
CA GLU B 353 -20.20 27.47 29.43
C GLU B 353 -19.92 25.95 29.47
N GLY B 354 -18.81 25.51 28.85
CA GLY B 354 -18.38 24.11 28.92
C GLY B 354 -18.19 23.60 30.33
N LEU B 355 -17.61 24.42 31.20
CA LEU B 355 -17.46 24.07 32.63
C LEU B 355 -18.83 23.75 33.25
N LEU B 356 -19.90 24.42 32.81
CA LEU B 356 -21.26 24.19 33.35
C LEU B 356 -21.92 22.97 32.66
N HIS B 357 -21.31 22.45 31.61
CA HIS B 357 -21.89 21.42 30.78
C HIS B 357 -21.01 20.19 30.63
N VAL B 358 -20.25 19.87 31.67
CA VAL B 358 -19.37 18.67 31.65
C VAL B 358 -20.09 17.28 31.38
N GLU B 359 -21.24 17.09 32.01
CA GLU B 359 -22.00 15.88 31.89
C GLU B 359 -22.49 15.76 30.46
N ASP B 360 -22.87 16.89 29.86
CA ASP B 360 -23.29 16.97 28.45
C ASP B 360 -22.13 16.73 27.43
N ILE B 361 -20.98 17.37 27.66
CA ILE B 361 -19.79 17.13 26.87
C ILE B 361 -19.47 15.62 26.89
N ILE B 362 -19.50 15.01 28.07
CA ILE B 362 -19.17 13.59 28.14
C ILE B 362 -20.19 12.71 27.40
N LEU B 363 -21.46 13.07 27.54
CA LEU B 363 -22.52 12.40 26.80
C LEU B 363 -22.19 12.37 25.32
N HIS B 364 -21.79 13.50 24.77
CA HIS B 364 -21.49 13.64 23.36
C HIS B 364 -20.24 12.82 23.00
N MET B 365 -19.29 12.72 23.93
CA MET B 365 -18.14 11.84 23.76
C MET B 365 -18.61 10.40 23.52
N PHE B 366 -19.53 9.96 24.40
CA PHE B 366 -20.18 8.66 24.27
C PHE B 366 -21.06 8.46 23.07
N GLN B 367 -21.76 9.53 22.65
CA GLN B 367 -22.51 9.48 21.39
C GLN B 367 -21.60 9.34 20.19
N TYR B 368 -20.45 10.00 20.21
CA TYR B 368 -19.54 9.82 19.12
C TYR B 368 -19.00 8.36 19.10
N ILE B 369 -18.64 7.85 20.27
CA ILE B 369 -18.06 6.51 20.34
C ILE B 369 -19.14 5.54 19.81
N GLN B 370 -20.39 5.78 20.23
CA GLN B 370 -21.49 4.91 19.78
C GLN B 370 -21.69 4.93 18.26
N LYS B 371 -21.53 6.09 17.63
CA LYS B 371 -21.52 6.20 16.17
C LYS B 371 -20.42 5.32 15.53
N LEU B 372 -19.22 5.29 16.13
CA LEU B 372 -18.18 4.38 15.67
C LEU B 372 -18.62 2.91 15.81
N ARG B 373 -19.28 2.56 16.91
CA ARG B 373 -19.73 1.20 17.07
C ARG B 373 -20.79 0.82 16.03
N ALA B 374 -21.80 1.67 15.85
CA ALA B 374 -22.87 1.46 14.89
C ALA B 374 -22.33 1.32 13.47
N GLU B 375 -21.35 2.14 13.08
CA GLU B 375 -20.83 2.06 11.73
C GLU B 375 -19.85 0.87 11.55
N GLY B 376 -19.29 0.39 12.65
CA GLY B 376 -18.21 -0.57 12.61
C GLY B 376 -16.93 -0.04 11.97
N PRO B 377 -15.84 -0.82 12.09
CA PRO B 377 -14.51 -0.43 11.60
C PRO B 377 -14.51 -0.16 10.09
N GLN B 378 -13.71 0.78 9.67
CA GLN B 378 -13.83 1.36 8.36
C GLN B 378 -12.51 1.11 7.70
N GLU B 379 -12.50 0.17 6.76
CA GLU B 379 -11.22 -0.14 6.08
C GLU B 379 -10.60 0.99 5.31
N TRP B 380 -11.44 1.77 4.61
CA TRP B 380 -10.90 2.89 3.79
C TRP B 380 -10.07 3.90 4.66
N VAL B 381 -10.48 4.07 5.91
CA VAL B 381 -9.84 4.94 6.89
C VAL B 381 -8.43 4.37 7.21
N PHE B 382 -8.37 3.09 7.59
CA PHE B 382 -7.10 2.43 7.84
C PHE B 382 -6.21 2.50 6.59
N GLN B 383 -6.77 2.17 5.42
CA GLN B 383 -5.97 2.30 4.18
C GLN B 383 -5.40 3.71 3.94
N GLU B 384 -6.21 4.72 4.17
CA GLU B 384 -5.77 6.08 3.96
C GLU B 384 -4.59 6.41 4.91
N CYS B 385 -4.69 6.01 6.17
CA CYS B 385 -3.56 6.14 7.14
C CYS B 385 -2.37 5.38 6.69
N LYS B 386 -2.59 4.13 6.25
CA LYS B 386 -1.46 3.33 5.79
C LYS B 386 -0.72 4.03 4.65
N ASP B 387 -1.49 4.44 3.62
CA ASP B 387 -0.93 5.14 2.48
C ASP B 387 -0.22 6.44 2.86
N LEU B 388 -0.79 7.20 3.81
CA LEU B 388 -0.15 8.47 4.29
C LEU B 388 1.16 8.13 4.99
N ASN B 389 1.15 7.12 5.84
CA ASN B 389 2.39 6.69 6.54
C ASN B 389 3.51 6.27 5.59
N ALA B 390 3.12 5.67 4.47
CA ALA B 390 4.09 5.16 3.49
C ALA B 390 4.72 6.34 2.74
N VAL B 391 3.91 7.36 2.42
CA VAL B 391 4.44 8.59 1.75
C VAL B 391 5.39 9.31 2.72
N ALA B 392 4.95 9.46 3.97
CA ALA B 392 5.72 10.13 4.99
C ALA B 392 7.04 9.41 5.27
N PHE B 393 7.02 8.07 5.33
CA PHE B 393 8.27 7.32 5.49
C PHE B 393 9.16 7.47 4.26
N ARG B 394 8.57 7.40 3.08
CA ARG B 394 9.38 7.58 1.87
C ARG B 394 10.11 8.94 1.84
N PHE B 395 9.40 10.03 2.13
CA PHE B 395 9.99 11.35 1.91
C PHE B 395 10.40 12.03 3.22
N LYS B 396 10.67 11.28 4.25
CA LYS B 396 10.94 11.93 5.56
C LYS B 396 12.25 12.73 5.58
N ASP B 397 12.27 13.85 6.30
CA ASP B 397 13.47 14.62 6.41
C ASP B 397 14.53 13.79 7.11
N LYS B 398 15.76 13.94 6.63
CA LYS B 398 16.92 13.40 7.34
C LYS B 398 17.02 14.03 8.76
N GLU B 399 17.23 13.18 9.78
CA GLU B 399 17.21 13.56 11.22
C GLU B 399 18.55 14.08 11.65
N ARG B 400 18.58 15.05 12.56
CA ARG B 400 19.79 15.35 13.32
C ARG B 400 20.22 14.04 14.05
N PRO B 401 21.51 13.68 13.97
CA PRO B 401 22.12 12.45 14.52
C PRO B 401 21.79 12.18 16.02
N ARG B 402 21.97 13.17 16.89
CA ARG B 402 21.72 12.98 18.31
C ARG B 402 20.28 12.51 18.69
N GLY B 403 19.27 13.21 18.19
CA GLY B 403 17.88 12.81 18.42
C GLY B 403 17.65 11.45 17.75
N TYR B 404 18.28 11.22 16.59
CA TYR B 404 18.04 9.98 15.85
C TYR B 404 18.52 8.72 16.60
N THR B 405 19.73 8.77 17.15
CA THR B 405 20.31 7.63 17.86
C THR B 405 19.52 7.34 19.17
N SER B 406 19.17 8.43 19.86
CA SER B 406 18.45 8.33 21.10
C SER B 406 17.11 7.65 20.87
N LYS B 407 16.39 8.10 19.84
CA LYS B 407 15.09 7.55 19.48
C LYS B 407 15.20 6.06 19.09
N ILE B 408 16.14 5.77 18.19
CA ILE B 408 16.35 4.41 17.77
C ILE B 408 16.77 3.44 18.89
N ALA B 409 17.67 3.85 19.81
CA ALA B 409 18.03 3.03 20.98
C ALA B 409 16.79 2.59 21.80
N GLY B 410 15.78 3.48 21.91
CA GLY B 410 14.50 3.13 22.57
C GLY B 410 13.74 2.06 21.82
N ILE B 411 13.65 2.18 20.51
CA ILE B 411 12.76 1.27 19.80
C ILE B 411 13.37 -0.14 19.51
N LEU B 412 14.70 -0.24 19.60
CA LEU B 412 15.44 -1.50 19.51
C LEU B 412 14.94 -2.51 20.52
N HIS B 413 14.37 -2.04 21.62
CA HIS B 413 13.71 -2.92 22.62
C HIS B 413 12.34 -3.45 22.22
N TYR B 414 11.77 -2.93 21.13
CA TYR B 414 10.40 -3.35 20.81
C TYR B 414 10.24 -4.09 19.50
N TYR B 415 11.24 -4.03 18.62
CA TYR B 415 11.13 -4.47 17.18
C TYR B 415 12.35 -5.24 16.80
N PRO B 416 12.20 -6.29 15.96
CA PRO B 416 13.41 -6.95 15.44
C PRO B 416 14.31 -5.96 14.73
N LEU B 417 15.61 -6.18 14.81
CA LEU B 417 16.63 -5.35 14.22
C LEU B 417 16.28 -4.78 12.83
N GLU B 418 15.66 -5.60 11.97
CA GLU B 418 15.45 -5.27 10.58
C GLU B 418 14.26 -4.33 10.40
N GLU B 419 13.41 -4.29 11.42
CA GLU B 419 12.19 -3.46 11.43
C GLU B 419 12.26 -2.17 12.22
N VAL B 420 13.44 -1.75 12.71
CA VAL B 420 13.45 -0.62 13.72
C VAL B 420 13.13 0.74 13.10
N LEU B 421 13.58 0.91 11.88
CA LEU B 421 13.36 2.10 11.10
C LEU B 421 11.92 2.25 10.61
N THR B 422 11.26 1.14 10.35
CA THR B 422 9.93 1.22 9.72
C THR B 422 8.81 1.14 10.75
N ALA B 423 9.15 0.61 11.92
CA ALA B 423 8.21 0.22 13.01
C ALA B 423 7.17 1.26 13.38
N GLU B 424 7.60 2.50 13.48
CA GLU B 424 6.68 3.44 13.99
C GLU B 424 6.22 4.37 12.88
N TYR B 425 6.24 3.84 11.67
CA TYR B 425 5.60 4.43 10.50
C TYR B 425 4.63 3.47 9.88
N LEU B 426 5.11 2.32 9.54
CA LEU B 426 4.30 1.52 8.66
C LEU B 426 3.21 0.79 9.53
N LEU B 427 2.09 0.51 8.87
CA LEU B 427 0.83 0.09 9.46
C LEU B 427 0.56 -1.01 8.51
N GLU B 428 0.13 -2.17 8.96
CA GLU B 428 0.22 -3.28 8.03
C GLU B 428 -1.07 -4.02 7.73
N GLU B 429 -1.79 -4.46 8.73
CA GLU B 429 -2.98 -5.21 8.46
C GLU B 429 -4.17 -4.59 9.18
N PHE B 430 -5.30 -4.52 8.48
CA PHE B 430 -6.50 -4.06 9.07
C PHE B 430 -7.00 -5.11 10.02
N ARG B 431 -7.22 -4.76 11.29
CA ARG B 431 -7.69 -5.80 12.23
C ARG B 431 -8.95 -5.39 12.96
N PRO B 432 -10.09 -5.46 12.24
CA PRO B 432 -11.32 -4.90 12.76
C PRO B 432 -11.75 -5.47 14.12
N ASP B 433 -11.36 -6.72 14.41
CA ASP B 433 -11.69 -7.39 15.69
C ASP B 433 -10.98 -6.75 16.90
N LEU B 434 -9.72 -6.36 16.70
CA LEU B 434 -8.96 -5.65 17.70
C LEU B 434 -9.45 -4.19 17.91
N ILE B 435 -9.89 -3.53 16.83
CA ILE B 435 -10.48 -2.23 16.93
C ILE B 435 -11.74 -2.34 17.80
N GLU B 436 -12.53 -3.38 17.58
CA GLU B 436 -13.79 -3.53 18.31
C GLU B 436 -13.51 -3.88 19.77
N MET B 437 -12.47 -4.65 19.99
CA MET B 437 -12.01 -4.95 21.32
C MET B 437 -11.59 -3.68 22.13
N VAL B 438 -10.87 -2.77 21.50
CA VAL B 438 -10.49 -1.51 22.16
C VAL B 438 -11.75 -0.63 22.41
N LEU B 439 -12.59 -0.43 21.37
CA LEU B 439 -13.86 0.33 21.48
C LEU B 439 -14.75 -0.19 22.59
N ASP B 440 -14.72 -1.50 22.80
CA ASP B 440 -15.42 -2.13 23.90
C ASP B 440 -14.92 -1.71 25.31
N LYS B 441 -13.67 -1.28 25.42
CA LYS B 441 -13.12 -0.64 26.62
C LYS B 441 -13.63 0.82 26.84
N LEU B 442 -14.08 1.46 25.78
CA LEU B 442 -14.43 2.86 25.89
C LEU B 442 -15.88 3.03 26.32
N ARG B 443 -16.14 2.73 27.60
CA ARG B 443 -17.50 2.71 28.09
C ARG B 443 -17.60 3.38 29.43
N PRO B 444 -18.81 3.96 29.73
CA PRO B 444 -19.04 4.73 30.97
C PRO B 444 -18.61 3.99 32.26
N GLU B 445 -18.93 2.71 32.37
CA GLU B 445 -18.44 1.92 33.48
C GLU B 445 -16.87 1.76 33.63
N ASN B 446 -16.05 2.05 32.59
CA ASN B 446 -14.60 2.20 32.85
C ASN B 446 -13.99 3.60 32.73
N VAL B 447 -14.79 4.62 33.03
CA VAL B 447 -14.34 5.99 32.81
C VAL B 447 -13.81 6.57 34.12
N ARG B 448 -12.81 7.46 33.97
CA ARG B 448 -12.33 8.33 35.04
C ARG B 448 -12.43 9.73 34.47
N VAL B 449 -12.99 10.64 35.26
CA VAL B 449 -13.16 12.04 34.83
C VAL B 449 -12.42 12.97 35.79
N ALA B 450 -11.62 13.87 35.25
CA ALA B 450 -11.01 14.92 36.04
C ALA B 450 -11.32 16.31 35.45
N ILE B 451 -11.77 17.23 36.30
CA ILE B 451 -12.06 18.56 35.89
C ILE B 451 -11.05 19.46 36.60
N VAL B 452 -10.37 20.30 35.84
CA VAL B 452 -9.44 21.24 36.47
C VAL B 452 -10.03 22.67 36.39
N SER B 453 -10.23 23.33 37.54
CA SER B 453 -10.76 24.67 37.51
C SER B 453 -10.57 25.41 38.82
N LYS B 454 -10.24 26.71 38.74
CA LYS B 454 -10.21 27.60 39.94
C LYS B 454 -11.52 27.73 40.70
N SER B 455 -12.67 27.49 40.04
CA SER B 455 -13.95 27.40 40.74
C SER B 455 -13.99 26.34 41.86
N PHE B 456 -13.00 25.44 41.93
CA PHE B 456 -13.01 24.49 43.04
C PHE B 456 -12.17 24.98 44.23
N GLU B 457 -11.55 26.15 44.10
CA GLU B 457 -10.83 26.75 45.24
C GLU B 457 -11.71 26.86 46.51
N GLY B 458 -11.17 26.31 47.62
CA GLY B 458 -11.92 26.17 48.86
C GLY B 458 -13.02 25.12 48.90
N LYS B 459 -13.21 24.36 47.81
CA LYS B 459 -14.22 23.29 47.79
C LYS B 459 -13.60 21.91 47.79
N THR B 460 -12.32 21.80 48.12
CA THR B 460 -11.61 20.51 48.02
C THR B 460 -11.25 19.96 49.39
N ASP B 461 -11.12 18.65 49.51
CA ASP B 461 -10.80 18.10 50.79
C ASP B 461 -9.56 17.21 50.85
N ARG B 462 -8.77 17.15 49.75
CA ARG B 462 -7.57 16.27 49.70
C ARG B 462 -6.35 16.99 49.19
N THR B 463 -5.16 16.48 49.52
CA THR B 463 -3.91 17.13 49.13
C THR B 463 -3.02 16.01 48.66
N GLU B 464 -2.55 16.07 47.40
CA GLU B 464 -1.58 15.08 46.95
C GLU B 464 -0.21 15.42 47.61
N GLU B 465 0.50 14.43 48.11
CA GLU B 465 1.68 14.63 48.97
C GLU B 465 2.91 15.26 48.30
N TRP B 466 3.26 14.86 47.08
CA TRP B 466 4.49 15.38 46.48
C TRP B 466 4.37 16.79 45.90
N TYR B 467 3.22 17.18 45.35
CA TYR B 467 3.13 18.46 44.73
C TYR B 467 2.27 19.41 45.56
N GLY B 468 1.44 18.85 46.42
CA GLY B 468 0.51 19.63 47.26
C GLY B 468 -0.83 19.91 46.59
N THR B 469 -1.15 19.18 45.50
CA THR B 469 -2.29 19.48 44.65
C THR B 469 -3.57 19.37 45.45
N GLN B 470 -4.45 20.39 45.36
CA GLN B 470 -5.76 20.36 46.04
C GLN B 470 -6.87 19.80 45.17
N TYR B 471 -7.61 18.85 45.72
CA TYR B 471 -8.57 18.15 44.90
C TYR B 471 -9.61 17.46 45.80
N LYS B 472 -10.62 16.95 45.13
CA LYS B 472 -11.74 16.28 45.73
C LYS B 472 -12.04 15.08 44.81
N GLN B 473 -12.45 13.96 45.40
CA GLN B 473 -12.82 12.79 44.64
C GLN B 473 -14.24 12.33 44.99
N GLU B 474 -15.04 11.97 43.98
CA GLU B 474 -16.40 11.52 44.19
C GLU B 474 -16.72 10.38 43.24
N ALA B 475 -17.56 9.47 43.71
CA ALA B 475 -18.10 8.44 42.85
C ALA B 475 -18.96 9.15 41.81
N ILE B 476 -18.87 8.83 40.53
CA ILE B 476 -19.86 9.31 39.60
C ILE B 476 -21.24 8.60 39.86
N PRO B 477 -22.34 9.40 40.04
CA PRO B 477 -23.63 8.75 40.33
C PRO B 477 -24.08 7.79 39.22
N ASP B 478 -24.66 6.67 39.67
CA ASP B 478 -25.15 5.61 38.78
C ASP B 478 -26.10 6.15 37.72
N GLU B 479 -26.82 7.19 38.11
CA GLU B 479 -27.82 7.78 37.23
C GLU B 479 -27.08 8.50 36.09
N VAL B 480 -25.89 9.01 36.39
CA VAL B 480 -25.07 9.66 35.37
C VAL B 480 -24.43 8.60 34.40
N ILE B 481 -23.91 7.51 34.97
CA ILE B 481 -23.26 6.44 34.20
C ILE B 481 -24.30 5.87 33.23
N LYS B 482 -25.48 5.57 33.81
CA LYS B 482 -26.59 5.00 33.09
C LYS B 482 -27.02 5.88 31.92
N LYS B 483 -27.17 7.20 32.10
CA LYS B 483 -27.49 8.08 30.93
C LYS B 483 -26.40 8.05 29.86
N TRP B 484 -25.13 8.10 30.27
CA TRP B 484 -24.02 7.92 29.31
C TRP B 484 -24.05 6.57 28.54
N GLN B 485 -24.36 5.49 29.26
CA GLN B 485 -24.56 4.15 28.70
C GLN B 485 -25.69 4.11 27.69
N ASN B 486 -26.74 4.90 27.89
CA ASN B 486 -27.85 4.94 26.91
C ASN B 486 -27.63 5.89 25.75
N ALA B 487 -26.43 6.42 25.62
CA ALA B 487 -26.17 7.40 24.57
C ALA B 487 -26.49 6.78 23.21
N ASP B 488 -27.39 7.38 22.46
CA ASP B 488 -27.37 6.95 21.07
C ASP B 488 -26.98 8.02 20.07
N LEU B 489 -27.39 7.85 18.83
CA LEU B 489 -26.80 8.64 17.75
C LEU B 489 -27.31 10.07 17.66
N ASN B 490 -26.32 10.94 17.52
CA ASN B 490 -26.47 12.35 17.34
C ASN B 490 -26.13 12.55 15.86
N GLY B 491 -27.10 13.05 15.08
CA GLY B 491 -26.90 13.20 13.63
C GLY B 491 -25.84 14.23 13.30
N LYS B 492 -25.24 14.83 14.31
CA LYS B 492 -24.15 15.78 14.06
C LYS B 492 -22.77 15.11 13.89
N PHE B 493 -22.70 13.85 14.26
CA PHE B 493 -21.44 13.10 14.21
C PHE B 493 -21.41 12.21 12.97
N LYS B 494 -20.43 12.48 12.12
CA LYS B 494 -20.19 11.81 10.85
C LYS B 494 -18.72 11.42 10.87
N LEU B 495 -18.41 10.29 10.26
CA LEU B 495 -17.06 9.92 9.99
C LEU B 495 -16.44 10.98 9.08
N PRO B 496 -15.10 11.18 9.19
CA PRO B 496 -14.36 12.08 8.32
C PRO B 496 -14.65 11.69 6.87
N THR B 497 -14.66 12.63 5.97
CA THR B 497 -14.70 12.31 4.57
C THR B 497 -13.27 12.05 4.10
N LYS B 498 -13.16 11.60 2.85
CA LYS B 498 -11.92 11.23 2.28
C LYS B 498 -10.99 12.42 2.23
N ASN B 499 -9.70 12.23 2.55
CA ASN B 499 -8.81 13.35 2.71
C ASN B 499 -8.40 13.77 1.33
N GLU B 500 -8.74 14.99 0.95
CA GLU B 500 -8.51 15.42 -0.44
C GLU B 500 -7.21 16.20 -0.58
N PHE B 501 -6.52 16.35 0.54
CA PHE B 501 -5.21 17.02 0.52
C PHE B 501 -4.04 16.11 0.35
N ILE B 502 -4.29 14.81 0.21
CA ILE B 502 -3.23 13.81 0.01
C ILE B 502 -2.43 14.13 -1.25
N PRO B 503 -1.08 14.23 -1.12
CA PRO B 503 -0.31 14.66 -2.27
C PRO B 503 -0.12 13.49 -3.24
N THR B 504 -0.07 13.79 -4.53
CA THR B 504 0.08 12.75 -5.53
C THR B 504 1.20 13.12 -6.47
N ASN B 505 1.55 14.41 -6.55
CA ASN B 505 2.69 14.79 -7.41
C ASN B 505 4.03 14.93 -6.64
N PHE B 506 4.97 14.00 -6.87
CA PHE B 506 6.23 13.98 -6.15
C PHE B 506 7.39 14.20 -7.06
N GLU B 507 7.11 14.77 -8.23
CA GLU B 507 8.17 15.08 -9.16
C GLU B 507 9.10 16.13 -8.57
N ILE B 508 10.37 15.82 -8.57
CA ILE B 508 11.42 16.79 -8.33
C ILE B 508 11.71 17.46 -9.68
N LEU B 509 11.37 18.75 -9.79
CA LEU B 509 11.69 19.52 -11.00
C LEU B 509 13.21 19.59 -11.12
N PRO B 510 13.75 19.44 -12.36
CA PRO B 510 15.20 19.48 -12.56
C PRO B 510 15.79 20.83 -12.14
N LEU B 511 17.03 20.80 -11.67
CA LEU B 511 17.68 22.01 -11.29
C LEU B 511 17.79 22.94 -12.51
N GLU B 512 17.27 24.16 -12.37
CA GLU B 512 17.37 25.24 -13.38
C GLU B 512 18.78 25.71 -13.68
N LYS B 513 18.99 26.13 -14.94
CA LYS B 513 20.27 26.65 -15.44
C LYS B 513 20.79 27.80 -14.60
N GLU B 514 19.92 28.73 -14.26
CA GLU B 514 20.31 29.84 -13.40
C GLU B 514 20.17 29.59 -11.88
N ALA B 515 19.88 28.35 -11.44
CA ALA B 515 19.83 28.03 -9.99
C ALA B 515 20.98 28.66 -9.22
N THR B 516 20.73 29.12 -7.99
CA THR B 516 21.77 29.73 -7.14
C THR B 516 21.95 28.94 -5.85
N PRO B 517 23.18 28.95 -5.30
CA PRO B 517 23.50 28.28 -4.04
C PRO B 517 22.77 28.86 -2.80
N TYR B 518 22.48 30.18 -2.84
CA TYR B 518 21.85 30.94 -1.74
C TYR B 518 20.63 31.60 -2.33
N PRO B 519 19.70 32.14 -1.49
CA PRO B 519 18.56 32.81 -2.09
C PRO B 519 18.98 34.02 -2.90
N ALA B 520 18.34 34.16 -4.05
CA ALA B 520 18.51 35.31 -4.88
C ALA B 520 17.24 36.15 -4.76
N LEU B 521 17.41 37.46 -4.89
CA LEU B 521 16.32 38.41 -4.85
C LEU B 521 15.74 38.52 -6.26
N ILE B 522 14.53 38.05 -6.43
CA ILE B 522 14.03 37.90 -7.77
C ILE B 522 12.86 38.82 -8.05
N LYS B 523 12.36 39.48 -7.01
CA LYS B 523 11.35 40.51 -7.17
C LYS B 523 11.60 41.55 -6.09
N ASP B 524 11.69 42.83 -6.48
CA ASP B 524 12.01 43.94 -5.56
C ASP B 524 11.17 45.15 -5.89
N THR B 525 9.91 45.11 -5.51
CA THR B 525 8.97 46.18 -5.74
C THR B 525 8.57 46.81 -4.40
N ALA B 526 7.71 47.84 -4.51
CA ALA B 526 7.21 48.57 -3.36
C ALA B 526 6.45 47.63 -2.47
N MET B 527 5.59 46.84 -3.06
CA MET B 527 4.73 45.96 -2.29
C MET B 527 5.42 44.68 -1.84
N SER B 528 6.43 44.21 -2.55
CA SER B 528 6.90 42.91 -2.23
C SER B 528 8.36 42.69 -2.58
N LYS B 529 9.09 42.11 -1.64
CA LYS B 529 10.47 41.64 -1.84
C LYS B 529 10.50 40.07 -1.81
N LEU B 530 10.90 39.44 -2.91
CA LEU B 530 10.91 37.99 -3.02
C LEU B 530 12.30 37.42 -3.09
N TRP B 531 12.65 36.64 -2.05
CA TRP B 531 13.84 35.77 -2.05
C TRP B 531 13.51 34.33 -2.52
N PHE B 532 14.37 33.78 -3.38
CA PHE B 532 14.07 32.50 -3.97
C PHE B 532 15.28 31.61 -4.08
N LYS B 533 15.10 30.35 -3.70
CA LYS B 533 16.14 29.36 -3.93
C LYS B 533 15.50 28.03 -4.24
N GLN B 534 15.94 27.42 -5.33
CA GLN B 534 15.48 26.07 -5.65
C GLN B 534 16.33 25.09 -4.87
N ASP B 535 15.71 24.19 -4.11
CA ASP B 535 16.50 23.22 -3.32
C ASP B 535 17.55 22.45 -4.20
N ASP B 536 18.84 22.46 -3.80
CA ASP B 536 19.92 21.70 -4.48
C ASP B 536 20.65 20.74 -3.54
N LYS B 537 19.98 20.33 -2.46
CA LYS B 537 20.62 19.47 -1.48
C LYS B 537 19.76 18.26 -1.16
N PHE B 538 18.42 18.43 -1.06
CA PHE B 538 17.58 17.44 -0.38
C PHE B 538 16.76 16.65 -1.33
N PHE B 539 16.23 17.31 -2.38
CA PHE B 539 15.52 16.62 -3.49
C PHE B 539 14.35 15.80 -3.00
N LEU B 540 13.60 16.39 -2.08
CA LEU B 540 12.34 15.87 -1.57
C LEU B 540 11.19 16.75 -2.15
N PRO B 541 10.01 16.16 -2.40
CA PRO B 541 8.90 16.93 -3.00
C PRO B 541 8.18 17.86 -1.98
N LYS B 542 8.90 18.85 -1.50
CA LYS B 542 8.42 19.71 -0.43
C LYS B 542 8.92 21.09 -0.69
N ALA B 543 8.24 22.07 -0.12
CA ALA B 543 8.76 23.45 -0.11
C ALA B 543 8.33 24.26 1.15
N CYS B 544 9.15 25.27 1.44
CA CYS B 544 8.90 26.27 2.46
C CYS B 544 8.60 27.61 1.81
N LEU B 545 7.41 28.09 2.14
CA LEU B 545 6.95 29.39 1.70
C LEU B 545 6.82 30.34 2.93
N ASN B 546 7.74 31.28 3.10
CA ASN B 546 7.69 32.16 4.27
C ASN B 546 7.41 33.58 3.84
N PHE B 547 6.52 34.24 4.59
CA PHE B 547 5.99 35.57 4.30
C PHE B 547 6.01 36.42 5.55
N GLU B 548 6.70 37.56 5.51
CA GLU B 548 6.53 38.61 6.51
C GLU B 548 5.64 39.76 5.94
N PHE B 549 4.52 40.00 6.59
CA PHE B 549 3.69 41.10 6.18
C PHE B 549 3.96 42.26 7.16
N PHE B 550 4.52 43.38 6.66
CA PHE B 550 4.66 44.59 7.47
C PHE B 550 3.49 45.50 7.40
N SER B 551 2.97 45.88 8.56
CA SER B 551 2.02 47.00 8.74
C SER B 551 2.36 47.68 10.04
N PRO B 552 2.37 49.03 10.05
CA PRO B 552 2.52 49.81 11.32
C PRO B 552 1.37 49.57 12.31
N PHE B 553 0.21 49.13 11.81
CA PHE B 553 -0.96 48.91 12.68
C PHE B 553 -1.04 47.64 13.50
N ALA B 554 -0.04 46.79 13.38
CA ALA B 554 0.01 45.53 14.13
C ALA B 554 0.48 45.77 15.62
N TYR B 555 1.30 46.78 15.84
CA TYR B 555 1.91 46.95 17.12
C TYR B 555 1.87 48.43 17.59
N VAL B 556 1.05 49.25 16.91
CA VAL B 556 1.07 50.69 17.16
C VAL B 556 0.81 50.98 18.67
N ASP B 557 -0.18 50.33 19.25
CA ASP B 557 -0.42 50.44 20.68
C ASP B 557 -0.89 49.07 21.19
N PRO B 558 -1.04 48.87 22.52
CA PRO B 558 -1.49 47.59 23.04
C PRO B 558 -2.80 47.10 22.49
N LEU B 559 -3.75 48.03 22.33
CA LEU B 559 -5.05 47.69 21.71
C LEU B 559 -4.88 47.03 20.33
N HIS B 560 -3.95 47.53 19.52
CA HIS B 560 -3.85 47.11 18.15
C HIS B 560 -3.14 45.79 18.05
N CYS B 561 -2.26 45.68 19.00
CA CYS B 561 -1.58 44.51 19.28
C CYS B 561 -2.51 43.37 19.68
N ASN B 562 -3.39 43.64 20.64
CA ASN B 562 -4.41 42.67 21.00
C ASN B 562 -5.20 42.20 19.79
N MET B 563 -5.51 43.15 18.91
CA MET B 563 -6.45 42.91 17.83
C MET B 563 -5.74 42.19 16.74
N ALA B 564 -4.50 42.53 16.47
CA ALA B 564 -3.67 41.72 15.62
C ALA B 564 -3.59 40.25 16.17
N LEU B 566 -5.37 38.32 17.81
CA LEU B 566 -6.85 38.01 18.02
C LEU B 566 -7.62 37.74 16.70
N TYR B 567 -7.35 38.60 15.75
CA TYR B 567 -7.71 38.42 14.39
C TYR B 567 -7.12 37.10 13.82
N LEU B 568 -5.79 36.94 13.89
CA LEU B 568 -5.07 35.73 13.45
C LEU B 568 -5.57 34.46 14.15
N GLU B 569 -5.88 34.57 15.43
CA GLU B 569 -6.43 33.48 16.22
C GLU B 569 -7.78 33.10 15.71
N LEU B 570 -8.59 34.11 15.39
CA LEU B 570 -9.95 33.86 14.90
C LEU B 570 -9.92 33.24 13.52
N LEU B 571 -8.99 33.68 12.68
CA LEU B 571 -8.79 33.15 11.37
C LEU B 571 -8.30 31.66 11.41
N LYS B 572 -7.22 31.37 12.15
CA LYS B 572 -6.77 29.98 12.40
C LYS B 572 -7.93 29.12 12.87
N ASP B 573 -8.69 29.62 13.81
CA ASP B 573 -9.85 28.93 14.28
C ASP B 573 -10.91 28.65 13.21
N SER B 574 -11.21 29.62 12.31
CA SER B 574 -12.24 29.35 11.28
C SER B 574 -11.74 28.39 10.18
N LEU B 575 -10.42 28.45 9.90
CA LEU B 575 -9.75 27.61 8.95
C LEU B 575 -9.43 26.19 9.46
N ASN B 576 -9.43 25.97 10.75
CA ASN B 576 -9.04 24.70 11.39
C ASN B 576 -9.72 23.43 10.76
N GLU B 577 -11.05 23.40 10.67
CA GLU B 577 -11.72 22.23 10.08
C GLU B 577 -11.15 21.86 8.70
N TYR B 578 -11.04 22.84 7.82
CA TYR B 578 -10.35 22.67 6.54
C TYR B 578 -8.82 22.35 6.60
N ALA B 579 -8.03 23.08 7.37
CA ALA B 579 -6.58 22.83 7.37
C ALA B 579 -6.15 21.53 8.08
N TYR B 580 -7.02 20.96 8.88
CA TYR B 580 -6.66 19.81 9.67
C TYR B 580 -6.36 18.62 8.74
N ALA B 581 -7.21 18.44 7.72
CA ALA B 581 -6.98 17.42 6.71
C ALA B 581 -5.65 17.64 6.03
N ALA B 582 -5.32 18.90 5.73
CA ALA B 582 -4.06 19.21 5.04
C ALA B 582 -2.89 18.87 5.91
N GLU B 583 -3.00 19.17 7.20
CA GLU B 583 -1.95 18.84 8.09
C GLU B 583 -1.72 17.29 8.23
N LEU B 584 -2.80 16.51 8.29
CA LEU B 584 -2.68 15.02 8.26
C LEU B 584 -1.92 14.59 7.01
N ALA B 585 -2.15 15.27 5.90
CA ALA B 585 -1.48 15.02 4.65
C ALA B 585 -0.15 15.71 4.54
N GLY B 586 0.44 16.20 5.63
CA GLY B 586 1.84 16.69 5.52
C GLY B 586 1.96 18.08 4.91
N LEU B 587 0.87 18.85 4.96
CA LEU B 587 0.87 20.22 4.45
C LEU B 587 0.52 21.11 5.62
N SER B 588 1.46 21.83 6.18
CA SER B 588 1.04 22.63 7.38
C SER B 588 1.29 24.15 7.23
N TYR B 589 0.68 24.93 8.12
CA TYR B 589 1.03 26.36 8.11
C TYR B 589 1.13 26.95 9.51
N ASP B 590 1.90 28.02 9.58
CA ASP B 590 1.97 28.80 10.79
C ASP B 590 1.59 30.26 10.46
N LEU B 591 0.67 30.81 11.22
CA LEU B 591 0.21 32.18 11.07
C LEU B 591 0.25 32.88 12.43
N GLN B 592 1.14 33.87 12.60
CA GLN B 592 1.27 34.62 13.89
C GLN B 592 1.29 36.13 13.69
N ASN B 593 0.74 36.89 14.66
CA ASN B 593 1.07 38.35 14.73
C ASN B 593 2.51 38.54 15.21
N THR B 594 3.15 39.57 14.66
CA THR B 594 4.47 39.99 15.12
C THR B 594 4.49 41.47 15.59
N ILE B 595 5.67 41.93 16.00
CA ILE B 595 5.85 43.30 16.47
C ILE B 595 5.90 44.24 15.24
N TYR B 596 6.18 43.69 14.05
CA TYR B 596 6.11 44.45 12.80
C TYR B 596 4.94 44.14 11.85
N GLY B 597 4.03 43.27 12.24
CA GLY B 597 2.99 42.81 11.33
C GLY B 597 2.46 41.39 11.58
N MET B 598 2.70 40.50 10.60
CA MET B 598 2.19 39.11 10.60
C MET B 598 3.22 38.22 9.96
N TYR B 599 3.30 36.98 10.44
CA TYR B 599 4.16 35.96 9.88
C TYR B 599 3.30 34.81 9.36
N LEU B 600 3.62 34.33 8.16
CA LEU B 600 2.94 33.17 7.56
C LEU B 600 4.00 32.24 7.03
N SER B 601 3.86 30.96 7.37
CA SER B 601 4.74 29.95 6.81
C SER B 601 3.88 28.80 6.38
N VAL B 602 4.06 28.37 5.12
CA VAL B 602 3.45 27.13 4.59
C VAL B 602 4.57 26.16 4.28
N LYS B 603 4.48 24.94 4.82
CA LYS B 603 5.52 23.92 4.72
C LYS B 603 4.96 22.53 4.36
N GLY B 604 5.81 21.67 3.81
CA GLY B 604 5.39 20.31 3.49
C GLY B 604 5.35 20.03 1.99
N TYR B 605 4.54 19.06 1.55
CA TYR B 605 4.61 18.67 0.12
C TYR B 605 4.15 19.82 -0.74
N ASN B 606 4.91 20.07 -1.78
CA ASN B 606 4.66 21.20 -2.62
C ASN B 606 3.37 21.02 -3.41
N ASP B 607 2.98 19.78 -3.70
CA ASP B 607 1.87 19.48 -4.60
C ASP B 607 0.66 20.40 -4.44
N LYS B 608 0.06 20.38 -3.26
CA LYS B 608 -1.15 21.14 -2.93
C LYS B 608 -0.90 22.44 -2.17
N GLN B 609 0.35 22.83 -2.04
CA GLN B 609 0.66 24.08 -1.31
C GLN B 609 -0.05 25.32 -1.83
N PRO B 610 -0.01 25.51 -3.18
CA PRO B 610 -0.68 26.72 -3.68
C PRO B 610 -2.15 26.80 -3.27
N ILE B 611 -2.84 25.66 -3.19
CA ILE B 611 -4.27 25.67 -2.82
C ILE B 611 -4.48 26.13 -1.38
N LEU B 612 -3.70 25.59 -0.44
CA LEU B 612 -3.92 25.98 0.96
C LEU B 612 -3.51 27.49 1.15
N LEU B 613 -2.40 27.93 0.55
CA LEU B 613 -1.92 29.33 0.58
C LEU B 613 -2.95 30.26 0.00
N LYS B 614 -3.56 29.88 -1.13
CA LYS B 614 -4.61 30.72 -1.71
C LYS B 614 -5.80 30.80 -0.78
N LYS B 615 -6.22 29.70 -0.19
CA LYS B 615 -7.31 29.70 0.81
C LYS B 615 -7.02 30.64 2.04
N ILE B 616 -5.79 30.62 2.55
CA ILE B 616 -5.41 31.47 3.67
C ILE B 616 -5.45 32.99 3.34
N ILE B 617 -4.85 33.38 2.23
CA ILE B 617 -4.82 34.76 1.83
C ILE B 617 -6.24 35.25 1.60
N GLU B 618 -7.04 34.48 0.87
CA GLU B 618 -8.44 34.81 0.67
C GLU B 618 -9.23 34.96 1.93
N LYS B 619 -9.08 34.02 2.86
CA LYS B 619 -9.80 34.09 4.15
C LYS B 619 -9.35 35.32 4.94
N MET B 620 -8.05 35.61 4.87
CA MET B 620 -7.52 36.74 5.65
C MET B 620 -8.11 38.09 5.16
N ALA B 621 -8.33 38.19 3.85
CA ALA B 621 -8.75 39.37 3.13
C ALA B 621 -10.25 39.52 3.00
N THR B 622 -11.04 38.52 3.37
CA THR B 622 -12.50 38.53 3.18
C THR B 622 -13.12 38.09 4.49
N PHE B 623 -12.32 38.14 5.55
CA PHE B 623 -12.68 37.56 6.88
C PHE B 623 -13.91 38.19 7.56
N GLU B 624 -14.84 37.32 7.97
CA GLU B 624 -16.06 37.74 8.68
C GLU B 624 -16.12 37.00 10.02
N ILE B 625 -16.07 37.76 11.11
CA ILE B 625 -15.87 37.20 12.45
C ILE B 625 -17.14 36.56 13.05
N ASP B 626 -17.05 35.37 13.60
CA ASP B 626 -18.19 34.85 14.37
C ASP B 626 -18.10 35.45 15.78
N GLU B 627 -19.20 36.06 16.21
CA GLU B 627 -19.20 36.80 17.44
C GLU B 627 -18.99 35.90 18.67
N LYS B 628 -19.55 34.69 18.66
CA LYS B 628 -19.40 33.72 19.75
C LYS B 628 -17.93 33.26 19.93
N ARG B 629 -17.32 32.87 18.81
CA ARG B 629 -15.90 32.59 18.68
C ARG B 629 -15.04 33.80 19.16
N PHE B 630 -15.44 35.02 18.78
CA PHE B 630 -14.79 36.26 19.23
C PHE B 630 -14.76 36.37 20.77
N GLU B 631 -15.92 36.19 21.43
CA GLU B 631 -15.95 36.30 22.90
C GLU B 631 -15.18 35.13 23.61
N ILE B 632 -15.25 33.93 23.03
CA ILE B 632 -14.54 32.80 23.60
C ILE B 632 -12.98 32.97 23.57
N ILE B 633 -12.48 33.36 22.43
CA ILE B 633 -11.07 33.52 22.25
C ILE B 633 -10.56 34.72 23.04
N LYS B 634 -11.39 35.76 23.18
CA LYS B 634 -10.98 36.92 23.93
C LYS B 634 -10.88 36.53 25.40
N GLU B 635 -11.85 35.77 25.90
CA GLU B 635 -11.76 35.32 27.28
C GLU B 635 -10.48 34.43 27.54
N ALA B 636 -10.13 33.55 26.57
CA ALA B 636 -9.04 32.62 26.69
C ALA B 636 -7.73 33.42 26.68
N TYR B 637 -7.70 34.45 25.85
CA TYR B 637 -6.54 35.31 25.76
C TYR B 637 -6.30 36.17 27.02
N MET B 638 -7.40 36.59 27.66
CA MET B 638 -7.29 37.35 28.85
C MET B 638 -6.61 36.46 29.92
N ARG B 639 -7.09 35.22 30.09
CA ARG B 639 -6.49 34.24 31.00
C ARG B 639 -5.02 33.91 30.65
N SER B 640 -4.74 33.78 29.36
CA SER B 640 -3.43 33.47 28.91
C SER B 640 -2.40 34.57 29.28
N LEU B 641 -2.80 35.84 29.09
CA LEU B 641 -2.05 37.02 29.59
C LEU B 641 -1.84 37.01 31.10
N ASN B 642 -2.90 36.82 31.89
CA ASN B 642 -2.80 36.63 33.33
C ASN B 642 -1.91 35.44 33.81
N ASN B 643 -2.02 34.29 33.13
CA ASN B 643 -1.34 33.04 33.46
C ASN B 643 0.16 33.20 33.33
N PHE B 644 0.61 34.28 32.71
CA PHE B 644 2.03 34.48 32.69
C PHE B 644 2.70 34.67 34.10
N ARG B 645 1.90 35.08 35.08
CA ARG B 645 2.39 35.21 36.47
C ARG B 645 2.84 33.86 37.04
N ALA B 646 2.38 32.76 36.42
CA ALA B 646 2.69 31.40 36.91
C ALA B 646 3.88 30.73 36.14
N GLU B 647 4.50 31.48 35.20
CA GLU B 647 5.71 31.04 34.54
C GLU B 647 6.91 31.05 35.51
N GLN B 648 8.00 30.40 35.13
CA GLN B 648 9.19 30.23 35.98
C GLN B 648 9.89 31.55 36.18
N PRO B 649 10.58 31.71 37.32
CA PRO B 649 11.38 32.94 37.55
C PRO B 649 12.36 33.26 36.44
N HIS B 650 13.00 32.24 35.85
CA HIS B 650 13.96 32.55 34.78
C HIS B 650 13.22 33.05 33.52
N GLN B 651 11.99 32.59 33.31
CA GLN B 651 11.19 33.05 32.16
C GLN B 651 10.73 34.49 32.43
N HIS B 652 10.32 34.80 33.66
CA HIS B 652 10.13 36.21 34.07
C HIS B 652 11.37 37.04 33.79
N ALA B 653 12.56 36.59 34.18
CA ALA B 653 13.79 37.35 33.98
C ALA B 653 14.04 37.71 32.56
N MET B 654 13.91 36.72 31.69
CA MET B 654 14.15 36.87 30.26
C MET B 654 13.17 37.88 29.63
N TYR B 655 11.94 37.84 30.11
CA TYR B 655 10.91 38.68 29.63
C TYR B 655 11.12 40.15 30.04
N TYR B 656 11.45 40.41 31.31
CA TYR B 656 11.70 41.77 31.70
C TYR B 656 12.91 42.35 30.99
N LEU B 657 13.95 41.54 30.78
CA LEU B 657 15.11 42.01 30.00
C LEU B 657 14.77 42.46 28.57
N ARG B 658 13.93 41.67 27.89
CA ARG B 658 13.46 41.99 26.57
C ARG B 658 12.69 43.32 26.61
N LEU B 659 11.85 43.51 27.63
CA LEU B 659 11.08 44.75 27.79
C LEU B 659 12.02 45.91 28.02
N LEU B 660 13.05 45.73 28.85
CA LEU B 660 13.98 46.81 29.20
C LEU B 660 14.84 47.23 28.01
N MET B 661 15.24 46.29 27.17
CA MET B 661 16.27 46.50 26.17
C MET B 661 15.77 46.94 24.83
N THR B 662 14.46 46.79 24.60
CA THR B 662 13.86 47.05 23.26
C THR B 662 13.12 48.39 23.27
N GLU B 663 13.39 49.16 22.23
CA GLU B 663 12.78 50.48 22.06
C GLU B 663 11.29 50.48 22.31
N VAL B 664 10.58 49.60 21.61
CA VAL B 664 9.13 49.46 21.86
C VAL B 664 8.74 48.05 22.23
N ALA B 665 7.93 47.93 23.29
CA ALA B 665 7.48 46.64 23.76
C ALA B 665 6.34 46.83 24.73
N TRP B 666 5.14 46.30 24.41
CA TRP B 666 4.02 46.41 25.32
C TRP B 666 4.11 45.29 26.30
N THR B 667 3.72 45.52 27.55
CA THR B 667 3.89 44.55 28.60
C THR B 667 2.57 43.78 28.68
N LYS B 668 2.59 42.59 29.29
CA LYS B 668 1.34 41.82 29.56
C LYS B 668 0.28 42.65 30.25
N ASP B 669 0.68 43.46 31.20
CA ASP B 669 -0.30 44.31 31.92
C ASP B 669 -0.90 45.35 31.02
N GLU B 670 -0.13 45.97 30.14
CA GLU B 670 -0.65 46.98 29.18
C GLU B 670 -1.62 46.30 28.19
N LEU B 671 -1.20 45.15 27.65
CA LEU B 671 -2.09 44.32 26.83
C LEU B 671 -3.37 43.92 27.53
N LYS B 672 -3.27 43.51 28.80
CA LYS B 672 -4.50 43.03 29.47
C LYS B 672 -5.46 44.15 29.85
N GLU B 673 -4.89 45.28 30.25
CA GLU B 673 -5.63 46.53 30.42
C GLU B 673 -6.40 46.96 29.14
N ALA B 674 -5.71 47.02 28.00
CA ALA B 674 -6.34 47.40 26.73
C ALA B 674 -7.32 46.39 26.10
N LEU B 675 -7.46 45.19 26.65
CA LEU B 675 -8.22 44.15 25.97
C LEU B 675 -9.71 44.28 26.25
N ASP B 676 -10.06 44.80 27.42
CA ASP B 676 -11.45 45.09 27.76
C ASP B 676 -12.19 45.90 26.71
N ASP B 677 -11.46 46.84 26.10
CA ASP B 677 -11.92 47.69 25.04
C ASP B 677 -11.91 47.13 23.61
N VAL B 678 -11.42 45.90 23.42
CA VAL B 678 -11.56 45.25 22.10
C VAL B 678 -13.00 44.75 21.99
N THR B 679 -13.77 45.38 21.10
CA THR B 679 -15.16 45.00 20.86
C THR B 679 -15.19 44.44 19.47
N LEU B 680 -16.25 43.69 19.15
CA LEU B 680 -16.44 43.21 17.79
C LEU B 680 -16.36 44.32 16.72
N PRO B 681 -17.19 45.40 16.85
CA PRO B 681 -17.11 46.50 15.87
C PRO B 681 -15.69 46.99 15.70
N ARG B 682 -15.01 47.24 16.82
CA ARG B 682 -13.65 47.71 16.69
C ARG B 682 -12.66 46.74 15.94
N LEU B 683 -12.85 45.43 16.12
CA LEU B 683 -11.98 44.40 15.48
C LEU B 683 -12.30 44.33 13.99
N LYS B 684 -13.59 44.40 13.66
CA LYS B 684 -14.05 44.44 12.24
C LYS B 684 -13.47 45.64 11.52
N ALA B 685 -13.50 46.80 12.17
CA ALA B 685 -12.86 47.97 11.61
C ALA B 685 -11.36 47.79 11.49
N PHE B 686 -10.71 47.15 12.48
CA PHE B 686 -9.22 47.00 12.42
C PHE B 686 -8.68 46.23 11.21
N ILE B 687 -9.34 45.15 10.82
CA ILE B 687 -8.76 44.26 9.81
C ILE B 687 -8.53 44.93 8.44
N PRO B 688 -9.59 45.59 7.86
CA PRO B 688 -9.31 46.37 6.61
C PRO B 688 -8.19 47.41 6.75
N GLN B 689 -8.09 48.06 7.92
CA GLN B 689 -7.01 48.98 8.13
C GLN B 689 -5.66 48.25 8.17
N LEU B 690 -5.60 47.12 8.86
CA LEU B 690 -4.34 46.35 8.88
C LEU B 690 -3.86 46.00 7.47
N LEU B 691 -4.79 45.50 6.65
CA LEU B 691 -4.48 44.97 5.32
C LEU B 691 -4.39 46.00 4.21
N SER B 692 -4.89 47.23 4.45
CA SER B 692 -4.93 48.31 3.41
C SER B 692 -3.52 48.68 2.93
N ARG B 693 -2.57 48.68 3.85
CA ARG B 693 -1.20 48.97 3.46
C ARG B 693 -0.19 48.02 4.08
N LEU B 694 0.55 47.36 3.17
CA LEU B 694 1.48 46.31 3.45
C LEU B 694 2.77 46.33 2.60
N HIS B 695 3.82 45.81 3.19
CA HIS B 695 4.94 45.33 2.43
C HIS B 695 5.07 43.82 2.79
N ILE B 696 5.53 43.03 1.82
CA ILE B 696 5.64 41.62 1.97
C ILE B 696 7.07 41.29 1.64
N GLU B 697 7.79 40.70 2.59
CA GLU B 697 9.09 40.05 2.31
C GLU B 697 8.95 38.50 2.44
N ALA B 698 9.41 37.77 1.40
CA ALA B 698 9.10 36.35 1.25
C ALA B 698 10.36 35.56 1.03
N LEU B 699 10.41 34.34 1.56
CA LEU B 699 11.45 33.37 1.14
C LEU B 699 10.70 32.15 0.59
N LEU B 700 11.02 31.79 -0.63
CA LEU B 700 10.38 30.61 -1.20
C LEU B 700 11.51 29.70 -1.54
N HIS B 701 11.55 28.57 -0.85
CA HIS B 701 12.71 27.67 -0.86
C HIS B 701 12.21 26.23 -0.89
N GLY B 702 12.56 25.47 -1.94
CA GLY B 702 12.21 24.03 -1.99
C GLY B 702 12.17 23.52 -3.40
N ASN B 703 11.32 22.50 -3.62
CA ASN B 703 11.14 21.85 -4.94
C ASN B 703 10.26 22.75 -5.75
N ILE B 704 10.85 23.82 -6.30
CA ILE B 704 10.07 24.90 -6.93
C ILE B 704 10.97 25.74 -7.85
N THR B 705 10.39 26.26 -8.92
CA THR B 705 11.15 26.96 -9.93
C THR B 705 10.95 28.46 -9.78
N LYS B 706 11.82 29.24 -10.42
CA LYS B 706 11.73 30.70 -10.38
C LYS B 706 10.35 31.21 -10.81
N GLN B 707 9.85 30.72 -11.94
CA GLN B 707 8.58 31.15 -12.45
C GLN B 707 7.47 30.71 -11.52
N ALA B 708 7.59 29.57 -10.87
CA ALA B 708 6.54 29.20 -9.94
C ALA B 708 6.61 30.09 -8.71
N ALA B 709 7.82 30.40 -8.26
CA ALA B 709 7.99 31.31 -7.10
C ALA B 709 7.31 32.68 -7.33
N LEU B 710 7.62 33.25 -8.50
CA LEU B 710 7.01 34.49 -9.04
C LEU B 710 5.53 34.37 -9.17
N GLY B 711 5.04 33.20 -9.61
CA GLY B 711 3.60 32.94 -9.64
C GLY B 711 2.91 32.87 -8.29
N ILE B 712 3.61 32.30 -7.31
CA ILE B 712 3.09 32.25 -5.93
C ILE B 712 2.96 33.66 -5.32
N MET B 713 4.02 34.45 -5.46
CA MET B 713 4.04 35.81 -4.97
C MET B 713 2.95 36.67 -5.64
N GLN B 714 2.86 36.63 -6.98
CA GLN B 714 1.82 37.36 -7.70
C GLN B 714 0.43 36.98 -7.21
N MET B 715 0.19 35.69 -7.01
CA MET B 715 -1.13 35.24 -6.52
C MET B 715 -1.47 35.82 -5.13
N VAL B 716 -0.47 35.89 -4.23
CA VAL B 716 -0.68 36.44 -2.87
C VAL B 716 -1.02 37.95 -2.99
N GLU B 717 -0.19 38.67 -3.76
CA GLU B 717 -0.46 40.08 -4.10
C GLU B 717 -1.87 40.26 -4.67
N ASP B 718 -2.16 39.55 -5.78
CA ASP B 718 -3.43 39.77 -6.47
C ASP B 718 -4.59 39.52 -5.56
N THR B 719 -4.45 38.57 -4.65
CA THR B 719 -5.57 38.26 -3.74
C THR B 719 -5.77 39.37 -2.69
N LEU B 720 -4.66 39.92 -2.20
CA LEU B 720 -4.77 40.99 -1.25
C LEU B 720 -5.33 42.23 -1.96
N ILE B 721 -4.63 42.65 -3.02
CA ILE B 721 -5.06 43.72 -3.91
C ILE B 721 -6.58 43.67 -4.24
N GLU B 722 -7.07 42.51 -4.71
CA GLU B 722 -8.50 42.26 -5.01
C GLU B 722 -9.48 42.38 -3.87
N HIS B 723 -9.24 41.63 -2.79
CA HIS B 723 -10.20 41.60 -1.69
C HIS B 723 -9.93 42.64 -0.65
N ALA B 724 -8.71 43.16 -0.58
CA ALA B 724 -8.40 44.09 0.50
C ALA B 724 -7.90 45.49 0.01
N HIS B 725 -7.80 45.67 -1.31
CA HIS B 725 -7.40 46.98 -1.89
C HIS B 725 -6.03 47.38 -1.34
N THR B 726 -5.23 46.37 -1.03
CA THR B 726 -3.94 46.60 -0.40
C THR B 726 -3.06 47.43 -1.34
N LYS B 727 -2.37 48.45 -0.80
CA LYS B 727 -1.41 49.21 -1.56
C LYS B 727 -0.09 49.18 -0.84
N PRO B 728 1.03 49.52 -1.53
CA PRO B 728 2.31 49.42 -0.81
C PRO B 728 2.55 50.48 0.31
N LEU B 729 3.40 50.11 1.27
CA LEU B 729 3.96 51.02 2.24
C LEU B 729 5.03 51.93 1.64
N LEU B 730 5.26 53.10 2.24
CA LEU B 730 6.47 53.88 1.96
C LEU B 730 7.67 53.16 2.59
N PRO B 731 8.87 53.30 1.96
CA PRO B 731 10.12 52.74 2.53
C PRO B 731 10.40 53.28 3.94
N SER B 732 10.16 54.58 4.16
CA SER B 732 10.33 55.26 5.48
C SER B 732 9.42 54.72 6.59
N GLN B 733 8.32 54.04 6.23
CA GLN B 733 7.45 53.40 7.19
C GLN B 733 8.02 52.04 7.66
N LEU B 734 9.03 51.53 6.95
CA LEU B 734 9.56 50.19 7.27
C LEU B 734 10.62 50.30 8.37
N VAL B 735 10.10 50.62 9.54
CA VAL B 735 10.85 50.87 10.78
C VAL B 735 11.23 49.53 11.49
N ARG B 736 12.46 49.40 11.95
CA ARG B 736 12.82 48.35 12.91
C ARG B 736 13.12 49.00 14.25
N TYR B 737 12.92 48.26 15.36
CA TYR B 737 13.27 48.75 16.71
C TYR B 737 14.73 48.63 17.01
N ARG B 738 15.20 49.53 17.87
CA ARG B 738 16.59 49.59 18.29
C ARG B 738 16.76 48.98 19.71
N GLU B 739 17.95 48.52 20.01
CA GLU B 739 18.29 48.21 21.38
C GLU B 739 18.75 49.50 22.13
N VAL B 740 18.32 49.66 23.38
CA VAL B 740 18.82 50.64 24.33
C VAL B 740 20.36 50.55 24.38
N GLN B 741 21.02 51.69 24.43
CA GLN B 741 22.47 51.72 24.47
C GLN B 741 22.98 52.08 25.85
N LEU B 742 23.53 51.08 26.52
CA LEU B 742 24.00 51.20 27.89
C LEU B 742 25.29 52.03 28.02
N PRO B 743 25.40 52.86 29.10
CA PRO B 743 26.62 53.69 29.32
C PRO B 743 27.79 52.82 29.78
N ASP B 744 29.00 53.16 29.28
CA ASP B 744 30.27 52.64 29.76
C ASP B 744 30.28 52.63 31.26
N ARG B 745 30.76 51.52 31.84
CA ARG B 745 30.78 51.31 33.32
C ARG B 745 29.40 51.36 33.97
N GLY B 746 28.33 51.30 33.18
CA GLY B 746 27.02 51.40 33.83
C GLY B 746 26.60 50.06 34.41
N TRP B 747 25.87 50.07 35.52
CA TRP B 747 25.25 48.86 36.01
C TRP B 747 23.85 49.15 36.47
N PHE B 748 22.87 48.51 35.85
CA PHE B 748 21.46 48.67 36.26
C PHE B 748 20.85 47.34 36.70
N VAL B 749 19.93 47.39 37.66
CA VAL B 749 19.24 46.23 38.18
C VAL B 749 17.77 46.55 38.15
N TYR B 750 16.98 45.67 37.55
CA TYR B 750 15.54 45.70 37.69
C TYR B 750 15.08 44.48 38.51
N GLN B 751 14.29 44.73 39.53
CA GLN B 751 13.88 43.75 40.45
C GLN B 751 12.34 43.54 40.41
N GLN B 752 11.89 42.31 40.31
CA GLN B 752 10.48 41.99 40.46
C GLN B 752 10.38 40.75 41.35
N ARG B 753 9.15 40.35 41.66
CA ARG B 753 8.91 39.16 42.39
C ARG B 753 8.04 38.19 41.53
N ASN B 754 8.33 36.91 41.65
CA ASN B 754 7.46 35.88 41.16
C ASN B 754 6.57 35.43 42.32
N GLU B 755 5.28 35.47 42.10
CA GLU B 755 4.32 35.30 43.15
C GLU B 755 3.88 33.85 43.28
N VAL B 756 4.37 32.99 42.41
CA VAL B 756 3.90 31.60 42.35
C VAL B 756 5.02 30.62 42.75
N HIS B 757 6.23 30.86 42.28
CA HIS B 757 7.32 29.94 42.49
C HIS B 757 8.19 30.46 43.64
N ASN B 758 8.71 29.53 44.44
CA ASN B 758 9.58 29.85 45.53
C ASN B 758 11.04 29.59 45.20
N ASN B 759 11.45 30.00 44.00
CA ASN B 759 12.82 30.09 43.61
C ASN B 759 12.96 31.46 42.96
N CYS B 760 14.22 31.86 42.85
CA CYS B 760 14.70 33.02 42.18
C CYS B 760 15.02 32.78 40.77
N GLY B 761 15.06 33.89 40.00
CA GLY B 761 15.63 33.92 38.67
C GLY B 761 16.47 35.16 38.50
N ILE B 762 17.45 35.08 37.61
CA ILE B 762 18.32 36.18 37.32
C ILE B 762 18.72 36.02 35.86
N GLU B 763 18.73 37.13 35.16
CA GLU B 763 19.48 37.20 33.92
C GLU B 763 20.44 38.40 34.05
N ILE B 764 21.70 38.18 33.72
CA ILE B 764 22.72 39.22 33.70
C ILE B 764 23.12 39.40 32.27
N TYR B 765 23.07 40.64 31.78
CA TYR B 765 23.42 40.89 30.36
C TYR B 765 24.58 41.87 30.37
N TYR B 766 25.67 41.45 29.72
CA TYR B 766 26.87 42.27 29.50
C TYR B 766 26.84 42.67 28.02
N GLN B 767 26.22 43.80 27.74
CA GLN B 767 26.08 44.24 26.34
C GLN B 767 27.45 44.57 25.78
N THR B 768 27.75 44.06 24.59
CA THR B 768 29.00 44.46 24.00
C THR B 768 28.80 45.64 23.02
N ASP B 769 28.44 45.31 21.78
CA ASP B 769 28.34 46.26 20.70
C ASP B 769 27.47 45.67 19.62
N MET B 770 27.10 46.51 18.67
CA MET B 770 26.51 46.11 17.40
C MET B 770 27.21 44.87 16.79
N GLN B 771 26.42 44.03 16.14
CA GLN B 771 26.93 42.87 15.44
C GLN B 771 27.74 43.28 14.25
N SER B 772 28.85 42.56 14.06
CA SER B 772 29.76 42.66 12.93
C SER B 772 30.61 41.40 13.01
N THR B 773 31.31 41.03 11.93
CA THR B 773 32.15 39.83 11.90
C THR B 773 33.10 39.67 13.11
N SER B 774 33.84 40.74 13.40
CA SER B 774 34.83 40.73 14.46
C SER B 774 34.21 40.59 15.85
N GLU B 775 33.18 41.39 16.14
CA GLU B 775 32.48 41.39 17.40
C GLU B 775 31.67 40.12 17.59
N ASN B 776 31.11 39.58 16.51
CA ASN B 776 30.36 38.33 16.61
C ASN B 776 31.25 37.24 17.12
N MET B 777 32.44 37.16 16.53
CA MET B 777 33.36 36.05 16.73
C MET B 777 34.21 36.19 18.00
N PHE B 778 34.44 37.41 18.43
CA PHE B 778 35.00 37.64 19.76
C PHE B 778 34.05 37.06 20.81
N LEU B 779 32.78 37.41 20.68
CA LEU B 779 31.79 37.01 21.64
C LEU B 779 31.49 35.50 21.60
N GLU B 780 31.33 34.91 20.39
CA GLU B 780 31.02 33.51 20.24
C GLU B 780 32.14 32.61 20.70
N LEU B 781 33.39 33.08 20.57
CA LEU B 781 34.56 32.31 20.99
C LEU B 781 34.76 32.42 22.50
N PHE B 782 34.55 33.61 23.05
CA PHE B 782 34.58 33.75 24.49
C PHE B 782 33.53 32.80 25.12
N CYS B 783 32.32 32.85 24.61
CA CYS B 783 31.28 31.91 24.97
C CYS B 783 31.63 30.43 24.92
N GLN B 784 32.18 30.01 23.78
CA GLN B 784 32.59 28.64 23.58
C GLN B 784 33.57 28.30 24.73
N ILE B 785 34.49 29.22 25.03
CA ILE B 785 35.51 28.94 26.02
C ILE B 785 34.92 28.72 27.43
N ILE B 786 33.95 29.54 27.81
CA ILE B 786 33.46 29.59 29.22
C ILE B 786 32.25 28.70 29.36
N SER B 787 31.79 28.16 28.24
CA SER B 787 30.53 27.45 28.22
C SER B 787 30.45 26.27 29.21
N GLU B 788 31.31 25.29 29.01
CA GLU B 788 31.31 24.12 29.89
C GLU B 788 31.81 24.47 31.33
N PRO B 789 32.91 25.25 31.47
CA PRO B 789 33.40 25.69 32.81
C PRO B 789 32.33 26.42 33.63
N CYS B 790 31.50 27.12 32.92
CA CYS B 790 30.45 27.86 33.50
C CYS B 790 29.33 26.99 34.10
N PHE B 791 28.89 26.01 33.33
CA PHE B 791 27.96 24.99 33.88
C PHE B 791 28.65 24.18 35.03
N ASN B 792 29.90 23.78 34.77
CA ASN B 792 30.62 23.03 35.77
C ASN B 792 30.73 23.76 37.11
N THR B 793 31.04 25.05 37.06
CA THR B 793 31.25 25.81 38.26
C THR B 793 29.99 26.14 39.02
N LEU B 794 29.09 26.86 38.36
CA LEU B 794 27.86 27.40 38.96
C LEU B 794 26.81 26.33 39.27
N ARG B 795 26.77 25.29 38.46
CA ARG B 795 25.88 24.18 38.80
C ARG B 795 26.59 22.99 39.46
N THR B 796 27.52 22.33 38.75
CA THR B 796 28.03 21.05 39.25
C THR B 796 28.81 21.22 40.56
N LYS B 797 29.69 22.22 40.60
CA LYS B 797 30.38 22.55 41.85
C LYS B 797 29.50 23.25 42.83
N GLU B 798 29.08 24.48 42.50
CA GLU B 798 28.37 25.33 43.49
C GLU B 798 26.93 24.97 43.63
N GLN B 799 26.39 24.24 42.67
CA GLN B 799 24.97 23.77 42.83
C GLN B 799 23.98 24.94 43.14
N LEU B 800 24.12 26.03 42.37
CA LEU B 800 23.22 27.17 42.53
C LEU B 800 21.79 26.83 42.08
N GLY B 801 21.64 25.94 41.09
CA GLY B 801 20.32 25.52 40.66
C GLY B 801 20.49 24.56 39.52
N TYR B 802 19.39 23.91 39.16
CA TYR B 802 19.31 23.04 37.99
C TYR B 802 19.48 23.84 36.65
N ILE B 803 18.83 25.03 36.60
CA ILE B 803 18.99 25.93 35.44
C ILE B 803 20.16 26.87 35.59
N VAL B 804 21.16 26.65 34.75
CA VAL B 804 22.35 27.49 34.72
C VAL B 804 22.68 27.59 33.24
N PHE B 805 22.65 28.80 32.70
CA PHE B 805 22.88 28.99 31.27
C PHE B 805 23.81 30.16 31.05
N SER B 806 24.71 30.06 30.11
CA SER B 806 25.49 31.23 29.64
C SER B 806 25.57 31.19 28.10
N GLY B 807 25.84 32.31 27.42
CA GLY B 807 25.90 32.29 25.98
C GLY B 807 25.69 33.67 25.37
N PRO B 808 25.84 33.81 24.02
CA PRO B 808 25.49 35.09 23.36
C PRO B 808 24.01 35.50 23.47
N ARG B 809 23.73 36.80 23.61
CA ARG B 809 22.37 37.30 23.42
C ARG B 809 22.45 38.23 22.20
N ARG B 810 21.52 38.04 21.24
CA ARG B 810 21.43 38.82 19.97
C ARG B 810 20.01 39.36 19.86
N ALA B 811 19.87 40.69 19.81
CA ALA B 811 18.57 41.33 19.63
C ALA B 811 18.77 42.63 18.82
N ASN B 812 17.96 42.82 17.75
CA ASN B 812 17.81 44.10 17.09
C ASN B 812 19.15 44.59 16.58
N GLY B 813 19.94 43.65 16.10
CA GLY B 813 21.33 43.91 15.67
C GLY B 813 22.35 44.22 16.80
N GLN B 815 24.15 42.81 20.30
CA GLN B 815 24.73 41.72 21.13
C GLN B 815 25.42 41.89 22.51
N GLY B 816 25.66 40.72 23.14
CA GLY B 816 26.41 40.61 24.38
C GLY B 816 26.31 39.24 25.02
N LEU B 817 26.74 39.17 26.27
CA LEU B 817 26.88 37.88 26.93
C LEU B 817 25.88 37.86 28.03
N ARG B 818 25.12 36.78 28.12
CA ARG B 818 24.15 36.63 29.18
C ARG B 818 24.40 35.39 30.08
N PHE B 819 23.93 35.47 31.32
CA PHE B 819 23.92 34.35 32.23
C PHE B 819 22.50 34.33 32.70
N ILE B 820 21.92 33.12 32.76
CA ILE B 820 20.56 32.93 33.37
C ILE B 820 20.68 31.82 34.41
N ILE B 821 20.15 32.06 35.61
CA ILE B 821 20.21 31.09 36.68
C ILE B 821 18.88 31.09 37.42
N GLN B 822 18.44 29.89 37.84
CA GLN B 822 17.28 29.80 38.69
C GLN B 822 17.68 29.00 39.91
N SER B 823 17.39 29.54 41.09
CA SER B 823 18.02 29.12 42.35
C SER B 823 17.10 29.41 43.54
N GLU B 824 17.38 28.72 44.63
CA GLU B 824 16.83 28.98 45.94
C GLU B 824 17.56 30.19 46.52
N LYS B 825 18.80 30.44 46.12
CA LYS B 825 19.59 31.60 46.57
C LYS B 825 19.06 33.01 46.04
N PRO B 826 19.27 34.08 46.84
CA PRO B 826 18.90 35.42 46.40
C PRO B 826 19.74 35.90 45.21
N PRO B 827 19.08 36.61 44.27
CA PRO B 827 19.77 37.10 43.09
C PRO B 827 21.09 37.85 43.39
N HIS B 828 21.14 38.68 44.43
CA HIS B 828 22.41 39.37 44.80
C HIS B 828 23.56 38.38 45.06
N TYR B 829 23.22 37.22 45.63
CA TYR B 829 24.23 36.19 45.86
C TYR B 829 24.69 35.59 44.53
N LEU B 830 23.70 35.31 43.67
CA LEU B 830 23.91 34.64 42.39
C LEU B 830 24.81 35.53 41.54
N GLU B 831 24.60 36.82 41.71
CA GLU B 831 25.39 37.83 40.99
C GLU B 831 26.88 37.87 41.39
N SER B 832 27.18 37.78 42.70
CA SER B 832 28.58 37.67 43.17
C SER B 832 29.26 36.40 42.68
N ARG B 833 28.51 35.28 42.67
CA ARG B 833 28.99 34.00 42.14
C ARG B 833 29.32 34.04 40.63
N VAL B 834 28.44 34.59 39.81
CA VAL B 834 28.78 34.79 38.39
C VAL B 834 30.04 35.67 38.20
N GLU B 835 30.17 36.72 38.99
CA GLU B 835 31.35 37.60 38.93
C GLU B 835 32.60 36.89 39.47
N ALA B 836 32.47 36.07 40.50
CA ALA B 836 33.61 35.24 40.94
C ALA B 836 34.04 34.31 39.81
N PHE B 837 33.07 33.67 39.14
CA PHE B 837 33.38 32.82 38.02
C PHE B 837 34.12 33.58 36.90
N LEU B 838 33.72 34.82 36.61
CA LEU B 838 34.34 35.55 35.51
C LEU B 838 35.85 35.71 35.73
N ILE B 839 36.24 35.93 36.98
CA ILE B 839 37.63 36.10 37.35
C ILE B 839 38.45 34.79 37.15
N THR B 840 37.99 33.71 37.79
CA THR B 840 38.42 32.33 37.59
C THR B 840 38.58 31.97 36.13
N MET B 841 37.57 32.33 35.34
CA MET B 841 37.61 32.12 33.91
C MET B 841 38.69 32.95 33.28
N GLU B 842 38.96 34.14 33.82
CA GLU B 842 40.07 34.93 33.29
C GLU B 842 41.46 34.26 33.52
N LYS B 843 41.75 33.78 34.76
CA LYS B 843 43.02 33.06 35.02
C LYS B 843 43.09 31.86 34.12
N SER B 844 41.94 31.19 33.92
CA SER B 844 41.94 29.94 33.20
C SER B 844 42.34 30.15 31.73
N ILE B 845 41.91 31.27 31.15
CA ILE B 845 42.35 31.66 29.77
C ILE B 845 43.84 32.06 29.71
N GLU B 846 44.33 32.69 30.77
CA GLU B 846 45.75 33.07 30.86
C GLU B 846 46.68 31.84 30.85
N ASP B 847 46.23 30.75 31.49
CA ASP B 847 47.08 29.59 31.71
C ASP B 847 46.82 28.53 30.65
N MET B 848 45.80 28.71 29.82
CA MET B 848 45.44 27.64 28.88
C MET B 848 46.47 27.55 27.76
N THR B 849 46.76 26.29 27.38
CA THR B 849 47.66 25.87 26.29
C THR B 849 47.22 26.51 24.95
N GLU B 850 48.14 26.69 24.04
CA GLU B 850 47.79 27.18 22.70
C GLU B 850 46.93 26.09 22.06
N GLU B 851 47.30 24.84 22.31
CA GLU B 851 46.53 23.68 21.85
C GLU B 851 45.07 23.62 22.38
N ALA B 852 44.89 23.81 23.69
CA ALA B 852 43.57 23.94 24.27
C ALA B 852 42.76 25.05 23.53
N PHE B 853 43.35 26.22 23.39
CA PHE B 853 42.73 27.36 22.72
C PHE B 853 42.21 27.10 21.28
N GLN B 854 43.08 26.43 20.53
CA GLN B 854 42.86 26.06 19.15
C GLN B 854 41.81 24.92 19.04
N LYS B 855 41.67 24.13 20.10
CA LYS B 855 40.56 23.16 20.20
C LYS B 855 39.20 23.89 20.29
N HIS B 856 39.18 25.02 21.00
CA HIS B 856 37.96 25.82 21.14
C HIS B 856 37.58 26.49 19.81
N ILE B 857 38.55 27.12 19.16
CA ILE B 857 38.34 27.66 17.82
C ILE B 857 37.72 26.60 16.92
N GLN B 858 38.32 25.42 16.93
CA GLN B 858 37.94 24.34 16.05
C GLN B 858 36.53 23.84 16.44
N ALA B 859 36.26 23.81 17.75
CA ALA B 859 34.94 23.38 18.25
C ALA B 859 33.84 24.33 17.74
N LEU B 860 34.07 25.65 17.89
CA LEU B 860 33.19 26.71 17.32
C LEU B 860 33.01 26.56 15.80
N ALA B 861 34.15 26.42 15.13
CA ALA B 861 34.22 26.21 13.68
C ALA B 861 33.28 25.10 13.23
N ILE B 862 33.42 23.92 13.82
CA ILE B 862 32.51 22.80 13.56
C ILE B 862 31.03 23.09 13.84
N ARG B 863 30.71 23.73 14.98
CA ARG B 863 29.32 24.12 15.29
C ARG B 863 28.73 25.07 14.23
N ARG B 864 29.49 26.06 13.78
CA ARG B 864 28.98 27.05 12.83
C ARG B 864 28.82 26.48 11.44
N LEU B 865 29.73 25.57 11.10
CA LEU B 865 29.79 25.04 9.74
C LEU B 865 28.95 23.79 9.56
N ASP B 866 28.42 23.26 10.65
CA ASP B 866 27.64 22.01 10.66
C ASP B 866 26.51 22.12 9.62
N LYS B 867 26.45 21.21 8.66
CA LYS B 867 25.51 21.35 7.54
C LYS B 867 24.07 21.01 7.92
N PRO B 868 23.10 21.83 7.50
CA PRO B 868 21.65 21.45 7.61
C PRO B 868 21.28 20.06 7.02
N LYS B 869 20.53 19.22 7.74
CA LYS B 869 20.20 17.86 7.21
C LYS B 869 18.82 17.82 6.54
N LYS B 870 18.02 18.86 6.78
CA LYS B 870 16.69 19.01 6.15
C LYS B 870 16.41 20.43 5.65
N LEU B 871 15.41 20.53 4.78
CA LEU B 871 15.13 21.78 4.04
C LEU B 871 14.87 22.92 5.00
N SER B 872 14.04 22.63 6.00
CA SER B 872 13.52 23.65 6.88
C SER B 872 14.56 24.20 7.85
N ALA B 873 15.64 23.44 8.08
CA ALA B 873 16.85 23.96 8.79
C ALA B 873 17.68 24.91 7.88
N GLU B 874 17.73 24.62 6.57
CA GLU B 874 18.43 25.50 5.64
C GLU B 874 17.65 26.84 5.46
N CYS B 875 16.33 26.77 5.34
CA CYS B 875 15.45 27.95 5.32
C CYS B 875 15.50 28.85 6.51
N ALA B 876 15.48 28.25 7.71
CA ALA B 876 15.62 28.98 8.96
C ALA B 876 16.88 29.82 8.99
N LYS B 877 18.01 29.26 8.55
CA LYS B 877 19.24 30.03 8.34
C LYS B 877 19.01 31.21 7.39
N TYR B 878 18.45 30.97 6.21
CA TYR B 878 18.17 32.07 5.24
C TYR B 878 17.14 33.06 5.77
N TRP B 879 16.08 32.54 6.34
CA TRP B 879 15.08 33.35 7.01
C TRP B 879 15.65 34.25 8.13
N GLY B 880 16.64 33.75 8.88
CA GLY B 880 17.32 34.52 9.93
C GLY B 880 18.00 35.77 9.36
N GLU B 881 18.73 35.58 8.27
CA GLU B 881 19.40 36.67 7.54
C GLU B 881 18.41 37.68 6.96
N ILE B 882 17.25 37.21 6.47
CA ILE B 882 16.19 38.08 5.90
C ILE B 882 15.41 38.91 6.97
N ILE B 883 14.96 38.25 8.01
CA ILE B 883 14.21 38.84 9.05
C ILE B 883 15.07 39.83 9.85
N SER B 884 16.38 39.57 9.99
CA SER B 884 17.23 40.47 10.73
C SER B 884 17.68 41.59 9.79
N GLN B 885 17.50 41.37 8.48
CA GLN B 885 17.91 42.31 7.45
C GLN B 885 19.40 42.47 7.40
N GLN B 886 20.12 41.36 7.50
CA GLN B 886 21.54 41.45 7.36
C GLN B 886 21.89 40.74 6.07
N TYR B 887 21.04 39.82 5.62
CA TYR B 887 21.21 39.17 4.31
C TYR B 887 22.62 38.66 4.06
N ASN B 888 23.28 38.19 5.10
CA ASN B 888 24.65 37.65 4.91
C ASN B 888 24.57 36.13 4.82
N PHE B 889 24.14 35.64 3.65
CA PHE B 889 23.86 34.21 3.42
C PHE B 889 25.09 33.35 3.48
N ASP B 890 26.27 33.94 3.34
CA ASP B 890 27.53 33.22 3.34
C ASP B 890 28.30 33.48 4.62
N ARG B 891 27.57 33.93 5.65
CA ARG B 891 28.09 34.29 6.97
C ARG B 891 29.01 33.23 7.58
N ASP B 892 28.60 31.98 7.52
CA ASP B 892 29.31 30.87 8.21
C ASP B 892 30.75 30.76 7.72
N ASN B 893 30.91 30.76 6.40
CA ASN B 893 32.24 30.71 5.82
C ASN B 893 33.13 31.87 6.22
N THR B 894 32.57 33.07 6.07
CA THR B 894 33.24 34.33 6.38
C THR B 894 33.60 34.41 7.87
N GLU B 895 32.62 34.13 8.74
CA GLU B 895 32.83 34.28 10.19
C GLU B 895 33.85 33.26 10.72
N VAL B 896 33.77 32.04 10.23
CA VAL B 896 34.70 30.99 10.61
C VAL B 896 36.18 31.25 10.11
N ALA B 897 36.34 31.73 8.86
CA ALA B 897 37.64 32.15 8.36
C ALA B 897 38.17 33.27 9.24
N TYR B 898 37.33 34.25 9.59
CA TYR B 898 37.81 35.26 10.55
C TYR B 898 38.13 34.68 11.95
N LEU B 899 37.26 33.81 12.48
CA LEU B 899 37.50 33.02 13.73
C LEU B 899 38.91 32.42 13.85
N LYS B 900 39.36 31.69 12.81
CA LYS B 900 40.67 31.01 12.85
C LYS B 900 41.86 31.94 13.02
N THR B 901 41.59 33.22 12.76
CA THR B 901 42.55 34.30 12.83
C THR B 901 42.79 34.69 14.26
N LEU B 902 41.77 34.52 15.10
CA LEU B 902 41.76 35.05 16.46
C LEU B 902 42.80 34.37 17.33
N THR B 903 43.44 35.17 18.18
CA THR B 903 44.48 34.69 19.08
C THR B 903 44.00 34.72 20.53
N LYS B 904 44.67 34.04 21.44
CA LYS B 904 44.28 34.06 22.85
C LYS B 904 44.41 35.47 23.43
N GLU B 905 45.41 36.20 22.95
CA GLU B 905 45.65 37.59 23.36
C GLU B 905 44.47 38.51 22.95
N ASP B 906 43.93 38.29 21.76
CA ASP B 906 42.71 38.98 21.28
C ASP B 906 41.57 38.82 22.24
N ILE B 907 41.35 37.57 22.67
CA ILE B 907 40.24 37.21 23.53
C ILE B 907 40.41 37.81 24.90
N ILE B 908 41.66 37.89 25.35
CA ILE B 908 41.94 38.50 26.63
C ILE B 908 41.67 40.01 26.58
N LYS B 909 42.13 40.69 25.52
CA LYS B 909 41.96 42.14 25.39
C LYS B 909 40.45 42.47 25.36
N PHE B 910 39.70 41.74 24.53
CA PHE B 910 38.25 41.84 24.47
C PHE B 910 37.56 41.69 25.84
N TYR B 911 37.94 40.66 26.60
CA TYR B 911 37.38 40.46 27.93
C TYR B 911 37.73 41.67 28.83
N LYS B 912 38.96 42.16 28.69
CA LYS B 912 39.47 43.24 29.54
C LYS B 912 38.83 44.57 29.15
N GLU B 913 38.60 44.78 27.86
CA GLU B 913 37.89 45.99 27.41
C GLU B 913 36.37 46.02 27.71
N MET B 914 35.68 44.87 27.53
CA MET B 914 34.21 44.78 27.51
C MET B 914 33.55 44.12 28.71
N LEU B 915 34.22 43.15 29.32
CA LEU B 915 33.53 42.22 30.27
C LEU B 915 33.97 42.19 31.71
N ALA B 916 35.28 42.41 31.94
CA ALA B 916 35.89 42.34 33.29
C ALA B 916 35.22 43.33 34.16
N VAL B 917 35.21 43.09 35.47
CA VAL B 917 34.57 43.98 36.43
C VAL B 917 35.03 45.47 36.32
N ASP B 918 36.28 45.71 35.90
CA ASP B 918 36.79 47.08 35.77
C ASP B 918 37.08 47.43 34.33
N ALA B 919 36.33 46.81 33.43
CA ALA B 919 36.38 47.12 32.00
C ALA B 919 35.91 48.55 31.71
N PRO B 920 36.67 49.29 30.86
CA PRO B 920 36.23 50.67 30.61
C PRO B 920 34.87 50.72 29.85
N ARG B 921 34.55 49.64 29.12
CA ARG B 921 33.30 49.62 28.33
C ARG B 921 32.35 48.51 28.80
N ARG B 922 32.37 48.24 30.10
CA ARG B 922 31.47 47.25 30.65
C ARG B 922 30.08 47.87 30.63
N HIS B 923 29.06 47.11 30.19
CA HIS B 923 27.67 47.60 30.09
C HIS B 923 26.80 46.50 30.61
N LYS B 924 26.41 46.61 31.87
CA LYS B 924 25.76 45.55 32.57
C LYS B 924 24.34 45.90 33.01
N VAL B 925 23.40 45.00 32.69
CA VAL B 925 22.03 45.09 33.24
C VAL B 925 21.69 43.73 33.84
N SER B 926 21.10 43.73 35.01
CA SER B 926 20.69 42.53 35.66
C SER B 926 19.19 42.64 35.92
N VAL B 927 18.48 41.54 35.65
CA VAL B 927 17.10 41.38 36.12
C VAL B 927 17.04 40.36 37.28
N HIS B 928 16.50 40.76 38.42
CA HIS B 928 16.41 39.96 39.64
C HIS B 928 14.95 39.62 39.88
N VAL B 929 14.61 38.33 39.85
CA VAL B 929 13.24 37.89 40.08
C VAL B 929 13.28 37.10 41.36
N LEU B 930 12.78 37.73 42.42
CA LEU B 930 12.72 37.15 43.75
C LEU B 930 11.68 36.04 43.84
N ALA B 931 12.00 35.03 44.63
CA ALA B 931 11.08 33.92 44.99
C ALA B 931 9.84 34.45 45.71
N ARG B 932 8.75 33.71 45.66
CA ARG B 932 7.53 34.12 46.30
C ARG B 932 7.74 34.62 47.77
N GLU B 933 8.58 33.92 48.55
CA GLU B 933 8.63 34.13 50.01
C GLU B 933 9.84 34.99 50.38
N MET B 934 10.67 35.29 49.38
CA MET B 934 11.91 36.00 49.57
C MET B 934 11.74 37.43 50.12
N SER B 936 10.86 42.30 50.87
CA SER B 936 11.64 42.40 49.64
C SER B 936 13.00 41.71 49.81
N CYS B 937 14.07 42.46 49.50
CA CYS B 937 15.43 41.93 49.48
C CYS B 937 16.44 43.01 49.05
N PRO B 938 17.64 43.08 49.73
CA PRO B 938 18.93 43.68 49.26
C PRO B 938 19.28 43.42 47.78
N VAL B 939 19.73 44.47 47.05
CA VAL B 939 20.08 44.38 45.58
C VAL B 939 21.59 44.13 45.26
N VAL B 940 22.45 44.69 46.14
CA VAL B 940 23.88 44.30 46.35
C VAL B 940 24.06 43.53 47.69
N GLY B 941 25.17 42.81 47.81
CA GLY B 941 25.41 41.94 48.97
C GLY B 941 26.73 42.14 49.68
N ASN B 950 35.37 29.27 51.69
CA ASN B 950 36.04 27.99 51.39
C ASN B 950 36.29 27.70 49.91
N LEU B 951 35.46 28.31 49.03
CA LEU B 951 35.74 28.39 47.57
C LEU B 951 35.74 29.83 46.92
N SER B 952 35.57 29.96 45.60
CA SER B 952 36.19 31.12 44.91
C SER B 952 35.71 32.54 45.33
N GLN B 953 36.62 33.50 45.17
CA GLN B 953 36.47 34.81 45.77
C GLN B 953 35.78 35.82 44.84
N ALA B 954 34.66 36.38 45.33
CA ALA B 954 33.90 37.34 44.54
C ALA B 954 34.51 38.74 44.64
N PRO B 955 34.52 39.49 43.51
CA PRO B 955 35.06 40.86 43.51
C PRO B 955 34.05 41.82 44.11
N ALA B 956 34.53 42.99 44.50
CA ALA B 956 33.68 44.03 45.05
C ALA B 956 33.00 44.70 43.85
N LEU B 957 31.70 44.94 43.99
CA LEU B 957 30.92 45.50 42.88
C LEU B 957 30.42 46.91 43.16
N PRO B 958 30.20 47.71 42.10
CA PRO B 958 29.63 49.00 42.39
C PRO B 958 28.15 48.95 42.88
N GLN B 959 27.68 50.11 43.31
CA GLN B 959 26.28 50.29 43.62
C GLN B 959 25.57 50.38 42.28
N PRO B 960 24.56 49.52 42.04
CA PRO B 960 23.82 49.57 40.75
C PRO B 960 22.84 50.70 40.84
N GLU B 961 22.45 51.22 39.67
CA GLU B 961 21.29 52.09 39.61
C GLU B 961 20.05 51.20 39.50
N VAL B 962 19.15 51.30 40.47
CA VAL B 962 17.93 50.53 40.47
C VAL B 962 16.87 51.19 39.54
N ILE B 963 16.46 50.47 38.50
CA ILE B 963 15.37 50.85 37.60
C ILE B 963 14.06 50.80 38.36
N GLN B 964 13.37 51.92 38.35
CA GLN B 964 12.09 52.02 39.02
C GLN B 964 10.98 51.94 38.03
N ASN B 965 11.26 52.34 36.79
CA ASN B 965 10.23 52.48 35.80
C ASN B 965 10.87 52.21 34.43
N MET B 966 10.36 51.24 33.68
CA MET B 966 11.01 50.90 32.41
C MET B 966 11.00 52.00 31.34
N THR B 967 9.90 52.73 31.26
CA THR B 967 9.77 53.85 30.35
C THR B 967 10.81 54.95 30.67
N GLU B 968 10.88 55.38 31.93
CA GLU B 968 11.92 56.34 32.34
C GLU B 968 13.33 55.87 31.99
N PHE B 969 13.57 54.59 32.24
CA PHE B 969 14.85 53.99 31.95
C PHE B 969 15.22 54.08 30.49
N LYS B 970 14.30 53.68 29.61
CA LYS B 970 14.57 53.73 28.19
C LYS B 970 14.74 55.18 27.69
N ARG B 971 13.84 56.06 28.14
CA ARG B 971 13.86 57.49 27.83
C ARG B 971 15.20 58.17 28.20
N GLY B 972 15.80 57.79 29.35
CA GLY B 972 17.06 58.32 29.83
C GLY B 972 18.29 57.81 29.10
N LEU B 973 18.13 56.89 28.16
CA LEU B 973 19.33 56.35 27.47
C LEU B 973 19.31 56.54 25.95
N PRO B 974 20.50 56.53 25.31
CA PRO B 974 20.44 56.56 23.85
C PRO B 974 19.94 55.21 23.25
N LEU B 975 19.74 55.16 21.92
CA LEU B 975 19.38 53.94 21.24
C LEU B 975 20.45 53.71 20.22
N PHE B 976 20.84 52.45 20.06
CA PHE B 976 21.80 52.06 19.01
C PHE B 976 21.28 52.40 17.61
N PRO B 977 22.17 52.49 16.60
CA PRO B 977 21.72 52.45 15.22
C PRO B 977 21.16 51.05 14.87
N LEU B 978 20.53 50.95 13.69
CA LEU B 978 20.16 49.68 13.12
C LEU B 978 21.34 49.16 12.28
N VAL B 979 21.51 47.83 12.23
CA VAL B 979 22.63 47.22 11.44
C VAL B 979 22.42 47.43 9.92
N LYS B 980 23.51 47.64 9.16
CA LYS B 980 23.46 47.79 7.71
C LYS B 980 23.36 46.39 7.02
N PRO B 981 22.52 46.26 5.95
CA PRO B 981 22.42 45.08 5.06
C PRO B 981 23.77 44.68 4.45
N HIS B 982 23.89 43.45 3.94
CA HIS B 982 25.19 42.98 3.44
C HIS B 982 25.51 43.50 2.01
N VAL C 1 -22.53 -31.37 -33.57
CA VAL C 1 -22.66 -30.92 -32.17
C VAL C 1 -23.76 -29.81 -32.02
N VAL C 2 -24.42 -29.77 -30.86
CA VAL C 2 -25.34 -28.65 -30.47
C VAL C 2 -24.55 -27.39 -30.17
N SER C 3 -25.02 -26.28 -30.73
CA SER C 3 -24.46 -24.97 -30.50
C SER C 3 -24.47 -24.66 -29.01
N HIS C 4 -23.33 -24.24 -28.48
CA HIS C 4 -23.14 -23.99 -27.06
C HIS C 4 -22.01 -22.92 -27.06
N PHE C 5 -20.99 -22.98 -26.18
CA PHE C 5 -20.95 -23.67 -24.86
C PHE C 5 -20.79 -22.60 -23.78
N VAL D 1 -7.12 16.64 17.92
CA VAL D 1 -5.83 16.08 17.44
C VAL D 1 -5.61 14.67 18.12
N VAL D 2 -4.80 13.81 17.50
CA VAL D 2 -4.39 12.50 18.09
C VAL D 2 -3.32 12.68 19.14
N SER D 3 -3.46 11.96 20.25
CA SER D 3 -2.44 11.98 21.33
C SER D 3 -1.00 11.67 20.83
N HIS D 4 -0.03 12.44 21.33
CA HIS D 4 1.45 12.21 21.30
C HIS D 4 2.07 10.86 21.90
N PHE D 5 1.22 9.84 22.12
CA PHE D 5 1.58 8.45 22.59
C PHE D 5 2.51 8.35 23.82
N ASP D 10 12.42 10.99 36.56
CA ASP D 10 11.95 11.80 35.43
C ASP D 10 12.27 13.26 35.66
N SER D 11 12.80 13.91 34.64
CA SER D 11 13.17 13.22 33.40
C SER D 11 14.60 13.50 32.94
N HIS D 12 14.97 14.77 32.67
CA HIS D 12 16.33 15.15 32.15
C HIS D 12 17.44 15.44 33.20
N THR D 13 18.67 15.67 32.68
CA THR D 13 19.84 16.25 33.43
C THR D 13 20.01 17.76 33.21
N GLN D 14 19.62 18.25 32.01
CA GLN D 14 19.82 19.67 31.58
C GLN D 14 18.60 20.31 30.89
#